data_4F5W
# 
_entry.id   4F5W 
# 
_audit_conform.dict_name       mmcif_pdbx.dic 
_audit_conform.dict_version    5.388 
_audit_conform.dict_location   http://mmcif.pdb.org/dictionaries/ascii/mmcif_pdbx.dic 
# 
loop_
_database_2.database_id 
_database_2.database_code 
_database_2.pdbx_database_accession 
_database_2.pdbx_DOI 
PDB   4F5W         pdb_00004f5w 10.2210/pdb4f5w/pdb 
RCSB  RCSB072494   ?            ?                   
WWPDB D_1000072494 ?            ?                   
# 
loop_
_pdbx_audit_revision_history.ordinal 
_pdbx_audit_revision_history.data_content_type 
_pdbx_audit_revision_history.major_revision 
_pdbx_audit_revision_history.minor_revision 
_pdbx_audit_revision_history.revision_date 
1 'Structure model' 1 0 2012-06-27 
2 'Structure model' 1 1 2013-09-04 
3 'Structure model' 1 2 2024-03-20 
# 
_pdbx_audit_revision_details.ordinal             1 
_pdbx_audit_revision_details.revision_ordinal    1 
_pdbx_audit_revision_details.data_content_type   'Structure model' 
_pdbx_audit_revision_details.provider            repository 
_pdbx_audit_revision_details.type                'Initial release' 
_pdbx_audit_revision_details.description         ? 
_pdbx_audit_revision_details.details             ? 
# 
loop_
_pdbx_audit_revision_group.ordinal 
_pdbx_audit_revision_group.revision_ordinal 
_pdbx_audit_revision_group.data_content_type 
_pdbx_audit_revision_group.group 
1 2 'Structure model' 'Database references'  
2 3 'Structure model' 'Data collection'      
3 3 'Structure model' 'Database references'  
4 3 'Structure model' 'Derived calculations' 
# 
loop_
_pdbx_audit_revision_category.ordinal 
_pdbx_audit_revision_category.revision_ordinal 
_pdbx_audit_revision_category.data_content_type 
_pdbx_audit_revision_category.category 
1 3 'Structure model' chem_comp_atom     
2 3 'Structure model' chem_comp_bond     
3 3 'Structure model' database_2         
4 3 'Structure model' struct_ref_seq_dif 
5 3 'Structure model' struct_site        
# 
loop_
_pdbx_audit_revision_item.ordinal 
_pdbx_audit_revision_item.revision_ordinal 
_pdbx_audit_revision_item.data_content_type 
_pdbx_audit_revision_item.item 
1 3 'Structure model' '_database_2.pdbx_DOI'                
2 3 'Structure model' '_database_2.pdbx_database_accession' 
3 3 'Structure model' '_struct_ref_seq_dif.details'         
4 3 'Structure model' '_struct_site.pdbx_auth_asym_id'      
5 3 'Structure model' '_struct_site.pdbx_auth_comp_id'      
6 3 'Structure model' '_struct_site.pdbx_auth_seq_id'       
# 
_pdbx_database_status.status_code                     REL 
_pdbx_database_status.entry_id                        4F5W 
_pdbx_database_status.recvd_initial_deposition_date   2012-05-13 
_pdbx_database_status.deposit_site                    RCSB 
_pdbx_database_status.process_site                    PDBJ 
_pdbx_database_status.methods_development_category    ? 
_pdbx_database_status.status_code_sf                  REL 
_pdbx_database_status.status_code_mr                  ? 
_pdbx_database_status.SG_entry                        ? 
_pdbx_database_status.status_code_cs                  ? 
_pdbx_database_status.pdb_format_compatible           Y 
_pdbx_database_status.status_code_nmr_data            ? 
# 
_pdbx_database_related.db_name        PDB 
_pdbx_database_related.db_id          4F5Y 
_pdbx_database_related.details        . 
_pdbx_database_related.content_type   unspecified 
# 
loop_
_audit_author.name 
_audit_author.pdbx_ordinal 
'Gu, L.'    1  
'Shang, G.' 2  
'Zhu, D.'   3  
'Li, N.'    4  
'Zhang, J.' 5  
'Zhu, C.'   6  
'Lu, D.'    7  
'Liu, C.'   8  
'Yu, Q.'    9  
'Zhao, Y.'  10 
'Xu, S.'    11 
# 
_citation.id                        primary 
_citation.title                     'Crystal structures of STING protein reveal basis for recognition of cyclic di-GMP' 
_citation.journal_abbrev            Nat.Struct.Mol.Biol. 
_citation.journal_volume            19 
_citation.page_first                725 
_citation.page_last                 727 
_citation.year                      2012 
_citation.journal_id_ASTM           ? 
_citation.country                   US 
_citation.journal_id_ISSN           1545-9993 
_citation.journal_id_CSD            ? 
_citation.book_publisher            ? 
_citation.pdbx_database_id_PubMed   22728660 
_citation.pdbx_database_id_DOI      10.1038/nsmb.2332 
# 
loop_
_citation_author.citation_id 
_citation_author.name 
_citation_author.ordinal 
_citation_author.identifier_ORCID 
primary 'Shang, G.' 1  ? 
primary 'Zhu, D.'   2  ? 
primary 'Li, N.'    3  ? 
primary 'Zhang, J.' 4  ? 
primary 'Zhu, C.'   5  ? 
primary 'Lu, D.'    6  ? 
primary 'Liu, C.'   7  ? 
primary 'Yu, Q.'    8  ? 
primary 'Zhao, Y.'  9  ? 
primary 'Xu, S.'    10 ? 
primary 'Gu, L.'    11 ? 
# 
loop_
_entity.id 
_entity.type 
_entity.src_method 
_entity.pdbx_description 
_entity.formula_weight 
_entity.pdbx_number_of_molecules 
_entity.pdbx_ec 
_entity.pdbx_mutation 
_entity.pdbx_fragment 
_entity.details 
1 polymer     man 'Transmembrane protein 173' 27239.615 1  ? ? 'UNP RESIDUES 149-379' ? 
2 non-polymer syn 'CALCIUM ION'               40.078    1  ? ? ?                      ? 
3 water       nat water                       18.015    37 ? ? ?                      ? 
# 
_entity_name_com.entity_id   1 
_entity_name_com.name        
;Endoplasmic reticulum interferon stimulator, ERIS, Mediator of IRF3 activation, hMITA, Stimulator of interferon genes protein, hSTING
;
# 
_entity_poly.entity_id                      1 
_entity_poly.type                           'polypeptide(L)' 
_entity_poly.nstd_linkage                   no 
_entity_poly.nstd_monomer                   no 
_entity_poly.pdbx_seq_one_letter_code       
;EKGNFNVAHGLAWSYYIGYLRLILPELQARIRTYNQHYNNLLRGAVSQRLYILLPLDCGVPDNLSMADPNIRFLDKLPQQ
TGDRAGIKDRVYSNSIYELLENGQRAGTCVLEYATPLQTLFAMSQYSQAGFSREDRLEQAKLFCRTLEDILADAPESQNN
CRLIAYQEPADDSSFSLSQEVLRHLRQEEKEEVTVGSLKTSAVPSTSTMSQEPELLISGMEKPLPLRTDFSLEHHHHHH
;
_entity_poly.pdbx_seq_one_letter_code_can   
;EKGNFNVAHGLAWSYYIGYLRLILPELQARIRTYNQHYNNLLRGAVSQRLYILLPLDCGVPDNLSMADPNIRFLDKLPQQ
TGDRAGIKDRVYSNSIYELLENGQRAGTCVLEYATPLQTLFAMSQYSQAGFSREDRLEQAKLFCRTLEDILADAPESQNN
CRLIAYQEPADDSSFSLSQEVLRHLRQEEKEEVTVGSLKTSAVPSTSTMSQEPELLISGMEKPLPLRTDFSLEHHHHHH
;
_entity_poly.pdbx_strand_id                 A 
_entity_poly.pdbx_target_identifier         ? 
# 
loop_
_pdbx_entity_nonpoly.entity_id 
_pdbx_entity_nonpoly.name 
_pdbx_entity_nonpoly.comp_id 
2 'CALCIUM ION' CA  
3 water         HOH 
# 
loop_
_entity_poly_seq.entity_id 
_entity_poly_seq.num 
_entity_poly_seq.mon_id 
_entity_poly_seq.hetero 
1 1   GLU n 
1 2   LYS n 
1 3   GLY n 
1 4   ASN n 
1 5   PHE n 
1 6   ASN n 
1 7   VAL n 
1 8   ALA n 
1 9   HIS n 
1 10  GLY n 
1 11  LEU n 
1 12  ALA n 
1 13  TRP n 
1 14  SER n 
1 15  TYR n 
1 16  TYR n 
1 17  ILE n 
1 18  GLY n 
1 19  TYR n 
1 20  LEU n 
1 21  ARG n 
1 22  LEU n 
1 23  ILE n 
1 24  LEU n 
1 25  PRO n 
1 26  GLU n 
1 27  LEU n 
1 28  GLN n 
1 29  ALA n 
1 30  ARG n 
1 31  ILE n 
1 32  ARG n 
1 33  THR n 
1 34  TYR n 
1 35  ASN n 
1 36  GLN n 
1 37  HIS n 
1 38  TYR n 
1 39  ASN n 
1 40  ASN n 
1 41  LEU n 
1 42  LEU n 
1 43  ARG n 
1 44  GLY n 
1 45  ALA n 
1 46  VAL n 
1 47  SER n 
1 48  GLN n 
1 49  ARG n 
1 50  LEU n 
1 51  TYR n 
1 52  ILE n 
1 53  LEU n 
1 54  LEU n 
1 55  PRO n 
1 56  LEU n 
1 57  ASP n 
1 58  CYS n 
1 59  GLY n 
1 60  VAL n 
1 61  PRO n 
1 62  ASP n 
1 63  ASN n 
1 64  LEU n 
1 65  SER n 
1 66  MET n 
1 67  ALA n 
1 68  ASP n 
1 69  PRO n 
1 70  ASN n 
1 71  ILE n 
1 72  ARG n 
1 73  PHE n 
1 74  LEU n 
1 75  ASP n 
1 76  LYS n 
1 77  LEU n 
1 78  PRO n 
1 79  GLN n 
1 80  GLN n 
1 81  THR n 
1 82  GLY n 
1 83  ASP n 
1 84  ARG n 
1 85  ALA n 
1 86  GLY n 
1 87  ILE n 
1 88  LYS n 
1 89  ASP n 
1 90  ARG n 
1 91  VAL n 
1 92  TYR n 
1 93  SER n 
1 94  ASN n 
1 95  SER n 
1 96  ILE n 
1 97  TYR n 
1 98  GLU n 
1 99  LEU n 
1 100 LEU n 
1 101 GLU n 
1 102 ASN n 
1 103 GLY n 
1 104 GLN n 
1 105 ARG n 
1 106 ALA n 
1 107 GLY n 
1 108 THR n 
1 109 CYS n 
1 110 VAL n 
1 111 LEU n 
1 112 GLU n 
1 113 TYR n 
1 114 ALA n 
1 115 THR n 
1 116 PRO n 
1 117 LEU n 
1 118 GLN n 
1 119 THR n 
1 120 LEU n 
1 121 PHE n 
1 122 ALA n 
1 123 MET n 
1 124 SER n 
1 125 GLN n 
1 126 TYR n 
1 127 SER n 
1 128 GLN n 
1 129 ALA n 
1 130 GLY n 
1 131 PHE n 
1 132 SER n 
1 133 ARG n 
1 134 GLU n 
1 135 ASP n 
1 136 ARG n 
1 137 LEU n 
1 138 GLU n 
1 139 GLN n 
1 140 ALA n 
1 141 LYS n 
1 142 LEU n 
1 143 PHE n 
1 144 CYS n 
1 145 ARG n 
1 146 THR n 
1 147 LEU n 
1 148 GLU n 
1 149 ASP n 
1 150 ILE n 
1 151 LEU n 
1 152 ALA n 
1 153 ASP n 
1 154 ALA n 
1 155 PRO n 
1 156 GLU n 
1 157 SER n 
1 158 GLN n 
1 159 ASN n 
1 160 ASN n 
1 161 CYS n 
1 162 ARG n 
1 163 LEU n 
1 164 ILE n 
1 165 ALA n 
1 166 TYR n 
1 167 GLN n 
1 168 GLU n 
1 169 PRO n 
1 170 ALA n 
1 171 ASP n 
1 172 ASP n 
1 173 SER n 
1 174 SER n 
1 175 PHE n 
1 176 SER n 
1 177 LEU n 
1 178 SER n 
1 179 GLN n 
1 180 GLU n 
1 181 VAL n 
1 182 LEU n 
1 183 ARG n 
1 184 HIS n 
1 185 LEU n 
1 186 ARG n 
1 187 GLN n 
1 188 GLU n 
1 189 GLU n 
1 190 LYS n 
1 191 GLU n 
1 192 GLU n 
1 193 VAL n 
1 194 THR n 
1 195 VAL n 
1 196 GLY n 
1 197 SER n 
1 198 LEU n 
1 199 LYS n 
1 200 THR n 
1 201 SER n 
1 202 ALA n 
1 203 VAL n 
1 204 PRO n 
1 205 SER n 
1 206 THR n 
1 207 SER n 
1 208 THR n 
1 209 MET n 
1 210 SER n 
1 211 GLN n 
1 212 GLU n 
1 213 PRO n 
1 214 GLU n 
1 215 LEU n 
1 216 LEU n 
1 217 ILE n 
1 218 SER n 
1 219 GLY n 
1 220 MET n 
1 221 GLU n 
1 222 LYS n 
1 223 PRO n 
1 224 LEU n 
1 225 PRO n 
1 226 LEU n 
1 227 ARG n 
1 228 THR n 
1 229 ASP n 
1 230 PHE n 
1 231 SER n 
1 232 LEU n 
1 233 GLU n 
1 234 HIS n 
1 235 HIS n 
1 236 HIS n 
1 237 HIS n 
1 238 HIS n 
1 239 HIS n 
# 
_entity_src_gen.entity_id                          1 
_entity_src_gen.pdbx_src_id                        1 
_entity_src_gen.pdbx_alt_source_flag               sample 
_entity_src_gen.pdbx_seq_type                      ? 
_entity_src_gen.pdbx_beg_seq_num                   ? 
_entity_src_gen.pdbx_end_seq_num                   ? 
_entity_src_gen.gene_src_common_name               human 
_entity_src_gen.gene_src_genus                     ? 
_entity_src_gen.pdbx_gene_src_gene                 'TMEM173, ERIS, MITA, STING' 
_entity_src_gen.gene_src_species                   ? 
_entity_src_gen.gene_src_strain                    ? 
_entity_src_gen.gene_src_tissue                    ? 
_entity_src_gen.gene_src_tissue_fraction           ? 
_entity_src_gen.gene_src_details                   ? 
_entity_src_gen.pdbx_gene_src_fragment             ? 
_entity_src_gen.pdbx_gene_src_scientific_name      'Homo sapiens' 
_entity_src_gen.pdbx_gene_src_ncbi_taxonomy_id     9606 
_entity_src_gen.pdbx_gene_src_variant              ? 
_entity_src_gen.pdbx_gene_src_cell_line            ? 
_entity_src_gen.pdbx_gene_src_atcc                 ? 
_entity_src_gen.pdbx_gene_src_organ                ? 
_entity_src_gen.pdbx_gene_src_organelle            ? 
_entity_src_gen.pdbx_gene_src_cell                 ? 
_entity_src_gen.pdbx_gene_src_cellular_location    ? 
_entity_src_gen.host_org_common_name               ? 
_entity_src_gen.pdbx_host_org_scientific_name      'Escherichia coli' 
_entity_src_gen.pdbx_host_org_ncbi_taxonomy_id     562 
_entity_src_gen.host_org_genus                     ? 
_entity_src_gen.pdbx_host_org_gene                 ? 
_entity_src_gen.pdbx_host_org_organ                ? 
_entity_src_gen.host_org_species                   ? 
_entity_src_gen.pdbx_host_org_tissue               ? 
_entity_src_gen.pdbx_host_org_tissue_fraction      ? 
_entity_src_gen.pdbx_host_org_strain               'BL21(DE3)' 
_entity_src_gen.pdbx_host_org_variant              ? 
_entity_src_gen.pdbx_host_org_cell_line            ? 
_entity_src_gen.pdbx_host_org_atcc                 ? 
_entity_src_gen.pdbx_host_org_culture_collection   ? 
_entity_src_gen.pdbx_host_org_cell                 ? 
_entity_src_gen.pdbx_host_org_organelle            ? 
_entity_src_gen.pdbx_host_org_cellular_location    ? 
_entity_src_gen.pdbx_host_org_vector_type          plasmid 
_entity_src_gen.pdbx_host_org_vector               ? 
_entity_src_gen.host_org_details                   ? 
_entity_src_gen.expression_system_id               ? 
_entity_src_gen.plasmid_name                       pET-30a 
_entity_src_gen.plasmid_details                    ? 
_entity_src_gen.pdbx_description                   ? 
# 
loop_
_chem_comp.id 
_chem_comp.type 
_chem_comp.mon_nstd_flag 
_chem_comp.name 
_chem_comp.pdbx_synonyms 
_chem_comp.formula 
_chem_comp.formula_weight 
ALA 'L-peptide linking' y ALANINE         ? 'C3 H7 N O2'     89.093  
ARG 'L-peptide linking' y ARGININE        ? 'C6 H15 N4 O2 1' 175.209 
ASN 'L-peptide linking' y ASPARAGINE      ? 'C4 H8 N2 O3'    132.118 
ASP 'L-peptide linking' y 'ASPARTIC ACID' ? 'C4 H7 N O4'     133.103 
CA  non-polymer         . 'CALCIUM ION'   ? 'Ca 2'           40.078  
CYS 'L-peptide linking' y CYSTEINE        ? 'C3 H7 N O2 S'   121.158 
GLN 'L-peptide linking' y GLUTAMINE       ? 'C5 H10 N2 O3'   146.144 
GLU 'L-peptide linking' y 'GLUTAMIC ACID' ? 'C5 H9 N O4'     147.129 
GLY 'peptide linking'   y GLYCINE         ? 'C2 H5 N O2'     75.067  
HIS 'L-peptide linking' y HISTIDINE       ? 'C6 H10 N3 O2 1' 156.162 
HOH non-polymer         . WATER           ? 'H2 O'           18.015  
ILE 'L-peptide linking' y ISOLEUCINE      ? 'C6 H13 N O2'    131.173 
LEU 'L-peptide linking' y LEUCINE         ? 'C6 H13 N O2'    131.173 
LYS 'L-peptide linking' y LYSINE          ? 'C6 H15 N2 O2 1' 147.195 
MET 'L-peptide linking' y METHIONINE      ? 'C5 H11 N O2 S'  149.211 
PHE 'L-peptide linking' y PHENYLALANINE   ? 'C9 H11 N O2'    165.189 
PRO 'L-peptide linking' y PROLINE         ? 'C5 H9 N O2'     115.130 
SER 'L-peptide linking' y SERINE          ? 'C3 H7 N O3'     105.093 
THR 'L-peptide linking' y THREONINE       ? 'C4 H9 N O3'     119.119 
TRP 'L-peptide linking' y TRYPTOPHAN      ? 'C11 H12 N2 O2'  204.225 
TYR 'L-peptide linking' y TYROSINE        ? 'C9 H11 N O3'    181.189 
VAL 'L-peptide linking' y VALINE          ? 'C5 H11 N O2'    117.146 
# 
loop_
_pdbx_poly_seq_scheme.asym_id 
_pdbx_poly_seq_scheme.entity_id 
_pdbx_poly_seq_scheme.seq_id 
_pdbx_poly_seq_scheme.mon_id 
_pdbx_poly_seq_scheme.ndb_seq_num 
_pdbx_poly_seq_scheme.pdb_seq_num 
_pdbx_poly_seq_scheme.auth_seq_num 
_pdbx_poly_seq_scheme.pdb_mon_id 
_pdbx_poly_seq_scheme.auth_mon_id 
_pdbx_poly_seq_scheme.pdb_strand_id 
_pdbx_poly_seq_scheme.pdb_ins_code 
_pdbx_poly_seq_scheme.hetero 
A 1 1   GLU 1   149 ?   ?   ?   A . n 
A 1 2   LYS 2   150 ?   ?   ?   A . n 
A 1 3   GLY 3   151 151 GLY GLY A . n 
A 1 4   ASN 4   152 152 ASN ASN A . n 
A 1 5   PHE 5   153 153 PHE PHE A . n 
A 1 6   ASN 6   154 154 ASN ASN A . n 
A 1 7   VAL 7   155 155 VAL VAL A . n 
A 1 8   ALA 8   156 156 ALA ALA A . n 
A 1 9   HIS 9   157 157 HIS HIS A . n 
A 1 10  GLY 10  158 158 GLY GLY A . n 
A 1 11  LEU 11  159 159 LEU LEU A . n 
A 1 12  ALA 12  160 160 ALA ALA A . n 
A 1 13  TRP 13  161 161 TRP TRP A . n 
A 1 14  SER 14  162 162 SER SER A . n 
A 1 15  TYR 15  163 163 TYR TYR A . n 
A 1 16  TYR 16  164 164 TYR TYR A . n 
A 1 17  ILE 17  165 165 ILE ILE A . n 
A 1 18  GLY 18  166 166 GLY GLY A . n 
A 1 19  TYR 19  167 167 TYR TYR A . n 
A 1 20  LEU 20  168 168 LEU LEU A . n 
A 1 21  ARG 21  169 169 ARG ARG A . n 
A 1 22  LEU 22  170 170 LEU LEU A . n 
A 1 23  ILE 23  171 171 ILE ILE A . n 
A 1 24  LEU 24  172 172 LEU LEU A . n 
A 1 25  PRO 25  173 173 PRO PRO A . n 
A 1 26  GLU 26  174 174 GLU GLU A . n 
A 1 27  LEU 27  175 175 LEU LEU A . n 
A 1 28  GLN 28  176 176 GLN GLN A . n 
A 1 29  ALA 29  177 177 ALA ALA A . n 
A 1 30  ARG 30  178 178 ARG ARG A . n 
A 1 31  ILE 31  179 179 ILE ILE A . n 
A 1 32  ARG 32  180 180 ARG ARG A . n 
A 1 33  THR 33  181 181 THR THR A . n 
A 1 34  TYR 34  182 182 TYR TYR A . n 
A 1 35  ASN 35  183 183 ASN ASN A . n 
A 1 36  GLN 36  184 184 GLN GLN A . n 
A 1 37  HIS 37  185 185 HIS HIS A . n 
A 1 38  TYR 38  186 186 TYR TYR A . n 
A 1 39  ASN 39  187 187 ASN ASN A . n 
A 1 40  ASN 40  188 188 ASN ASN A . n 
A 1 41  LEU 41  189 189 LEU LEU A . n 
A 1 42  LEU 42  190 190 LEU LEU A . n 
A 1 43  ARG 43  191 191 ARG ARG A . n 
A 1 44  GLY 44  192 192 GLY GLY A . n 
A 1 45  ALA 45  193 193 ALA ALA A . n 
A 1 46  VAL 46  194 194 VAL VAL A . n 
A 1 47  SER 47  195 195 SER SER A . n 
A 1 48  GLN 48  196 196 GLN GLN A . n 
A 1 49  ARG 49  197 197 ARG ARG A . n 
A 1 50  LEU 50  198 198 LEU LEU A . n 
A 1 51  TYR 51  199 199 TYR TYR A . n 
A 1 52  ILE 52  200 200 ILE ILE A . n 
A 1 53  LEU 53  201 201 LEU LEU A . n 
A 1 54  LEU 54  202 202 LEU LEU A . n 
A 1 55  PRO 55  203 203 PRO PRO A . n 
A 1 56  LEU 56  204 204 LEU LEU A . n 
A 1 57  ASP 57  205 205 ASP ASP A . n 
A 1 58  CYS 58  206 206 CYS CYS A . n 
A 1 59  GLY 59  207 207 GLY GLY A . n 
A 1 60  VAL 60  208 208 VAL VAL A . n 
A 1 61  PRO 61  209 209 PRO PRO A . n 
A 1 62  ASP 62  210 210 ASP ASP A . n 
A 1 63  ASN 63  211 211 ASN ASN A . n 
A 1 64  LEU 64  212 212 LEU LEU A . n 
A 1 65  SER 65  213 213 SER SER A . n 
A 1 66  MET 66  214 214 MET MET A . n 
A 1 67  ALA 67  215 215 ALA ALA A . n 
A 1 68  ASP 68  216 216 ASP ASP A . n 
A 1 69  PRO 69  217 217 PRO PRO A . n 
A 1 70  ASN 70  218 218 ASN ASN A . n 
A 1 71  ILE 71  219 219 ILE ILE A . n 
A 1 72  ARG 72  220 220 ARG ARG A . n 
A 1 73  PHE 73  221 221 PHE PHE A . n 
A 1 74  LEU 74  222 222 LEU LEU A . n 
A 1 75  ASP 75  223 223 ASP ASP A . n 
A 1 76  LYS 76  224 224 LYS LYS A . n 
A 1 77  LEU 77  225 225 LEU LEU A . n 
A 1 78  PRO 78  226 226 PRO PRO A . n 
A 1 79  GLN 79  227 227 GLN GLN A . n 
A 1 80  GLN 80  228 228 GLN GLN A . n 
A 1 81  THR 81  229 229 THR THR A . n 
A 1 82  GLY 82  230 230 GLY GLY A . n 
A 1 83  ASP 83  231 231 ASP ASP A . n 
A 1 84  ARG 84  232 232 ARG ARG A . n 
A 1 85  ALA 85  233 233 ALA ALA A . n 
A 1 86  GLY 86  234 234 GLY GLY A . n 
A 1 87  ILE 87  235 235 ILE ILE A . n 
A 1 88  LYS 88  236 236 LYS LYS A . n 
A 1 89  ASP 89  237 237 ASP ASP A . n 
A 1 90  ARG 90  238 238 ARG ARG A . n 
A 1 91  VAL 91  239 239 VAL VAL A . n 
A 1 92  TYR 92  240 240 TYR TYR A . n 
A 1 93  SER 93  241 241 SER SER A . n 
A 1 94  ASN 94  242 242 ASN ASN A . n 
A 1 95  SER 95  243 243 SER SER A . n 
A 1 96  ILE 96  244 244 ILE ILE A . n 
A 1 97  TYR 97  245 245 TYR TYR A . n 
A 1 98  GLU 98  246 246 GLU GLU A . n 
A 1 99  LEU 99  247 247 LEU LEU A . n 
A 1 100 LEU 100 248 248 LEU LEU A . n 
A 1 101 GLU 101 249 249 GLU GLU A . n 
A 1 102 ASN 102 250 250 ASN ASN A . n 
A 1 103 GLY 103 251 251 GLY GLY A . n 
A 1 104 GLN 104 252 252 GLN GLN A . n 
A 1 105 ARG 105 253 253 ARG ARG A . n 
A 1 106 ALA 106 254 254 ALA ALA A . n 
A 1 107 GLY 107 255 255 GLY GLY A . n 
A 1 108 THR 108 256 256 THR THR A . n 
A 1 109 CYS 109 257 257 CYS CYS A . n 
A 1 110 VAL 110 258 258 VAL VAL A . n 
A 1 111 LEU 111 259 259 LEU LEU A . n 
A 1 112 GLU 112 260 260 GLU GLU A . n 
A 1 113 TYR 113 261 261 TYR TYR A . n 
A 1 114 ALA 114 262 262 ALA ALA A . n 
A 1 115 THR 115 263 263 THR THR A . n 
A 1 116 PRO 116 264 264 PRO PRO A . n 
A 1 117 LEU 117 265 265 LEU LEU A . n 
A 1 118 GLN 118 266 266 GLN GLN A . n 
A 1 119 THR 119 267 267 THR THR A . n 
A 1 120 LEU 120 268 268 LEU LEU A . n 
A 1 121 PHE 121 269 269 PHE PHE A . n 
A 1 122 ALA 122 270 270 ALA ALA A . n 
A 1 123 MET 123 271 271 MET MET A . n 
A 1 124 SER 124 272 272 SER SER A . n 
A 1 125 GLN 125 273 273 GLN GLN A . n 
A 1 126 TYR 126 274 274 TYR TYR A . n 
A 1 127 SER 127 275 275 SER SER A . n 
A 1 128 GLN 128 276 276 GLN GLN A . n 
A 1 129 ALA 129 277 277 ALA ALA A . n 
A 1 130 GLY 130 278 278 GLY GLY A . n 
A 1 131 PHE 131 279 279 PHE PHE A . n 
A 1 132 SER 132 280 280 SER SER A . n 
A 1 133 ARG 133 281 281 ARG ARG A . n 
A 1 134 GLU 134 282 282 GLU GLU A . n 
A 1 135 ASP 135 283 283 ASP ASP A . n 
A 1 136 ARG 136 284 284 ARG ARG A . n 
A 1 137 LEU 137 285 285 LEU LEU A . n 
A 1 138 GLU 138 286 286 GLU GLU A . n 
A 1 139 GLN 139 287 287 GLN GLN A . n 
A 1 140 ALA 140 288 288 ALA ALA A . n 
A 1 141 LYS 141 289 289 LYS LYS A . n 
A 1 142 LEU 142 290 290 LEU LEU A . n 
A 1 143 PHE 143 291 291 PHE PHE A . n 
A 1 144 CYS 144 292 292 CYS CYS A . n 
A 1 145 ARG 145 293 293 ARG ARG A . n 
A 1 146 THR 146 294 294 THR THR A . n 
A 1 147 LEU 147 295 295 LEU LEU A . n 
A 1 148 GLU 148 296 296 GLU GLU A . n 
A 1 149 ASP 149 297 297 ASP ASP A . n 
A 1 150 ILE 150 298 298 ILE ILE A . n 
A 1 151 LEU 151 299 299 LEU LEU A . n 
A 1 152 ALA 152 300 300 ALA ALA A . n 
A 1 153 ASP 153 301 301 ASP ASP A . n 
A 1 154 ALA 154 302 302 ALA ALA A . n 
A 1 155 PRO 155 303 303 PRO PRO A . n 
A 1 156 GLU 156 304 304 GLU GLU A . n 
A 1 157 SER 157 305 305 SER SER A . n 
A 1 158 GLN 158 306 306 GLN GLN A . n 
A 1 159 ASN 159 307 307 ASN ASN A . n 
A 1 160 ASN 160 308 308 ASN ASN A . n 
A 1 161 CYS 161 309 309 CYS CYS A . n 
A 1 162 ARG 162 310 310 ARG ARG A . n 
A 1 163 LEU 163 311 311 LEU LEU A . n 
A 1 164 ILE 164 312 312 ILE ILE A . n 
A 1 165 ALA 165 313 313 ALA ALA A . n 
A 1 166 TYR 166 314 314 TYR TYR A . n 
A 1 167 GLN 167 315 315 GLN GLN A . n 
A 1 168 GLU 168 316 316 GLU GLU A . n 
A 1 169 PRO 169 317 317 PRO PRO A . n 
A 1 170 ALA 170 318 318 ALA ALA A . n 
A 1 171 ASP 171 319 319 ASP ASP A . n 
A 1 172 ASP 172 320 320 ASP ASP A . n 
A 1 173 SER 173 321 321 SER SER A . n 
A 1 174 SER 174 322 322 SER SER A . n 
A 1 175 PHE 175 323 323 PHE PHE A . n 
A 1 176 SER 176 324 324 SER SER A . n 
A 1 177 LEU 177 325 325 LEU LEU A . n 
A 1 178 SER 178 326 326 SER SER A . n 
A 1 179 GLN 179 327 327 GLN GLN A . n 
A 1 180 GLU 180 328 328 GLU GLU A . n 
A 1 181 VAL 181 329 329 VAL VAL A . n 
A 1 182 LEU 182 330 330 LEU LEU A . n 
A 1 183 ARG 183 331 331 ARG ARG A . n 
A 1 184 HIS 184 332 332 HIS HIS A . n 
A 1 185 LEU 185 333 333 LEU LEU A . n 
A 1 186 ARG 186 334 334 ARG ARG A . n 
A 1 187 GLN 187 335 335 GLN GLN A . n 
A 1 188 GLU 188 336 336 GLU GLU A . n 
A 1 189 GLU 189 337 337 GLU GLU A . n 
A 1 190 LYS 190 338 338 LYS LYS A . n 
A 1 191 GLU 191 339 339 GLU GLU A . n 
A 1 192 GLU 192 340 340 GLU GLU A . n 
A 1 193 VAL 193 341 341 VAL VAL A . n 
A 1 194 THR 194 342 342 THR THR A . n 
A 1 195 VAL 195 343 343 VAL VAL A . n 
A 1 196 GLY 196 344 ?   ?   ?   A . n 
A 1 197 SER 197 345 ?   ?   ?   A . n 
A 1 198 LEU 198 346 ?   ?   ?   A . n 
A 1 199 LYS 199 347 ?   ?   ?   A . n 
A 1 200 THR 200 348 ?   ?   ?   A . n 
A 1 201 SER 201 349 ?   ?   ?   A . n 
A 1 202 ALA 202 350 ?   ?   ?   A . n 
A 1 203 VAL 203 351 ?   ?   ?   A . n 
A 1 204 PRO 204 352 ?   ?   ?   A . n 
A 1 205 SER 205 353 ?   ?   ?   A . n 
A 1 206 THR 206 354 ?   ?   ?   A . n 
A 1 207 SER 207 355 ?   ?   ?   A . n 
A 1 208 THR 208 356 ?   ?   ?   A . n 
A 1 209 MET 209 357 ?   ?   ?   A . n 
A 1 210 SER 210 358 ?   ?   ?   A . n 
A 1 211 GLN 211 359 ?   ?   ?   A . n 
A 1 212 GLU 212 360 ?   ?   ?   A . n 
A 1 213 PRO 213 361 ?   ?   ?   A . n 
A 1 214 GLU 214 362 ?   ?   ?   A . n 
A 1 215 LEU 215 363 ?   ?   ?   A . n 
A 1 216 LEU 216 364 ?   ?   ?   A . n 
A 1 217 ILE 217 365 ?   ?   ?   A . n 
A 1 218 SER 218 366 ?   ?   ?   A . n 
A 1 219 GLY 219 367 ?   ?   ?   A . n 
A 1 220 MET 220 368 ?   ?   ?   A . n 
A 1 221 GLU 221 369 ?   ?   ?   A . n 
A 1 222 LYS 222 370 ?   ?   ?   A . n 
A 1 223 PRO 223 371 ?   ?   ?   A . n 
A 1 224 LEU 224 372 ?   ?   ?   A . n 
A 1 225 PRO 225 373 ?   ?   ?   A . n 
A 1 226 LEU 226 374 ?   ?   ?   A . n 
A 1 227 ARG 227 375 ?   ?   ?   A . n 
A 1 228 THR 228 376 ?   ?   ?   A . n 
A 1 229 ASP 229 377 ?   ?   ?   A . n 
A 1 230 PHE 230 378 ?   ?   ?   A . n 
A 1 231 SER 231 379 ?   ?   ?   A . n 
A 1 232 LEU 232 380 ?   ?   ?   A . n 
A 1 233 GLU 233 381 ?   ?   ?   A . n 
A 1 234 HIS 234 382 ?   ?   ?   A . n 
A 1 235 HIS 235 383 ?   ?   ?   A . n 
A 1 236 HIS 236 384 ?   ?   ?   A . n 
A 1 237 HIS 237 385 ?   ?   ?   A . n 
A 1 238 HIS 238 386 ?   ?   ?   A . n 
A 1 239 HIS 239 387 ?   ?   ?   A . n 
# 
loop_
_pdbx_nonpoly_scheme.asym_id 
_pdbx_nonpoly_scheme.entity_id 
_pdbx_nonpoly_scheme.mon_id 
_pdbx_nonpoly_scheme.ndb_seq_num 
_pdbx_nonpoly_scheme.pdb_seq_num 
_pdbx_nonpoly_scheme.auth_seq_num 
_pdbx_nonpoly_scheme.pdb_mon_id 
_pdbx_nonpoly_scheme.auth_mon_id 
_pdbx_nonpoly_scheme.pdb_strand_id 
_pdbx_nonpoly_scheme.pdb_ins_code 
B 2 CA  1  401 1  CA  CA  A . 
C 3 HOH 1  501 1  HOH HOH A . 
C 3 HOH 2  502 2  HOH HOH A . 
C 3 HOH 3  503 3  HOH HOH A . 
C 3 HOH 4  504 4  HOH HOH A . 
C 3 HOH 5  505 5  HOH HOH A . 
C 3 HOH 6  506 6  HOH HOH A . 
C 3 HOH 7  507 7  HOH HOH A . 
C 3 HOH 8  508 8  HOH HOH A . 
C 3 HOH 9  509 9  HOH HOH A . 
C 3 HOH 10 510 10 HOH HOH A . 
C 3 HOH 11 511 11 HOH HOH A . 
C 3 HOH 12 512 12 HOH HOH A . 
C 3 HOH 13 513 13 HOH HOH A . 
C 3 HOH 14 514 14 HOH HOH A . 
C 3 HOH 15 515 15 HOH HOH A . 
C 3 HOH 16 516 16 HOH HOH A . 
C 3 HOH 17 517 17 HOH HOH A . 
C 3 HOH 18 518 18 HOH HOH A . 
C 3 HOH 19 519 19 HOH HOH A . 
C 3 HOH 20 520 20 HOH HOH A . 
C 3 HOH 21 521 21 HOH HOH A . 
C 3 HOH 22 522 22 HOH HOH A . 
C 3 HOH 23 523 23 HOH HOH A . 
C 3 HOH 24 524 24 HOH HOH A . 
C 3 HOH 25 525 25 HOH HOH A . 
C 3 HOH 26 526 26 HOH HOH A . 
C 3 HOH 27 527 27 HOH HOH A . 
C 3 HOH 28 528 28 HOH HOH A . 
C 3 HOH 29 529 29 HOH HOH A . 
C 3 HOH 30 530 30 HOH HOH A . 
C 3 HOH 31 531 31 HOH HOH A . 
C 3 HOH 32 532 32 HOH HOH A . 
C 3 HOH 33 533 33 HOH HOH A . 
C 3 HOH 34 534 34 HOH HOH A . 
C 3 HOH 35 535 35 HOH HOH A . 
C 3 HOH 36 536 36 HOH HOH A . 
C 3 HOH 37 537 37 HOH HOH A . 
# 
loop_
_software.name 
_software.classification 
_software.version 
_software.citation_id 
_software.pdbx_ordinal 
HKL-2000 'data collection' .                            ? 1 
SOLVE    phasing           .                            ? 2 
PHENIX   refinement        '(phenix.refine: 1.7.2_869)' ? 3 
HKL-2000 'data reduction'  .                            ? 4 
HKL-2000 'data scaling'    .                            ? 5 
# 
_cell.entry_id           4F5W 
_cell.length_a           81.099 
_cell.length_b           91.028 
_cell.length_c           73.395 
_cell.angle_alpha        90.00 
_cell.angle_beta         90.00 
_cell.angle_gamma        90.00 
_cell.Z_PDB              8 
_cell.pdbx_unique_axis   ? 
_cell.length_a_esd       ? 
_cell.length_b_esd       ? 
_cell.length_c_esd       ? 
_cell.angle_alpha_esd    ? 
_cell.angle_beta_esd     ? 
_cell.angle_gamma_esd    ? 
# 
_symmetry.entry_id                         4F5W 
_symmetry.space_group_name_H-M             'C 2 2 21' 
_symmetry.pdbx_full_space_group_name_H-M   ? 
_symmetry.cell_setting                     ? 
_symmetry.Int_Tables_number                20 
_symmetry.space_group_name_Hall            ? 
# 
_exptl.entry_id          4F5W 
_exptl.method            'X-RAY DIFFRACTION' 
_exptl.crystals_number   1 
# 
_exptl_crystal.id                    1 
_exptl_crystal.density_meas          ? 
_exptl_crystal.density_Matthews      2.49 
_exptl_crystal.density_percent_sol   50.53 
_exptl_crystal.description           ? 
_exptl_crystal.F_000                 ? 
_exptl_crystal.preparation           ? 
# 
_exptl_crystal_grow.crystal_id      1 
_exptl_crystal_grow.method          'VAPOR DIFFUSION, HANGING DROP' 
_exptl_crystal_grow.temp            293 
_exptl_crystal_grow.temp_details    ? 
_exptl_crystal_grow.pH              6.5 
_exptl_crystal_grow.pdbx_details    
'0.08M Sodium cacodylate pH 6.5, 0.16M Calcium acetate, 15% PEG 8000, 20% glycerol, VAPOR DIFFUSION, HANGING DROP, temperature 293K' 
_exptl_crystal_grow.pdbx_pH_range   ? 
# 
_diffrn.id                     1 
_diffrn.ambient_temp           100 
_diffrn.ambient_temp_details   ? 
_diffrn.crystal_id             1 
# 
_diffrn_detector.diffrn_id              1 
_diffrn_detector.detector               CCD 
_diffrn_detector.type                   'ADSC QUANTUM 315r' 
_diffrn_detector.pdbx_collection_date   2011-11-25 
_diffrn_detector.details                ? 
# 
_diffrn_radiation.diffrn_id                        1 
_diffrn_radiation.wavelength_id                    1 
_diffrn_radiation.pdbx_monochromatic_or_laue_m_l   M 
_diffrn_radiation.monochromator                    'SAGITTALLY FOCUSED Si(III)' 
_diffrn_radiation.pdbx_diffrn_protocol             'SINGLE WAVELENGTH' 
_diffrn_radiation.pdbx_scattering_type             x-ray 
# 
_diffrn_radiation_wavelength.id           1 
_diffrn_radiation_wavelength.wavelength   0.97946 
_diffrn_radiation_wavelength.wt           1.0 
# 
_diffrn_source.diffrn_id                   1 
_diffrn_source.source                      SYNCHROTRON 
_diffrn_source.type                        'SSRF BEAMLINE BL17U' 
_diffrn_source.pdbx_synchrotron_site       SSRF 
_diffrn_source.pdbx_synchrotron_beamline   BL17U 
_diffrn_source.pdbx_wavelength             ? 
_diffrn_source.pdbx_wavelength_list        0.97946 
# 
_reflns.entry_id                     4F5W 
_reflns.observed_criterion_sigma_I   0 
_reflns.observed_criterion_sigma_F   0 
_reflns.d_resolution_low             50.0 
_reflns.d_resolution_high            2.20 
_reflns.number_obs                   14048 
_reflns.number_all                   14048 
_reflns.percent_possible_obs         99.7 
_reflns.pdbx_Rmerge_I_obs            0.071 
_reflns.pdbx_Rsym_value              0.071 
_reflns.pdbx_netI_over_sigmaI        ? 
_reflns.B_iso_Wilson_estimate        ? 
_reflns.pdbx_redundancy              7.0 
_reflns.R_free_details               ? 
_reflns.limit_h_max                  ? 
_reflns.limit_h_min                  ? 
_reflns.limit_k_max                  ? 
_reflns.limit_k_min                  ? 
_reflns.limit_l_max                  ? 
_reflns.limit_l_min                  ? 
_reflns.observed_criterion_F_max     ? 
_reflns.observed_criterion_F_min     ? 
_reflns.pdbx_chi_squared             ? 
_reflns.pdbx_scaling_rejects         ? 
_reflns.pdbx_ordinal                 1 
_reflns.pdbx_diffrn_id               1 
# 
loop_
_reflns_shell.d_res_high 
_reflns_shell.d_res_low 
_reflns_shell.percent_possible_all 
_reflns_shell.Rmerge_I_obs 
_reflns_shell.pdbx_Rsym_value 
_reflns_shell.meanI_over_sigI_obs 
_reflns_shell.pdbx_redundancy 
_reflns_shell.percent_possible_obs 
_reflns_shell.number_unique_all 
_reflns_shell.number_measured_all 
_reflns_shell.number_measured_obs 
_reflns_shell.number_unique_obs 
_reflns_shell.pdbx_chi_squared 
_reflns_shell.pdbx_rejects 
_reflns_shell.pdbx_netI_over_sigmaI_obs 
_reflns_shell.number_possible 
_reflns_shell.Rmerge_F_all 
_reflns_shell.Rmerge_F_obs 
_reflns_shell.Rmerge_I_all 
_reflns_shell.meanI_over_sigI_all 
_reflns_shell.pdbx_Rrim_I_all 
_reflns_shell.pdbx_Rpim_I_all 
_reflns_shell.pdbx_ordinal 
_reflns_shell.pdbx_diffrn_id 
2.2  2.28 100  0.421 0.421 5.82  7.3 ? 1397 ? ? ? ? ? ? ? ? ? ? ? ? ? 1 1 
4.74 50   97.5 0.049 0.049 29.11 6.3 ? 1469 ? ? ? ? ? ? ? ? ? ? ? ? ? 2 1 
# 
_refine.entry_id                                 4F5W 
_refine.ls_number_reflns_obs                     14027 
_refine.ls_number_reflns_all                     14027 
_refine.pdbx_ls_sigma_I                          ? 
_refine.pdbx_ls_sigma_F                          1.35 
_refine.pdbx_data_cutoff_high_absF               ? 
_refine.pdbx_data_cutoff_low_absF                ? 
_refine.pdbx_data_cutoff_high_rms_absF           ? 
_refine.ls_d_res_low                             45.514 
_refine.ls_d_res_high                            2.201 
_refine.ls_percent_reflns_obs                    99.38 
_refine.ls_R_factor_obs                          0.2376 
_refine.ls_R_factor_all                          0.2376 
_refine.ls_R_factor_R_work                       0.2355 
_refine.ls_R_factor_R_free                       0.2748 
_refine.ls_R_factor_R_free_error                 ? 
_refine.ls_R_factor_R_free_error_details         ? 
_refine.ls_percent_reflns_R_free                 5.03 
_refine.ls_number_reflns_R_free                  706 
_refine.ls_number_parameters                     ? 
_refine.ls_number_restraints                     ? 
_refine.occupancy_min                            ? 
_refine.occupancy_max                            ? 
_refine.correlation_coeff_Fo_to_Fc               ? 
_refine.correlation_coeff_Fo_to_Fc_free          ? 
_refine.B_iso_mean                               ? 
_refine.aniso_B[1][1]                            -9.2027 
_refine.aniso_B[2][2]                            23.5190 
_refine.aniso_B[3][3]                            -14.3163 
_refine.aniso_B[1][2]                            0.0000 
_refine.aniso_B[1][3]                            -0.0000 
_refine.aniso_B[2][3]                            0.0000 
_refine.solvent_model_details                    'FLAT BULK SOLVENT MODEL' 
_refine.solvent_model_param_ksol                 0.359 
_refine.solvent_model_param_bsol                 48.627 
_refine.pdbx_solvent_vdw_probe_radii             1.11 
_refine.pdbx_solvent_ion_probe_radii             ? 
_refine.pdbx_solvent_shrinkage_radii             0.90 
_refine.pdbx_ls_cross_valid_method               ? 
_refine.details                                  ? 
_refine.pdbx_starting_model                      ? 
_refine.pdbx_method_to_determine_struct          SAD 
_refine.pdbx_isotropic_thermal_model             ? 
_refine.pdbx_stereochemistry_target_values       ML 
_refine.pdbx_stereochem_target_val_spec_case     ? 
_refine.pdbx_R_Free_selection_details            RANDOM 
_refine.pdbx_overall_ESU_R                       ? 
_refine.pdbx_overall_ESU_R_Free                  ? 
_refine.overall_SU_ML                            0.43 
_refine.pdbx_overall_phase_error                 30.27 
_refine.overall_SU_B                             ? 
_refine.overall_SU_R_Cruickshank_DPI             ? 
_refine.ls_redundancy_reflns_obs                 ? 
_refine.B_iso_min                                ? 
_refine.B_iso_max                                ? 
_refine.overall_SU_R_free                        ? 
_refine.ls_wR_factor_R_free                      ? 
_refine.ls_wR_factor_R_work                      ? 
_refine.overall_FOM_free_R_set                   ? 
_refine.overall_FOM_work_R_set                   ? 
_refine.pdbx_diffrn_id                           1 
_refine.pdbx_refine_id                           'X-RAY DIFFRACTION' 
_refine.pdbx_TLS_residual_ADP_flag               ? 
_refine.pdbx_overall_SU_R_free_Cruickshank_DPI   ? 
_refine.pdbx_overall_SU_R_Blow_DPI               ? 
_refine.pdbx_overall_SU_R_free_Blow_DPI          ? 
# 
_refine_hist.pdbx_refine_id                   'X-RAY DIFFRACTION' 
_refine_hist.cycle_id                         LAST 
_refine_hist.pdbx_number_atoms_protein        1553 
_refine_hist.pdbx_number_atoms_nucleic_acid   0 
_refine_hist.pdbx_number_atoms_ligand         1 
_refine_hist.number_atoms_solvent             37 
_refine_hist.number_atoms_total               1591 
_refine_hist.d_res_high                       2.201 
_refine_hist.d_res_low                        45.514 
# 
loop_
_refine_ls_restr.type 
_refine_ls_restr.dev_ideal 
_refine_ls_restr.dev_ideal_target 
_refine_ls_restr.weight 
_refine_ls_restr.number 
_refine_ls_restr.pdbx_restraint_function 
_refine_ls_restr.pdbx_refine_id 
f_bond_d           0.008  ? ? 1582 ? 'X-RAY DIFFRACTION' 
f_angle_d          1.241  ? ? 2144 ? 'X-RAY DIFFRACTION' 
f_dihedral_angle_d 18.137 ? ? 598  ? 'X-RAY DIFFRACTION' 
f_chiral_restr     0.086  ? ? 234  ? 'X-RAY DIFFRACTION' 
f_plane_restr      0.005  ? ? 286  ? 'X-RAY DIFFRACTION' 
# 
loop_
_refine_ls_shell.pdbx_refine_id 
_refine_ls_shell.pdbx_total_number_of_bins_used 
_refine_ls_shell.d_res_high 
_refine_ls_shell.d_res_low 
_refine_ls_shell.number_reflns_R_work 
_refine_ls_shell.R_factor_R_work 
_refine_ls_shell.percent_reflns_obs 
_refine_ls_shell.R_factor_R_free 
_refine_ls_shell.R_factor_R_free_error 
_refine_ls_shell.percent_reflns_R_free 
_refine_ls_shell.number_reflns_R_free 
_refine_ls_shell.number_reflns_all 
_refine_ls_shell.R_factor_all 
_refine_ls_shell.number_reflns_obs 
_refine_ls_shell.redundancy_reflns_obs 
'X-RAY DIFFRACTION' 5 2.2014 2.3713  2611 0.2688 99.00  0.2901 . . 131 . . . . 
'X-RAY DIFFRACTION' 5 2.3713 2.6099  2636 0.2593 100.00 0.3180 . . 140 . . . . 
'X-RAY DIFFRACTION' 5 2.6099 2.9875  2649 0.2667 100.00 0.2961 . . 134 . . . . 
'X-RAY DIFFRACTION' 5 2.9875 3.7637  2675 0.2406 100.00 0.2919 . . 152 . . . . 
'X-RAY DIFFRACTION' 5 3.7637 45.5237 2750 0.2179 99.00  0.2520 . . 149 . . . . 
# 
_struct.entry_id                  4F5W 
_struct.title                     'Crystal structure of ligand free human STING CTD' 
_struct.pdbx_model_details        ? 
_struct.pdbx_CASP_flag            ? 
_struct.pdbx_model_type_details   ? 
# 
_struct_keywords.entry_id        4F5W 
_struct_keywords.pdbx_keywords   'IMMUNE SYSTEM' 
_struct_keywords.text            'Innate immunity human STING, Innate immunity, IMMUNE SYSTEM' 
# 
loop_
_struct_asym.id 
_struct_asym.pdbx_blank_PDB_chainid_flag 
_struct_asym.pdbx_modified 
_struct_asym.entity_id 
_struct_asym.details 
A N N 1 ? 
B N N 2 ? 
C N N 3 ? 
# 
_struct_ref.id                         1 
_struct_ref.db_name                    UNP 
_struct_ref.db_code                    TM173_HUMAN 
_struct_ref.pdbx_db_accession          Q86WV6 
_struct_ref.entity_id                  1 
_struct_ref.pdbx_seq_one_letter_code   
;EKGNFNVAHGLAWSYYIGYLRLILPELQARIRTYNQHYNNLLRGAVSQRLYILLPLDCGVPDNLSMADPNIRFLDKLPQQ
TGDHAGIKDRVYSNSIYELLENGQRAGTCVLEYATPLQTLFAMSQYSQAGFSREDRLEQAKLFCRTLEDILADAPESQNN
CRLIAYQEPADDSSFSLSQEVLRHLRQEEKEEVTVGSLKTSAVPSTSTMSQEPELLISGMEKPLPLRTDFS
;
_struct_ref.pdbx_align_begin           149 
_struct_ref.pdbx_db_isoform            ? 
# 
_struct_ref_seq.align_id                      1 
_struct_ref_seq.ref_id                        1 
_struct_ref_seq.pdbx_PDB_id_code              4F5W 
_struct_ref_seq.pdbx_strand_id                A 
_struct_ref_seq.seq_align_beg                 1 
_struct_ref_seq.pdbx_seq_align_beg_ins_code   ? 
_struct_ref_seq.seq_align_end                 231 
_struct_ref_seq.pdbx_seq_align_end_ins_code   ? 
_struct_ref_seq.pdbx_db_accession             Q86WV6 
_struct_ref_seq.db_align_beg                  149 
_struct_ref_seq.pdbx_db_align_beg_ins_code    ? 
_struct_ref_seq.db_align_end                  379 
_struct_ref_seq.pdbx_db_align_end_ins_code    ? 
_struct_ref_seq.pdbx_auth_seq_align_beg       149 
_struct_ref_seq.pdbx_auth_seq_align_end       379 
# 
loop_
_struct_ref_seq_dif.align_id 
_struct_ref_seq_dif.pdbx_pdb_id_code 
_struct_ref_seq_dif.mon_id 
_struct_ref_seq_dif.pdbx_pdb_strand_id 
_struct_ref_seq_dif.seq_num 
_struct_ref_seq_dif.pdbx_pdb_ins_code 
_struct_ref_seq_dif.pdbx_seq_db_name 
_struct_ref_seq_dif.pdbx_seq_db_accession_code 
_struct_ref_seq_dif.db_mon_id 
_struct_ref_seq_dif.pdbx_seq_db_seq_num 
_struct_ref_seq_dif.details 
_struct_ref_seq_dif.pdbx_auth_seq_num 
_struct_ref_seq_dif.pdbx_ordinal 
1 4F5W ARG A 84  ? UNP Q86WV6 HIS 232 'SEE REMARK 999' 232 1 
1 4F5W LEU A 232 ? UNP Q86WV6 ?   ?   'expression tag' 380 2 
1 4F5W GLU A 233 ? UNP Q86WV6 ?   ?   'expression tag' 381 3 
1 4F5W HIS A 234 ? UNP Q86WV6 ?   ?   'expression tag' 382 4 
1 4F5W HIS A 235 ? UNP Q86WV6 ?   ?   'expression tag' 383 5 
1 4F5W HIS A 236 ? UNP Q86WV6 ?   ?   'expression tag' 384 6 
1 4F5W HIS A 237 ? UNP Q86WV6 ?   ?   'expression tag' 385 7 
1 4F5W HIS A 238 ? UNP Q86WV6 ?   ?   'expression tag' 386 8 
1 4F5W HIS A 239 ? UNP Q86WV6 ?   ?   'expression tag' 387 9 
# 
_pdbx_struct_assembly.id                   1 
_pdbx_struct_assembly.details              author_and_software_defined_assembly 
_pdbx_struct_assembly.method_details       PISA 
_pdbx_struct_assembly.oligomeric_details   dimeric 
_pdbx_struct_assembly.oligomeric_count     2 
# 
loop_
_pdbx_struct_assembly_prop.biol_id 
_pdbx_struct_assembly_prop.type 
_pdbx_struct_assembly_prop.value 
_pdbx_struct_assembly_prop.details 
1 'ABSA (A^2)' 2070  ? 
1 MORE         -30   ? 
1 'SSA (A^2)'  20250 ? 
# 
_pdbx_struct_assembly_gen.assembly_id       1 
_pdbx_struct_assembly_gen.oper_expression   1,2 
_pdbx_struct_assembly_gen.asym_id_list      A,B,C 
# 
loop_
_pdbx_struct_oper_list.id 
_pdbx_struct_oper_list.type 
_pdbx_struct_oper_list.name 
_pdbx_struct_oper_list.symmetry_operation 
_pdbx_struct_oper_list.matrix[1][1] 
_pdbx_struct_oper_list.matrix[1][2] 
_pdbx_struct_oper_list.matrix[1][3] 
_pdbx_struct_oper_list.vector[1] 
_pdbx_struct_oper_list.matrix[2][1] 
_pdbx_struct_oper_list.matrix[2][2] 
_pdbx_struct_oper_list.matrix[2][3] 
_pdbx_struct_oper_list.vector[2] 
_pdbx_struct_oper_list.matrix[3][1] 
_pdbx_struct_oper_list.matrix[3][2] 
_pdbx_struct_oper_list.matrix[3][3] 
_pdbx_struct_oper_list.vector[3] 
1 'identity operation'         1_555 x,y,z       1.0000000000 0.0000000000 0.0000000000 0.0000000000   0.0000000000 1.0000000000  0.0000000000 0.0000000000  0.0000000000 0.0000000000 1.0000000000  0.0000000000  
2 'crystal symmetry operation' 3_555 -x,y,-z+1/2 0.3161546635 0.6226955144 0.7157489261 -17.7405108409 0.6226955144 -0.7053919920 0.3386331850 22.9294871863 0.7157489261 0.3386331850 -0.6107626714 12.6736721880 
# 
_struct_biol.id        1 
_struct_biol.details   ? 
# 
loop_
_struct_conf.conf_type_id 
_struct_conf.id 
_struct_conf.pdbx_PDB_helix_id 
_struct_conf.beg_label_comp_id 
_struct_conf.beg_label_asym_id 
_struct_conf.beg_label_seq_id 
_struct_conf.pdbx_beg_PDB_ins_code 
_struct_conf.end_label_comp_id 
_struct_conf.end_label_asym_id 
_struct_conf.end_label_seq_id 
_struct_conf.pdbx_end_PDB_ins_code 
_struct_conf.beg_auth_comp_id 
_struct_conf.beg_auth_asym_id 
_struct_conf.beg_auth_seq_id 
_struct_conf.end_auth_comp_id 
_struct_conf.end_auth_asym_id 
_struct_conf.end_auth_seq_id 
_struct_conf.pdbx_PDB_helix_class 
_struct_conf.details 
_struct_conf.pdbx_PDB_helix_length 
HELX_P HELX_P1 1 VAL A 7   ? TYR A 19  ? VAL A 155 TYR A 167 1 ? 13 
HELX_P HELX_P2 2 TYR A 19  ? ARG A 43  ? TYR A 167 ARG A 191 1 ? 25 
HELX_P HELX_P3 3 ASN A 63  ? ALA A 67  ? ASN A 211 ALA A 215 5 ? 5  
HELX_P HELX_P4 4 THR A 115 ? TYR A 126 ? THR A 263 TYR A 274 1 ? 12 
HELX_P HELX_P5 5 SER A 127 ? GLY A 130 ? SER A 275 GLY A 278 5 ? 4  
HELX_P HELX_P6 6 SER A 132 ? ASP A 153 ? SER A 280 ASP A 301 1 ? 22 
HELX_P HELX_P7 7 SER A 157 ? ASN A 159 ? SER A 305 ASN A 307 5 ? 3  
HELX_P HELX_P8 8 SER A 176 ? VAL A 195 ? SER A 324 VAL A 343 1 ? 20 
# 
_struct_conf_type.id          HELX_P 
_struct_conf_type.criteria    ? 
_struct_conf_type.reference   ? 
# 
loop_
_struct_conn.id 
_struct_conn.conn_type_id 
_struct_conn.pdbx_leaving_atom_flag 
_struct_conn.pdbx_PDB_id 
_struct_conn.ptnr1_label_asym_id 
_struct_conn.ptnr1_label_comp_id 
_struct_conn.ptnr1_label_seq_id 
_struct_conn.ptnr1_label_atom_id 
_struct_conn.pdbx_ptnr1_label_alt_id 
_struct_conn.pdbx_ptnr1_PDB_ins_code 
_struct_conn.pdbx_ptnr1_standard_comp_id 
_struct_conn.ptnr1_symmetry 
_struct_conn.ptnr2_label_asym_id 
_struct_conn.ptnr2_label_comp_id 
_struct_conn.ptnr2_label_seq_id 
_struct_conn.ptnr2_label_atom_id 
_struct_conn.pdbx_ptnr2_label_alt_id 
_struct_conn.pdbx_ptnr2_PDB_ins_code 
_struct_conn.ptnr1_auth_asym_id 
_struct_conn.ptnr1_auth_comp_id 
_struct_conn.ptnr1_auth_seq_id 
_struct_conn.ptnr2_auth_asym_id 
_struct_conn.ptnr2_auth_comp_id 
_struct_conn.ptnr2_auth_seq_id 
_struct_conn.ptnr2_symmetry 
_struct_conn.pdbx_ptnr3_label_atom_id 
_struct_conn.pdbx_ptnr3_label_seq_id 
_struct_conn.pdbx_ptnr3_label_comp_id 
_struct_conn.pdbx_ptnr3_label_asym_id 
_struct_conn.pdbx_ptnr3_label_alt_id 
_struct_conn.pdbx_ptnr3_PDB_ins_code 
_struct_conn.details 
_struct_conn.pdbx_dist_value 
_struct_conn.pdbx_value_order 
_struct_conn.pdbx_role 
metalc1 metalc ? ? A ASP 57  OD2 ? ? ? 1_555 B CA  . CA ? ? A ASP 205 A CA  401 1_555 ? ? ? ? ? ? ? 2.930 ? ? 
metalc2 metalc ? ? A GLU 168 OE2 ? ? ? 1_555 B CA  . CA ? ? A GLU 316 A CA  401 1_555 ? ? ? ? ? ? ? 2.985 ? ? 
metalc3 metalc ? ? A GLU 168 OE1 ? ? ? 1_555 B CA  . CA ? ? A GLU 316 A CA  401 1_555 ? ? ? ? ? ? ? 3.027 ? ? 
metalc4 metalc ? ? B CA  .   CA  ? ? ? 1_555 C HOH . O  ? ? A CA  401 A HOH 535 1_555 ? ? ? ? ? ? ? 3.028 ? ? 
metalc5 metalc ? ? B CA  .   CA  ? ? ? 1_555 C HOH . O  ? ? A CA  401 A HOH 537 1_555 ? ? ? ? ? ? ? 3.095 ? ? 
# 
_struct_conn_type.id          metalc 
_struct_conn_type.criteria    ? 
_struct_conn_type.reference   ? 
# 
loop_
_pdbx_struct_conn_angle.id 
_pdbx_struct_conn_angle.ptnr1_label_atom_id 
_pdbx_struct_conn_angle.ptnr1_label_alt_id 
_pdbx_struct_conn_angle.ptnr1_label_asym_id 
_pdbx_struct_conn_angle.ptnr1_label_comp_id 
_pdbx_struct_conn_angle.ptnr1_label_seq_id 
_pdbx_struct_conn_angle.ptnr1_auth_atom_id 
_pdbx_struct_conn_angle.ptnr1_auth_asym_id 
_pdbx_struct_conn_angle.ptnr1_auth_comp_id 
_pdbx_struct_conn_angle.ptnr1_auth_seq_id 
_pdbx_struct_conn_angle.ptnr1_PDB_ins_code 
_pdbx_struct_conn_angle.ptnr1_symmetry 
_pdbx_struct_conn_angle.ptnr2_label_atom_id 
_pdbx_struct_conn_angle.ptnr2_label_alt_id 
_pdbx_struct_conn_angle.ptnr2_label_asym_id 
_pdbx_struct_conn_angle.ptnr2_label_comp_id 
_pdbx_struct_conn_angle.ptnr2_label_seq_id 
_pdbx_struct_conn_angle.ptnr2_auth_atom_id 
_pdbx_struct_conn_angle.ptnr2_auth_asym_id 
_pdbx_struct_conn_angle.ptnr2_auth_comp_id 
_pdbx_struct_conn_angle.ptnr2_auth_seq_id 
_pdbx_struct_conn_angle.ptnr2_PDB_ins_code 
_pdbx_struct_conn_angle.ptnr2_symmetry 
_pdbx_struct_conn_angle.ptnr3_label_atom_id 
_pdbx_struct_conn_angle.ptnr3_label_alt_id 
_pdbx_struct_conn_angle.ptnr3_label_asym_id 
_pdbx_struct_conn_angle.ptnr3_label_comp_id 
_pdbx_struct_conn_angle.ptnr3_label_seq_id 
_pdbx_struct_conn_angle.ptnr3_auth_atom_id 
_pdbx_struct_conn_angle.ptnr3_auth_asym_id 
_pdbx_struct_conn_angle.ptnr3_auth_comp_id 
_pdbx_struct_conn_angle.ptnr3_auth_seq_id 
_pdbx_struct_conn_angle.ptnr3_PDB_ins_code 
_pdbx_struct_conn_angle.ptnr3_symmetry 
_pdbx_struct_conn_angle.value 
_pdbx_struct_conn_angle.value_esd 
1  OD2 ? A ASP 57  ? A ASP 205 ? 1_555 CA ? B CA . ? A CA 401 ? 1_555 OE2 ? A GLU 168 ? A GLU 316 ? 1_555 69.8  ? 
2  OD2 ? A ASP 57  ? A ASP 205 ? 1_555 CA ? B CA . ? A CA 401 ? 1_555 OE1 ? A GLU 168 ? A GLU 316 ? 1_555 86.5  ? 
3  OE2 ? A GLU 168 ? A GLU 316 ? 1_555 CA ? B CA . ? A CA 401 ? 1_555 OE1 ? A GLU 168 ? A GLU 316 ? 1_555 43.4  ? 
4  OD2 ? A ASP 57  ? A ASP 205 ? 1_555 CA ? B CA . ? A CA 401 ? 1_555 O   ? C HOH .   ? A HOH 535 ? 1_555 74.3  ? 
5  OE2 ? A GLU 168 ? A GLU 316 ? 1_555 CA ? B CA . ? A CA 401 ? 1_555 O   ? C HOH .   ? A HOH 535 ? 1_555 102.5 ? 
6  OE1 ? A GLU 168 ? A GLU 316 ? 1_555 CA ? B CA . ? A CA 401 ? 1_555 O   ? C HOH .   ? A HOH 535 ? 1_555 68.8  ? 
7  OD2 ? A ASP 57  ? A ASP 205 ? 1_555 CA ? B CA . ? A CA 401 ? 1_555 O   ? C HOH .   ? A HOH 537 ? 1_555 161.5 ? 
8  OE2 ? A GLU 168 ? A GLU 316 ? 1_555 CA ? B CA . ? A CA 401 ? 1_555 O   ? C HOH .   ? A HOH 537 ? 1_555 127.8 ? 
9  OE1 ? A GLU 168 ? A GLU 316 ? 1_555 CA ? B CA . ? A CA 401 ? 1_555 O   ? C HOH .   ? A HOH 537 ? 1_555 110.2 ? 
10 O   ? C HOH .   ? A HOH 535 ? 1_555 CA ? B CA . ? A CA 401 ? 1_555 O   ? C HOH .   ? A HOH 537 ? 1_555 103.6 ? 
# 
_struct_sheet.id               A 
_struct_sheet.type             ? 
_struct_sheet.number_strands   5 
_struct_sheet.details          ? 
# 
loop_
_struct_sheet_order.sheet_id 
_struct_sheet_order.range_id_1 
_struct_sheet_order.range_id_2 
_struct_sheet_order.offset 
_struct_sheet_order.sense 
A 1 2 ? anti-parallel 
A 2 3 ? anti-parallel 
A 3 4 ? parallel      
A 4 5 ? parallel      
# 
loop_
_struct_sheet_range.sheet_id 
_struct_sheet_range.id 
_struct_sheet_range.beg_label_comp_id 
_struct_sheet_range.beg_label_asym_id 
_struct_sheet_range.beg_label_seq_id 
_struct_sheet_range.pdbx_beg_PDB_ins_code 
_struct_sheet_range.end_label_comp_id 
_struct_sheet_range.end_label_asym_id 
_struct_sheet_range.end_label_seq_id 
_struct_sheet_range.pdbx_end_PDB_ins_code 
_struct_sheet_range.beg_auth_comp_id 
_struct_sheet_range.beg_auth_asym_id 
_struct_sheet_range.beg_auth_seq_id 
_struct_sheet_range.end_auth_comp_id 
_struct_sheet_range.end_auth_asym_id 
_struct_sheet_range.end_auth_seq_id 
A 1 ILE A 71  ? LYS A 76  ? ILE A 219 LYS A 224 
A 2 SER A 95  ? GLU A 101 ? SER A 243 GLU A 249 
A 3 GLN A 104 ? TYR A 113 ? GLN A 252 TYR A 261 
A 4 LEU A 50  ? PRO A 55  ? LEU A 198 PRO A 203 
A 5 CYS A 161 ? TYR A 166 ? CYS A 309 TYR A 314 
# 
loop_
_pdbx_struct_sheet_hbond.sheet_id 
_pdbx_struct_sheet_hbond.range_id_1 
_pdbx_struct_sheet_hbond.range_id_2 
_pdbx_struct_sheet_hbond.range_1_label_atom_id 
_pdbx_struct_sheet_hbond.range_1_label_comp_id 
_pdbx_struct_sheet_hbond.range_1_label_asym_id 
_pdbx_struct_sheet_hbond.range_1_label_seq_id 
_pdbx_struct_sheet_hbond.range_1_PDB_ins_code 
_pdbx_struct_sheet_hbond.range_1_auth_atom_id 
_pdbx_struct_sheet_hbond.range_1_auth_comp_id 
_pdbx_struct_sheet_hbond.range_1_auth_asym_id 
_pdbx_struct_sheet_hbond.range_1_auth_seq_id 
_pdbx_struct_sheet_hbond.range_2_label_atom_id 
_pdbx_struct_sheet_hbond.range_2_label_comp_id 
_pdbx_struct_sheet_hbond.range_2_label_asym_id 
_pdbx_struct_sheet_hbond.range_2_label_seq_id 
_pdbx_struct_sheet_hbond.range_2_PDB_ins_code 
_pdbx_struct_sheet_hbond.range_2_auth_atom_id 
_pdbx_struct_sheet_hbond.range_2_auth_comp_id 
_pdbx_struct_sheet_hbond.range_2_auth_asym_id 
_pdbx_struct_sheet_hbond.range_2_auth_seq_id 
A 1 2 N ASP A 75  ? N ASP A 223 O ILE A 96  ? O ILE A 244 
A 2 3 N LEU A 99  ? N LEU A 247 O ALA A 106 ? O ALA A 254 
A 3 4 O GLU A 112 ? O GLU A 260 N LEU A 53  ? N LEU A 201 
A 4 5 N ILE A 52  ? N ILE A 200 O ARG A 162 ? O ARG A 310 
# 
_struct_site.id                   AC1 
_struct_site.pdbx_evidence_code   Software 
_struct_site.pdbx_auth_asym_id    A 
_struct_site.pdbx_auth_comp_id    CA 
_struct_site.pdbx_auth_seq_id     401 
_struct_site.pdbx_auth_ins_code   ? 
_struct_site.pdbx_num_residues    5 
_struct_site.details              'BINDING SITE FOR RESIDUE CA A 401' 
# 
loop_
_struct_site_gen.id 
_struct_site_gen.site_id 
_struct_site_gen.pdbx_num_res 
_struct_site_gen.label_comp_id 
_struct_site_gen.label_asym_id 
_struct_site_gen.label_seq_id 
_struct_site_gen.pdbx_auth_ins_code 
_struct_site_gen.auth_comp_id 
_struct_site_gen.auth_asym_id 
_struct_site_gen.auth_seq_id 
_struct_site_gen.label_atom_id 
_struct_site_gen.label_alt_id 
_struct_site_gen.symmetry 
_struct_site_gen.details 
1 AC1 5 ASP A 57  ? ASP A 205 . ? 1_555 ? 
2 AC1 5 GLU A 168 ? GLU A 316 . ? 1_555 ? 
3 AC1 5 VAL A 193 ? VAL A 341 . ? 6_545 ? 
4 AC1 5 HOH C .   ? HOH A 535 . ? 1_555 ? 
5 AC1 5 HOH C .   ? HOH A 537 . ? 1_555 ? 
# 
loop_
_pdbx_validate_close_contact.id 
_pdbx_validate_close_contact.PDB_model_num 
_pdbx_validate_close_contact.auth_atom_id_1 
_pdbx_validate_close_contact.auth_asym_id_1 
_pdbx_validate_close_contact.auth_comp_id_1 
_pdbx_validate_close_contact.auth_seq_id_1 
_pdbx_validate_close_contact.PDB_ins_code_1 
_pdbx_validate_close_contact.label_alt_id_1 
_pdbx_validate_close_contact.auth_atom_id_2 
_pdbx_validate_close_contact.auth_asym_id_2 
_pdbx_validate_close_contact.auth_comp_id_2 
_pdbx_validate_close_contact.auth_seq_id_2 
_pdbx_validate_close_contact.PDB_ins_code_2 
_pdbx_validate_close_contact.label_alt_id_2 
_pdbx_validate_close_contact.dist 
1 1 OE2 A GLU 174 ? ? OH A TYR 240 ? ? 2.17 
2 1 OG  A SER 213 ? ? O  A HOH 505 ? ? 2.18 
# 
loop_
_pdbx_validate_torsion.id 
_pdbx_validate_torsion.PDB_model_num 
_pdbx_validate_torsion.auth_comp_id 
_pdbx_validate_torsion.auth_asym_id 
_pdbx_validate_torsion.auth_seq_id 
_pdbx_validate_torsion.PDB_ins_code 
_pdbx_validate_torsion.label_alt_id 
_pdbx_validate_torsion.phi 
_pdbx_validate_torsion.psi 
1 1 TYR A 167 ? ? -137.36 -65.65  
2 1 ALA A 233 ? ? 52.02   -120.54 
3 1 LYS A 236 ? ? -147.75 21.50   
4 1 GLU A 304 ? ? 36.28   43.10   
# 
loop_
_pdbx_validate_peptide_omega.id 
_pdbx_validate_peptide_omega.PDB_model_num 
_pdbx_validate_peptide_omega.auth_comp_id_1 
_pdbx_validate_peptide_omega.auth_asym_id_1 
_pdbx_validate_peptide_omega.auth_seq_id_1 
_pdbx_validate_peptide_omega.PDB_ins_code_1 
_pdbx_validate_peptide_omega.label_alt_id_1 
_pdbx_validate_peptide_omega.auth_comp_id_2 
_pdbx_validate_peptide_omega.auth_asym_id_2 
_pdbx_validate_peptide_omega.auth_seq_id_2 
_pdbx_validate_peptide_omega.PDB_ins_code_2 
_pdbx_validate_peptide_omega.label_alt_id_2 
_pdbx_validate_peptide_omega.omega 
1 1 GLY A 234 ? ? ILE A 235 ? ? 139.33 
2 1 ASP A 320 ? ? SER A 321 ? ? 147.38 
# 
_pdbx_entry_details.entry_id                 4F5W 
_pdbx_entry_details.nonpolymer_details       ? 
_pdbx_entry_details.sequence_details         'NATURAL VARIANT AT THIS POSITION' 
_pdbx_entry_details.compound_details         ? 
_pdbx_entry_details.source_details           ? 
_pdbx_entry_details.has_ligand_of_interest   ? 
# 
loop_
_pdbx_unobs_or_zero_occ_residues.id 
_pdbx_unobs_or_zero_occ_residues.PDB_model_num 
_pdbx_unobs_or_zero_occ_residues.polymer_flag 
_pdbx_unobs_or_zero_occ_residues.occupancy_flag 
_pdbx_unobs_or_zero_occ_residues.auth_asym_id 
_pdbx_unobs_or_zero_occ_residues.auth_comp_id 
_pdbx_unobs_or_zero_occ_residues.auth_seq_id 
_pdbx_unobs_or_zero_occ_residues.PDB_ins_code 
_pdbx_unobs_or_zero_occ_residues.label_asym_id 
_pdbx_unobs_or_zero_occ_residues.label_comp_id 
_pdbx_unobs_or_zero_occ_residues.label_seq_id 
1  1 Y 1 A GLU 149 ? A GLU 1   
2  1 Y 1 A LYS 150 ? A LYS 2   
3  1 Y 1 A GLY 344 ? A GLY 196 
4  1 Y 1 A SER 345 ? A SER 197 
5  1 Y 1 A LEU 346 ? A LEU 198 
6  1 Y 1 A LYS 347 ? A LYS 199 
7  1 Y 1 A THR 348 ? A THR 200 
8  1 Y 1 A SER 349 ? A SER 201 
9  1 Y 1 A ALA 350 ? A ALA 202 
10 1 Y 1 A VAL 351 ? A VAL 203 
11 1 Y 1 A PRO 352 ? A PRO 204 
12 1 Y 1 A SER 353 ? A SER 205 
13 1 Y 1 A THR 354 ? A THR 206 
14 1 Y 1 A SER 355 ? A SER 207 
15 1 Y 1 A THR 356 ? A THR 208 
16 1 Y 1 A MET 357 ? A MET 209 
17 1 Y 1 A SER 358 ? A SER 210 
18 1 Y 1 A GLN 359 ? A GLN 211 
19 1 Y 1 A GLU 360 ? A GLU 212 
20 1 Y 1 A PRO 361 ? A PRO 213 
21 1 Y 1 A GLU 362 ? A GLU 214 
22 1 Y 1 A LEU 363 ? A LEU 215 
23 1 Y 1 A LEU 364 ? A LEU 216 
24 1 Y 1 A ILE 365 ? A ILE 217 
25 1 Y 1 A SER 366 ? A SER 218 
26 1 Y 1 A GLY 367 ? A GLY 219 
27 1 Y 1 A MET 368 ? A MET 220 
28 1 Y 1 A GLU 369 ? A GLU 221 
29 1 Y 1 A LYS 370 ? A LYS 222 
30 1 Y 1 A PRO 371 ? A PRO 223 
31 1 Y 1 A LEU 372 ? A LEU 224 
32 1 Y 1 A PRO 373 ? A PRO 225 
33 1 Y 1 A LEU 374 ? A LEU 226 
34 1 Y 1 A ARG 375 ? A ARG 227 
35 1 Y 1 A THR 376 ? A THR 228 
36 1 Y 1 A ASP 377 ? A ASP 229 
37 1 Y 1 A PHE 378 ? A PHE 230 
38 1 Y 1 A SER 379 ? A SER 231 
39 1 Y 1 A LEU 380 ? A LEU 232 
40 1 Y 1 A GLU 381 ? A GLU 233 
41 1 Y 1 A HIS 382 ? A HIS 234 
42 1 Y 1 A HIS 383 ? A HIS 235 
43 1 Y 1 A HIS 384 ? A HIS 236 
44 1 Y 1 A HIS 385 ? A HIS 237 
45 1 Y 1 A HIS 386 ? A HIS 238 
46 1 Y 1 A HIS 387 ? A HIS 239 
# 
loop_
_chem_comp_atom.comp_id 
_chem_comp_atom.atom_id 
_chem_comp_atom.type_symbol 
_chem_comp_atom.pdbx_aromatic_flag 
_chem_comp_atom.pdbx_stereo_config 
_chem_comp_atom.pdbx_ordinal 
ALA N    N  N N 1   
ALA CA   C  N S 2   
ALA C    C  N N 3   
ALA O    O  N N 4   
ALA CB   C  N N 5   
ALA OXT  O  N N 6   
ALA H    H  N N 7   
ALA H2   H  N N 8   
ALA HA   H  N N 9   
ALA HB1  H  N N 10  
ALA HB2  H  N N 11  
ALA HB3  H  N N 12  
ALA HXT  H  N N 13  
ARG N    N  N N 14  
ARG CA   C  N S 15  
ARG C    C  N N 16  
ARG O    O  N N 17  
ARG CB   C  N N 18  
ARG CG   C  N N 19  
ARG CD   C  N N 20  
ARG NE   N  N N 21  
ARG CZ   C  N N 22  
ARG NH1  N  N N 23  
ARG NH2  N  N N 24  
ARG OXT  O  N N 25  
ARG H    H  N N 26  
ARG H2   H  N N 27  
ARG HA   H  N N 28  
ARG HB2  H  N N 29  
ARG HB3  H  N N 30  
ARG HG2  H  N N 31  
ARG HG3  H  N N 32  
ARG HD2  H  N N 33  
ARG HD3  H  N N 34  
ARG HE   H  N N 35  
ARG HH11 H  N N 36  
ARG HH12 H  N N 37  
ARG HH21 H  N N 38  
ARG HH22 H  N N 39  
ARG HXT  H  N N 40  
ASN N    N  N N 41  
ASN CA   C  N S 42  
ASN C    C  N N 43  
ASN O    O  N N 44  
ASN CB   C  N N 45  
ASN CG   C  N N 46  
ASN OD1  O  N N 47  
ASN ND2  N  N N 48  
ASN OXT  O  N N 49  
ASN H    H  N N 50  
ASN H2   H  N N 51  
ASN HA   H  N N 52  
ASN HB2  H  N N 53  
ASN HB3  H  N N 54  
ASN HD21 H  N N 55  
ASN HD22 H  N N 56  
ASN HXT  H  N N 57  
ASP N    N  N N 58  
ASP CA   C  N S 59  
ASP C    C  N N 60  
ASP O    O  N N 61  
ASP CB   C  N N 62  
ASP CG   C  N N 63  
ASP OD1  O  N N 64  
ASP OD2  O  N N 65  
ASP OXT  O  N N 66  
ASP H    H  N N 67  
ASP H2   H  N N 68  
ASP HA   H  N N 69  
ASP HB2  H  N N 70  
ASP HB3  H  N N 71  
ASP HD2  H  N N 72  
ASP HXT  H  N N 73  
CA  CA   CA N N 74  
CYS N    N  N N 75  
CYS CA   C  N R 76  
CYS C    C  N N 77  
CYS O    O  N N 78  
CYS CB   C  N N 79  
CYS SG   S  N N 80  
CYS OXT  O  N N 81  
CYS H    H  N N 82  
CYS H2   H  N N 83  
CYS HA   H  N N 84  
CYS HB2  H  N N 85  
CYS HB3  H  N N 86  
CYS HG   H  N N 87  
CYS HXT  H  N N 88  
GLN N    N  N N 89  
GLN CA   C  N S 90  
GLN C    C  N N 91  
GLN O    O  N N 92  
GLN CB   C  N N 93  
GLN CG   C  N N 94  
GLN CD   C  N N 95  
GLN OE1  O  N N 96  
GLN NE2  N  N N 97  
GLN OXT  O  N N 98  
GLN H    H  N N 99  
GLN H2   H  N N 100 
GLN HA   H  N N 101 
GLN HB2  H  N N 102 
GLN HB3  H  N N 103 
GLN HG2  H  N N 104 
GLN HG3  H  N N 105 
GLN HE21 H  N N 106 
GLN HE22 H  N N 107 
GLN HXT  H  N N 108 
GLU N    N  N N 109 
GLU CA   C  N S 110 
GLU C    C  N N 111 
GLU O    O  N N 112 
GLU CB   C  N N 113 
GLU CG   C  N N 114 
GLU CD   C  N N 115 
GLU OE1  O  N N 116 
GLU OE2  O  N N 117 
GLU OXT  O  N N 118 
GLU H    H  N N 119 
GLU H2   H  N N 120 
GLU HA   H  N N 121 
GLU HB2  H  N N 122 
GLU HB3  H  N N 123 
GLU HG2  H  N N 124 
GLU HG3  H  N N 125 
GLU HE2  H  N N 126 
GLU HXT  H  N N 127 
GLY N    N  N N 128 
GLY CA   C  N N 129 
GLY C    C  N N 130 
GLY O    O  N N 131 
GLY OXT  O  N N 132 
GLY H    H  N N 133 
GLY H2   H  N N 134 
GLY HA2  H  N N 135 
GLY HA3  H  N N 136 
GLY HXT  H  N N 137 
HIS N    N  N N 138 
HIS CA   C  N S 139 
HIS C    C  N N 140 
HIS O    O  N N 141 
HIS CB   C  N N 142 
HIS CG   C  Y N 143 
HIS ND1  N  Y N 144 
HIS CD2  C  Y N 145 
HIS CE1  C  Y N 146 
HIS NE2  N  Y N 147 
HIS OXT  O  N N 148 
HIS H    H  N N 149 
HIS H2   H  N N 150 
HIS HA   H  N N 151 
HIS HB2  H  N N 152 
HIS HB3  H  N N 153 
HIS HD1  H  N N 154 
HIS HD2  H  N N 155 
HIS HE1  H  N N 156 
HIS HE2  H  N N 157 
HIS HXT  H  N N 158 
HOH O    O  N N 159 
HOH H1   H  N N 160 
HOH H2   H  N N 161 
ILE N    N  N N 162 
ILE CA   C  N S 163 
ILE C    C  N N 164 
ILE O    O  N N 165 
ILE CB   C  N S 166 
ILE CG1  C  N N 167 
ILE CG2  C  N N 168 
ILE CD1  C  N N 169 
ILE OXT  O  N N 170 
ILE H    H  N N 171 
ILE H2   H  N N 172 
ILE HA   H  N N 173 
ILE HB   H  N N 174 
ILE HG12 H  N N 175 
ILE HG13 H  N N 176 
ILE HG21 H  N N 177 
ILE HG22 H  N N 178 
ILE HG23 H  N N 179 
ILE HD11 H  N N 180 
ILE HD12 H  N N 181 
ILE HD13 H  N N 182 
ILE HXT  H  N N 183 
LEU N    N  N N 184 
LEU CA   C  N S 185 
LEU C    C  N N 186 
LEU O    O  N N 187 
LEU CB   C  N N 188 
LEU CG   C  N N 189 
LEU CD1  C  N N 190 
LEU CD2  C  N N 191 
LEU OXT  O  N N 192 
LEU H    H  N N 193 
LEU H2   H  N N 194 
LEU HA   H  N N 195 
LEU HB2  H  N N 196 
LEU HB3  H  N N 197 
LEU HG   H  N N 198 
LEU HD11 H  N N 199 
LEU HD12 H  N N 200 
LEU HD13 H  N N 201 
LEU HD21 H  N N 202 
LEU HD22 H  N N 203 
LEU HD23 H  N N 204 
LEU HXT  H  N N 205 
LYS N    N  N N 206 
LYS CA   C  N S 207 
LYS C    C  N N 208 
LYS O    O  N N 209 
LYS CB   C  N N 210 
LYS CG   C  N N 211 
LYS CD   C  N N 212 
LYS CE   C  N N 213 
LYS NZ   N  N N 214 
LYS OXT  O  N N 215 
LYS H    H  N N 216 
LYS H2   H  N N 217 
LYS HA   H  N N 218 
LYS HB2  H  N N 219 
LYS HB3  H  N N 220 
LYS HG2  H  N N 221 
LYS HG3  H  N N 222 
LYS HD2  H  N N 223 
LYS HD3  H  N N 224 
LYS HE2  H  N N 225 
LYS HE3  H  N N 226 
LYS HZ1  H  N N 227 
LYS HZ2  H  N N 228 
LYS HZ3  H  N N 229 
LYS HXT  H  N N 230 
MET N    N  N N 231 
MET CA   C  N S 232 
MET C    C  N N 233 
MET O    O  N N 234 
MET CB   C  N N 235 
MET CG   C  N N 236 
MET SD   S  N N 237 
MET CE   C  N N 238 
MET OXT  O  N N 239 
MET H    H  N N 240 
MET H2   H  N N 241 
MET HA   H  N N 242 
MET HB2  H  N N 243 
MET HB3  H  N N 244 
MET HG2  H  N N 245 
MET HG3  H  N N 246 
MET HE1  H  N N 247 
MET HE2  H  N N 248 
MET HE3  H  N N 249 
MET HXT  H  N N 250 
PHE N    N  N N 251 
PHE CA   C  N S 252 
PHE C    C  N N 253 
PHE O    O  N N 254 
PHE CB   C  N N 255 
PHE CG   C  Y N 256 
PHE CD1  C  Y N 257 
PHE CD2  C  Y N 258 
PHE CE1  C  Y N 259 
PHE CE2  C  Y N 260 
PHE CZ   C  Y N 261 
PHE OXT  O  N N 262 
PHE H    H  N N 263 
PHE H2   H  N N 264 
PHE HA   H  N N 265 
PHE HB2  H  N N 266 
PHE HB3  H  N N 267 
PHE HD1  H  N N 268 
PHE HD2  H  N N 269 
PHE HE1  H  N N 270 
PHE HE2  H  N N 271 
PHE HZ   H  N N 272 
PHE HXT  H  N N 273 
PRO N    N  N N 274 
PRO CA   C  N S 275 
PRO C    C  N N 276 
PRO O    O  N N 277 
PRO CB   C  N N 278 
PRO CG   C  N N 279 
PRO CD   C  N N 280 
PRO OXT  O  N N 281 
PRO H    H  N N 282 
PRO HA   H  N N 283 
PRO HB2  H  N N 284 
PRO HB3  H  N N 285 
PRO HG2  H  N N 286 
PRO HG3  H  N N 287 
PRO HD2  H  N N 288 
PRO HD3  H  N N 289 
PRO HXT  H  N N 290 
SER N    N  N N 291 
SER CA   C  N S 292 
SER C    C  N N 293 
SER O    O  N N 294 
SER CB   C  N N 295 
SER OG   O  N N 296 
SER OXT  O  N N 297 
SER H    H  N N 298 
SER H2   H  N N 299 
SER HA   H  N N 300 
SER HB2  H  N N 301 
SER HB3  H  N N 302 
SER HG   H  N N 303 
SER HXT  H  N N 304 
THR N    N  N N 305 
THR CA   C  N S 306 
THR C    C  N N 307 
THR O    O  N N 308 
THR CB   C  N R 309 
THR OG1  O  N N 310 
THR CG2  C  N N 311 
THR OXT  O  N N 312 
THR H    H  N N 313 
THR H2   H  N N 314 
THR HA   H  N N 315 
THR HB   H  N N 316 
THR HG1  H  N N 317 
THR HG21 H  N N 318 
THR HG22 H  N N 319 
THR HG23 H  N N 320 
THR HXT  H  N N 321 
TRP N    N  N N 322 
TRP CA   C  N S 323 
TRP C    C  N N 324 
TRP O    O  N N 325 
TRP CB   C  N N 326 
TRP CG   C  Y N 327 
TRP CD1  C  Y N 328 
TRP CD2  C  Y N 329 
TRP NE1  N  Y N 330 
TRP CE2  C  Y N 331 
TRP CE3  C  Y N 332 
TRP CZ2  C  Y N 333 
TRP CZ3  C  Y N 334 
TRP CH2  C  Y N 335 
TRP OXT  O  N N 336 
TRP H    H  N N 337 
TRP H2   H  N N 338 
TRP HA   H  N N 339 
TRP HB2  H  N N 340 
TRP HB3  H  N N 341 
TRP HD1  H  N N 342 
TRP HE1  H  N N 343 
TRP HE3  H  N N 344 
TRP HZ2  H  N N 345 
TRP HZ3  H  N N 346 
TRP HH2  H  N N 347 
TRP HXT  H  N N 348 
TYR N    N  N N 349 
TYR CA   C  N S 350 
TYR C    C  N N 351 
TYR O    O  N N 352 
TYR CB   C  N N 353 
TYR CG   C  Y N 354 
TYR CD1  C  Y N 355 
TYR CD2  C  Y N 356 
TYR CE1  C  Y N 357 
TYR CE2  C  Y N 358 
TYR CZ   C  Y N 359 
TYR OH   O  N N 360 
TYR OXT  O  N N 361 
TYR H    H  N N 362 
TYR H2   H  N N 363 
TYR HA   H  N N 364 
TYR HB2  H  N N 365 
TYR HB3  H  N N 366 
TYR HD1  H  N N 367 
TYR HD2  H  N N 368 
TYR HE1  H  N N 369 
TYR HE2  H  N N 370 
TYR HH   H  N N 371 
TYR HXT  H  N N 372 
VAL N    N  N N 373 
VAL CA   C  N S 374 
VAL C    C  N N 375 
VAL O    O  N N 376 
VAL CB   C  N N 377 
VAL CG1  C  N N 378 
VAL CG2  C  N N 379 
VAL OXT  O  N N 380 
VAL H    H  N N 381 
VAL H2   H  N N 382 
VAL HA   H  N N 383 
VAL HB   H  N N 384 
VAL HG11 H  N N 385 
VAL HG12 H  N N 386 
VAL HG13 H  N N 387 
VAL HG21 H  N N 388 
VAL HG22 H  N N 389 
VAL HG23 H  N N 390 
VAL HXT  H  N N 391 
# 
loop_
_chem_comp_bond.comp_id 
_chem_comp_bond.atom_id_1 
_chem_comp_bond.atom_id_2 
_chem_comp_bond.value_order 
_chem_comp_bond.pdbx_aromatic_flag 
_chem_comp_bond.pdbx_stereo_config 
_chem_comp_bond.pdbx_ordinal 
ALA N   CA   sing N N 1   
ALA N   H    sing N N 2   
ALA N   H2   sing N N 3   
ALA CA  C    sing N N 4   
ALA CA  CB   sing N N 5   
ALA CA  HA   sing N N 6   
ALA C   O    doub N N 7   
ALA C   OXT  sing N N 8   
ALA CB  HB1  sing N N 9   
ALA CB  HB2  sing N N 10  
ALA CB  HB3  sing N N 11  
ALA OXT HXT  sing N N 12  
ARG N   CA   sing N N 13  
ARG N   H    sing N N 14  
ARG N   H2   sing N N 15  
ARG CA  C    sing N N 16  
ARG CA  CB   sing N N 17  
ARG CA  HA   sing N N 18  
ARG C   O    doub N N 19  
ARG C   OXT  sing N N 20  
ARG CB  CG   sing N N 21  
ARG CB  HB2  sing N N 22  
ARG CB  HB3  sing N N 23  
ARG CG  CD   sing N N 24  
ARG CG  HG2  sing N N 25  
ARG CG  HG3  sing N N 26  
ARG CD  NE   sing N N 27  
ARG CD  HD2  sing N N 28  
ARG CD  HD3  sing N N 29  
ARG NE  CZ   sing N N 30  
ARG NE  HE   sing N N 31  
ARG CZ  NH1  sing N N 32  
ARG CZ  NH2  doub N N 33  
ARG NH1 HH11 sing N N 34  
ARG NH1 HH12 sing N N 35  
ARG NH2 HH21 sing N N 36  
ARG NH2 HH22 sing N N 37  
ARG OXT HXT  sing N N 38  
ASN N   CA   sing N N 39  
ASN N   H    sing N N 40  
ASN N   H2   sing N N 41  
ASN CA  C    sing N N 42  
ASN CA  CB   sing N N 43  
ASN CA  HA   sing N N 44  
ASN C   O    doub N N 45  
ASN C   OXT  sing N N 46  
ASN CB  CG   sing N N 47  
ASN CB  HB2  sing N N 48  
ASN CB  HB3  sing N N 49  
ASN CG  OD1  doub N N 50  
ASN CG  ND2  sing N N 51  
ASN ND2 HD21 sing N N 52  
ASN ND2 HD22 sing N N 53  
ASN OXT HXT  sing N N 54  
ASP N   CA   sing N N 55  
ASP N   H    sing N N 56  
ASP N   H2   sing N N 57  
ASP CA  C    sing N N 58  
ASP CA  CB   sing N N 59  
ASP CA  HA   sing N N 60  
ASP C   O    doub N N 61  
ASP C   OXT  sing N N 62  
ASP CB  CG   sing N N 63  
ASP CB  HB2  sing N N 64  
ASP CB  HB3  sing N N 65  
ASP CG  OD1  doub N N 66  
ASP CG  OD2  sing N N 67  
ASP OD2 HD2  sing N N 68  
ASP OXT HXT  sing N N 69  
CYS N   CA   sing N N 70  
CYS N   H    sing N N 71  
CYS N   H2   sing N N 72  
CYS CA  C    sing N N 73  
CYS CA  CB   sing N N 74  
CYS CA  HA   sing N N 75  
CYS C   O    doub N N 76  
CYS C   OXT  sing N N 77  
CYS CB  SG   sing N N 78  
CYS CB  HB2  sing N N 79  
CYS CB  HB3  sing N N 80  
CYS SG  HG   sing N N 81  
CYS OXT HXT  sing N N 82  
GLN N   CA   sing N N 83  
GLN N   H    sing N N 84  
GLN N   H2   sing N N 85  
GLN CA  C    sing N N 86  
GLN CA  CB   sing N N 87  
GLN CA  HA   sing N N 88  
GLN C   O    doub N N 89  
GLN C   OXT  sing N N 90  
GLN CB  CG   sing N N 91  
GLN CB  HB2  sing N N 92  
GLN CB  HB3  sing N N 93  
GLN CG  CD   sing N N 94  
GLN CG  HG2  sing N N 95  
GLN CG  HG3  sing N N 96  
GLN CD  OE1  doub N N 97  
GLN CD  NE2  sing N N 98  
GLN NE2 HE21 sing N N 99  
GLN NE2 HE22 sing N N 100 
GLN OXT HXT  sing N N 101 
GLU N   CA   sing N N 102 
GLU N   H    sing N N 103 
GLU N   H2   sing N N 104 
GLU CA  C    sing N N 105 
GLU CA  CB   sing N N 106 
GLU CA  HA   sing N N 107 
GLU C   O    doub N N 108 
GLU C   OXT  sing N N 109 
GLU CB  CG   sing N N 110 
GLU CB  HB2  sing N N 111 
GLU CB  HB3  sing N N 112 
GLU CG  CD   sing N N 113 
GLU CG  HG2  sing N N 114 
GLU CG  HG3  sing N N 115 
GLU CD  OE1  doub N N 116 
GLU CD  OE2  sing N N 117 
GLU OE2 HE2  sing N N 118 
GLU OXT HXT  sing N N 119 
GLY N   CA   sing N N 120 
GLY N   H    sing N N 121 
GLY N   H2   sing N N 122 
GLY CA  C    sing N N 123 
GLY CA  HA2  sing N N 124 
GLY CA  HA3  sing N N 125 
GLY C   O    doub N N 126 
GLY C   OXT  sing N N 127 
GLY OXT HXT  sing N N 128 
HIS N   CA   sing N N 129 
HIS N   H    sing N N 130 
HIS N   H2   sing N N 131 
HIS CA  C    sing N N 132 
HIS CA  CB   sing N N 133 
HIS CA  HA   sing N N 134 
HIS C   O    doub N N 135 
HIS C   OXT  sing N N 136 
HIS CB  CG   sing N N 137 
HIS CB  HB2  sing N N 138 
HIS CB  HB3  sing N N 139 
HIS CG  ND1  sing Y N 140 
HIS CG  CD2  doub Y N 141 
HIS ND1 CE1  doub Y N 142 
HIS ND1 HD1  sing N N 143 
HIS CD2 NE2  sing Y N 144 
HIS CD2 HD2  sing N N 145 
HIS CE1 NE2  sing Y N 146 
HIS CE1 HE1  sing N N 147 
HIS NE2 HE2  sing N N 148 
HIS OXT HXT  sing N N 149 
HOH O   H1   sing N N 150 
HOH O   H2   sing N N 151 
ILE N   CA   sing N N 152 
ILE N   H    sing N N 153 
ILE N   H2   sing N N 154 
ILE CA  C    sing N N 155 
ILE CA  CB   sing N N 156 
ILE CA  HA   sing N N 157 
ILE C   O    doub N N 158 
ILE C   OXT  sing N N 159 
ILE CB  CG1  sing N N 160 
ILE CB  CG2  sing N N 161 
ILE CB  HB   sing N N 162 
ILE CG1 CD1  sing N N 163 
ILE CG1 HG12 sing N N 164 
ILE CG1 HG13 sing N N 165 
ILE CG2 HG21 sing N N 166 
ILE CG2 HG22 sing N N 167 
ILE CG2 HG23 sing N N 168 
ILE CD1 HD11 sing N N 169 
ILE CD1 HD12 sing N N 170 
ILE CD1 HD13 sing N N 171 
ILE OXT HXT  sing N N 172 
LEU N   CA   sing N N 173 
LEU N   H    sing N N 174 
LEU N   H2   sing N N 175 
LEU CA  C    sing N N 176 
LEU CA  CB   sing N N 177 
LEU CA  HA   sing N N 178 
LEU C   O    doub N N 179 
LEU C   OXT  sing N N 180 
LEU CB  CG   sing N N 181 
LEU CB  HB2  sing N N 182 
LEU CB  HB3  sing N N 183 
LEU CG  CD1  sing N N 184 
LEU CG  CD2  sing N N 185 
LEU CG  HG   sing N N 186 
LEU CD1 HD11 sing N N 187 
LEU CD1 HD12 sing N N 188 
LEU CD1 HD13 sing N N 189 
LEU CD2 HD21 sing N N 190 
LEU CD2 HD22 sing N N 191 
LEU CD2 HD23 sing N N 192 
LEU OXT HXT  sing N N 193 
LYS N   CA   sing N N 194 
LYS N   H    sing N N 195 
LYS N   H2   sing N N 196 
LYS CA  C    sing N N 197 
LYS CA  CB   sing N N 198 
LYS CA  HA   sing N N 199 
LYS C   O    doub N N 200 
LYS C   OXT  sing N N 201 
LYS CB  CG   sing N N 202 
LYS CB  HB2  sing N N 203 
LYS CB  HB3  sing N N 204 
LYS CG  CD   sing N N 205 
LYS CG  HG2  sing N N 206 
LYS CG  HG3  sing N N 207 
LYS CD  CE   sing N N 208 
LYS CD  HD2  sing N N 209 
LYS CD  HD3  sing N N 210 
LYS CE  NZ   sing N N 211 
LYS CE  HE2  sing N N 212 
LYS CE  HE3  sing N N 213 
LYS NZ  HZ1  sing N N 214 
LYS NZ  HZ2  sing N N 215 
LYS NZ  HZ3  sing N N 216 
LYS OXT HXT  sing N N 217 
MET N   CA   sing N N 218 
MET N   H    sing N N 219 
MET N   H2   sing N N 220 
MET CA  C    sing N N 221 
MET CA  CB   sing N N 222 
MET CA  HA   sing N N 223 
MET C   O    doub N N 224 
MET C   OXT  sing N N 225 
MET CB  CG   sing N N 226 
MET CB  HB2  sing N N 227 
MET CB  HB3  sing N N 228 
MET CG  SD   sing N N 229 
MET CG  HG2  sing N N 230 
MET CG  HG3  sing N N 231 
MET SD  CE   sing N N 232 
MET CE  HE1  sing N N 233 
MET CE  HE2  sing N N 234 
MET CE  HE3  sing N N 235 
MET OXT HXT  sing N N 236 
PHE N   CA   sing N N 237 
PHE N   H    sing N N 238 
PHE N   H2   sing N N 239 
PHE CA  C    sing N N 240 
PHE CA  CB   sing N N 241 
PHE CA  HA   sing N N 242 
PHE C   O    doub N N 243 
PHE C   OXT  sing N N 244 
PHE CB  CG   sing N N 245 
PHE CB  HB2  sing N N 246 
PHE CB  HB3  sing N N 247 
PHE CG  CD1  doub Y N 248 
PHE CG  CD2  sing Y N 249 
PHE CD1 CE1  sing Y N 250 
PHE CD1 HD1  sing N N 251 
PHE CD2 CE2  doub Y N 252 
PHE CD2 HD2  sing N N 253 
PHE CE1 CZ   doub Y N 254 
PHE CE1 HE1  sing N N 255 
PHE CE2 CZ   sing Y N 256 
PHE CE2 HE2  sing N N 257 
PHE CZ  HZ   sing N N 258 
PHE OXT HXT  sing N N 259 
PRO N   CA   sing N N 260 
PRO N   CD   sing N N 261 
PRO N   H    sing N N 262 
PRO CA  C    sing N N 263 
PRO CA  CB   sing N N 264 
PRO CA  HA   sing N N 265 
PRO C   O    doub N N 266 
PRO C   OXT  sing N N 267 
PRO CB  CG   sing N N 268 
PRO CB  HB2  sing N N 269 
PRO CB  HB3  sing N N 270 
PRO CG  CD   sing N N 271 
PRO CG  HG2  sing N N 272 
PRO CG  HG3  sing N N 273 
PRO CD  HD2  sing N N 274 
PRO CD  HD3  sing N N 275 
PRO OXT HXT  sing N N 276 
SER N   CA   sing N N 277 
SER N   H    sing N N 278 
SER N   H2   sing N N 279 
SER CA  C    sing N N 280 
SER CA  CB   sing N N 281 
SER CA  HA   sing N N 282 
SER C   O    doub N N 283 
SER C   OXT  sing N N 284 
SER CB  OG   sing N N 285 
SER CB  HB2  sing N N 286 
SER CB  HB3  sing N N 287 
SER OG  HG   sing N N 288 
SER OXT HXT  sing N N 289 
THR N   CA   sing N N 290 
THR N   H    sing N N 291 
THR N   H2   sing N N 292 
THR CA  C    sing N N 293 
THR CA  CB   sing N N 294 
THR CA  HA   sing N N 295 
THR C   O    doub N N 296 
THR C   OXT  sing N N 297 
THR CB  OG1  sing N N 298 
THR CB  CG2  sing N N 299 
THR CB  HB   sing N N 300 
THR OG1 HG1  sing N N 301 
THR CG2 HG21 sing N N 302 
THR CG2 HG22 sing N N 303 
THR CG2 HG23 sing N N 304 
THR OXT HXT  sing N N 305 
TRP N   CA   sing N N 306 
TRP N   H    sing N N 307 
TRP N   H2   sing N N 308 
TRP CA  C    sing N N 309 
TRP CA  CB   sing N N 310 
TRP CA  HA   sing N N 311 
TRP C   O    doub N N 312 
TRP C   OXT  sing N N 313 
TRP CB  CG   sing N N 314 
TRP CB  HB2  sing N N 315 
TRP CB  HB3  sing N N 316 
TRP CG  CD1  doub Y N 317 
TRP CG  CD2  sing Y N 318 
TRP CD1 NE1  sing Y N 319 
TRP CD1 HD1  sing N N 320 
TRP CD2 CE2  doub Y N 321 
TRP CD2 CE3  sing Y N 322 
TRP NE1 CE2  sing Y N 323 
TRP NE1 HE1  sing N N 324 
TRP CE2 CZ2  sing Y N 325 
TRP CE3 CZ3  doub Y N 326 
TRP CE3 HE3  sing N N 327 
TRP CZ2 CH2  doub Y N 328 
TRP CZ2 HZ2  sing N N 329 
TRP CZ3 CH2  sing Y N 330 
TRP CZ3 HZ3  sing N N 331 
TRP CH2 HH2  sing N N 332 
TRP OXT HXT  sing N N 333 
TYR N   CA   sing N N 334 
TYR N   H    sing N N 335 
TYR N   H2   sing N N 336 
TYR CA  C    sing N N 337 
TYR CA  CB   sing N N 338 
TYR CA  HA   sing N N 339 
TYR C   O    doub N N 340 
TYR C   OXT  sing N N 341 
TYR CB  CG   sing N N 342 
TYR CB  HB2  sing N N 343 
TYR CB  HB3  sing N N 344 
TYR CG  CD1  doub Y N 345 
TYR CG  CD2  sing Y N 346 
TYR CD1 CE1  sing Y N 347 
TYR CD1 HD1  sing N N 348 
TYR CD2 CE2  doub Y N 349 
TYR CD2 HD2  sing N N 350 
TYR CE1 CZ   doub Y N 351 
TYR CE1 HE1  sing N N 352 
TYR CE2 CZ   sing Y N 353 
TYR CE2 HE2  sing N N 354 
TYR CZ  OH   sing N N 355 
TYR OH  HH   sing N N 356 
TYR OXT HXT  sing N N 357 
VAL N   CA   sing N N 358 
VAL N   H    sing N N 359 
VAL N   H2   sing N N 360 
VAL CA  C    sing N N 361 
VAL CA  CB   sing N N 362 
VAL CA  HA   sing N N 363 
VAL C   O    doub N N 364 
VAL C   OXT  sing N N 365 
VAL CB  CG1  sing N N 366 
VAL CB  CG2  sing N N 367 
VAL CB  HB   sing N N 368 
VAL CG1 HG11 sing N N 369 
VAL CG1 HG12 sing N N 370 
VAL CG1 HG13 sing N N 371 
VAL CG2 HG21 sing N N 372 
VAL CG2 HG22 sing N N 373 
VAL CG2 HG23 sing N N 374 
VAL OXT HXT  sing N N 375 
# 
_atom_sites.entry_id                    4F5W 
_atom_sites.fract_transf_matrix[1][1]   0.00437665 
_atom_sites.fract_transf_matrix[1][2]   -0.01137855 
_atom_sites.fract_transf_matrix[1][3]   0.00185125 
_atom_sites.fract_transf_matrix[2][1]   0.00891206 
_atom_sites.fract_transf_matrix[2][2]   0.00421645 
_atom_sites.fract_transf_matrix[2][3]   0.00484654 
_atom_sites.fract_transf_matrix[3][1]   -0.00633155 
_atom_sites.fract_transf_matrix[3][2]   -0.00047404 
_atom_sites.fract_transf_matrix[3][3]   0.01205518 
_atom_sites.fract_transf_vector[1]      0.157543 
_atom_sites.fract_transf_vector[2]      -0.225503 
_atom_sites.fract_transf_vector[3]      0.122882 
# 
loop_
_atom_type.symbol 
C  
CA 
N  
O  
S  
# 
loop_
_atom_site.group_PDB 
_atom_site.id 
_atom_site.type_symbol 
_atom_site.label_atom_id 
_atom_site.label_alt_id 
_atom_site.label_comp_id 
_atom_site.label_asym_id 
_atom_site.label_entity_id 
_atom_site.label_seq_id 
_atom_site.pdbx_PDB_ins_code 
_atom_site.Cartn_x 
_atom_site.Cartn_y 
_atom_site.Cartn_z 
_atom_site.occupancy 
_atom_site.B_iso_or_equiv 
_atom_site.pdbx_formal_charge 
_atom_site.auth_seq_id 
_atom_site.auth_comp_id 
_atom_site.auth_asym_id 
_atom_site.auth_atom_id 
_atom_site.pdbx_PDB_model_num 
ATOM   1    N  N   . GLY A 1 3   ? -31.335 1.805   2.370   1.00 87.07  ? 151 GLY A N   1 
ATOM   2    C  CA  . GLY A 1 3   ? -31.475 1.130   1.091   1.00 91.51  ? 151 GLY A CA  1 
ATOM   3    C  C   . GLY A 1 3   ? -30.146 0.638   0.550   1.00 89.83  ? 151 GLY A C   1 
ATOM   4    O  O   . GLY A 1 3   ? -29.573 -0.324  1.069   1.00 87.89  ? 151 GLY A O   1 
ATOM   5    N  N   . ASN A 1 4   ? -29.663 1.298   -0.502  1.00 89.97  ? 152 ASN A N   1 
ATOM   6    C  CA  . ASN A 1 4   ? -28.350 0.997   -1.074  1.00 90.94  ? 152 ASN A CA  1 
ATOM   7    C  C   . ASN A 1 4   ? -27.239 1.806   -0.406  1.00 86.72  ? 152 ASN A C   1 
ATOM   8    O  O   . ASN A 1 4   ? -26.831 2.862   -0.903  1.00 82.50  ? 152 ASN A O   1 
ATOM   9    C  CB  . ASN A 1 4   ? -28.342 1.231   -2.590  1.00 93.45  ? 152 ASN A CB  1 
ATOM   10   C  CG  . ASN A 1 4   ? -28.773 -0.002  -3.374  1.00 96.35  ? 152 ASN A CG  1 
ATOM   11   O  OD1 . ASN A 1 4   ? -28.531 -1.140  -2.953  1.00 89.22  ? 152 ASN A OD1 1 
ATOM   12   N  ND2 . ASN A 1 4   ? -29.416 0.219   -4.520  1.00 96.66  ? 152 ASN A ND2 1 
ATOM   13   N  N   . PHE A 1 5   ? -26.761 1.294   0.726   1.00 82.85  ? 153 PHE A N   1 
ATOM   14   C  CA  . PHE A 1 5   ? -25.745 1.967   1.523   1.00 73.17  ? 153 PHE A CA  1 
ATOM   15   C  C   . PHE A 1 5   ? -24.379 1.340   1.295   1.00 68.98  ? 153 PHE A C   1 
ATOM   16   O  O   . PHE A 1 5   ? -24.156 0.171   1.633   1.00 72.58  ? 153 PHE A O   1 
ATOM   17   C  CB  . PHE A 1 5   ? -26.094 1.867   3.008   1.00 72.59  ? 153 PHE A CB  1 
ATOM   18   C  CG  . PHE A 1 5   ? -25.749 3.098   3.793   1.00 68.89  ? 153 PHE A CG  1 
ATOM   19   C  CD1 . PHE A 1 5   ? -24.524 3.213   4.430   1.00 63.91  ? 153 PHE A CD1 1 
ATOM   20   C  CD2 . PHE A 1 5   ? -26.654 4.147   3.891   1.00 71.03  ? 153 PHE A CD2 1 
ATOM   21   C  CE1 . PHE A 1 5   ? -24.205 4.359   5.156   1.00 61.09  ? 153 PHE A CE1 1 
ATOM   22   C  CE2 . PHE A 1 5   ? -26.348 5.292   4.618   1.00 64.08  ? 153 PHE A CE2 1 
ATOM   23   C  CZ  . PHE A 1 5   ? -25.123 5.397   5.249   1.00 62.29  ? 153 PHE A CZ  1 
ATOM   24   N  N   . ASN A 1 6   ? -23.461 2.120   0.738   1.00 65.82  ? 154 ASN A N   1 
ATOM   25   C  CA  . ASN A 1 6   ? -22.134 1.603   0.389   1.00 59.85  ? 154 ASN A CA  1 
ATOM   26   C  C   . ASN A 1 6   ? -21.025 2.581   0.792   1.00 56.36  ? 154 ASN A C   1 
ATOM   27   O  O   . ASN A 1 6   ? -20.553 3.371   -0.040  1.00 56.87  ? 154 ASN A O   1 
ATOM   28   C  CB  . ASN A 1 6   ? -22.062 1.310   -1.117  1.00 62.39  ? 154 ASN A CB  1 
ATOM   29   C  CG  . ASN A 1 6   ? -22.816 0.041   -1.511  1.00 63.87  ? 154 ASN A CG  1 
ATOM   30   O  OD1 . ASN A 1 6   ? -22.602 -1.026  -0.933  1.00 66.49  ? 154 ASN A OD1 1 
ATOM   31   N  ND2 . ASN A 1 6   ? -23.695 0.154   -2.502  1.00 64.67  ? 154 ASN A ND2 1 
ATOM   32   N  N   . VAL A 1 7   ? -20.612 2.528   2.063   1.00 53.72  ? 155 VAL A N   1 
ATOM   33   C  CA  . VAL A 1 7   ? -19.592 3.445   2.582   1.00 47.00  ? 155 VAL A CA  1 
ATOM   34   C  C   . VAL A 1 7   ? -18.282 3.365   1.802   1.00 43.52  ? 155 VAL A C   1 
ATOM   35   O  O   . VAL A 1 7   ? -17.561 4.354   1.712   1.00 47.82  ? 155 VAL A O   1 
ATOM   36   C  CB  . VAL A 1 7   ? -19.273 3.196   4.074   1.00 45.02  ? 155 VAL A CB  1 
ATOM   37   C  CG1 . VAL A 1 7   ? -20.467 3.567   4.938   1.00 45.30  ? 155 VAL A CG1 1 
ATOM   38   C  CG2 . VAL A 1 7   ? -18.843 1.730   4.299   1.00 44.11  ? 155 VAL A CG2 1 
ATOM   39   N  N   . ALA A 1 8   ? -17.982 2.197   1.237   1.00 48.74  ? 156 ALA A N   1 
ATOM   40   C  CA  . ALA A 1 8   ? -16.740 2.003   0.484   1.00 44.85  ? 156 ALA A CA  1 
ATOM   41   C  C   . ALA A 1 8   ? -16.580 2.977   -0.676  1.00 42.17  ? 156 ALA A C   1 
ATOM   42   O  O   . ALA A 1 8   ? -15.451 3.258   -1.098  1.00 46.23  ? 156 ALA A O   1 
ATOM   43   C  CB  . ALA A 1 8   ? -16.620 0.574   -0.006  1.00 45.37  ? 156 ALA A CB  1 
ATOM   44   N  N   . HIS A 1 9   ? -17.685 3.506   -1.204  1.00 47.01  ? 157 HIS A N   1 
ATOM   45   C  CA  . HIS A 1 9   ? -17.575 4.425   -2.341  1.00 46.19  ? 157 HIS A CA  1 
ATOM   46   C  C   . HIS A 1 9   ? -16.900 5.721   -1.929  1.00 46.04  ? 157 HIS A C   1 
ATOM   47   O  O   . HIS A 1 9   ? -15.977 6.180   -2.590  1.00 46.79  ? 157 HIS A O   1 
ATOM   48   C  CB  . HIS A 1 9   ? -18.930 4.733   -2.979  1.00 51.44  ? 157 HIS A CB  1 
ATOM   49   C  CG  . HIS A 1 9   ? -19.496 3.592   -3.755  1.00 58.34  ? 157 HIS A CG  1 
ATOM   50   N  ND1 . HIS A 1 9   ? -20.856 3.411   -3.931  1.00 58.02  ? 157 HIS A ND1 1 
ATOM   51   C  CD2 . HIS A 1 9   ? -18.895 2.564   -4.403  1.00 55.55  ? 157 HIS A CD2 1 
ATOM   52   C  CE1 . HIS A 1 9   ? -21.064 2.327   -4.642  1.00 63.46  ? 157 HIS A CE1 1 
ATOM   53   N  NE2 . HIS A 1 9   ? -19.889 1.786   -4.947  1.00 60.34  ? 157 HIS A NE2 1 
ATOM   54   N  N   . GLY A 1 10  ? -17.351 6.306   -0.828  1.00 42.19  ? 158 GLY A N   1 
ATOM   55   C  CA  . GLY A 1 10  ? -16.797 7.567   -0.382  1.00 42.81  ? 158 GLY A CA  1 
ATOM   56   C  C   . GLY A 1 10  ? -15.416 7.398   0.197   1.00 42.18  ? 158 GLY A C   1 
ATOM   57   O  O   . GLY A 1 10  ? -14.573 8.280   0.050   1.00 38.94  ? 158 GLY A O   1 
ATOM   58   N  N   . LEU A 1 11  ? -15.182 6.266   0.858   1.00 41.15  ? 159 LEU A N   1 
ATOM   59   C  CA  . LEU A 1 11  ? -13.878 5.984   1.463   1.00 38.36  ? 159 LEU A CA  1 
ATOM   60   C  C   . LEU A 1 11  ? -12.785 5.872   0.381   1.00 44.32  ? 159 LEU A C   1 
ATOM   61   O  O   . LEU A 1 11  ? -11.667 6.392   0.543   1.00 38.47  ? 159 LEU A O   1 
ATOM   62   C  CB  . LEU A 1 11  ? -13.954 4.700   2.289   1.00 39.95  ? 159 LEU A CB  1 
ATOM   63   C  CG  . LEU A 1 11  ? -14.799 4.690   3.576   1.00 46.19  ? 159 LEU A CG  1 
ATOM   64   C  CD1 . LEU A 1 11  ? -14.891 3.267   4.142   1.00 45.93  ? 159 LEU A CD1 1 
ATOM   65   C  CD2 . LEU A 1 11  ? -14.192 5.611   4.610   1.00 41.20  ? 159 LEU A CD2 1 
ATOM   66   N  N   . ALA A 1 12  ? -13.122 5.209   -0.729  1.00 40.24  ? 160 ALA A N   1 
ATOM   67   C  CA  . ALA A 1 12  ? -12.190 5.046   -1.835  1.00 40.21  ? 160 ALA A CA  1 
ATOM   68   C  C   . ALA A 1 12  ? -11.941 6.394   -2.528  1.00 39.70  ? 160 ALA A C   1 
ATOM   69   O  O   . ALA A 1 12  ? -10.797 6.809   -2.752  1.00 39.55  ? 160 ALA A O   1 
ATOM   70   C  CB  . ALA A 1 12  ? -12.732 4.026   -2.821  1.00 39.97  ? 160 ALA A CB  1 
ATOM   71   N  N   . TRP A 1 13  ? -13.012 7.105   -2.835  1.00 39.69  ? 161 TRP A N   1 
ATOM   72   C  CA  . TRP A 1 13  ? -12.883 8.422   -3.455  1.00 41.12  ? 161 TRP A CA  1 
ATOM   73   C  C   . TRP A 1 13  ? -12.108 9.411   -2.614  1.00 40.72  ? 161 TRP A C   1 
ATOM   74   O  O   . TRP A 1 13  ? -11.296 10.188  -3.124  1.00 42.25  ? 161 TRP A O   1 
ATOM   75   C  CB  . TRP A 1 13  ? -14.253 8.961   -3.772  1.00 38.40  ? 161 TRP A CB  1 
ATOM   76   C  CG  . TRP A 1 13  ? -14.636 8.579   -5.140  1.00 44.46  ? 161 TRP A CG  1 
ATOM   77   C  CD1 . TRP A 1 13  ? -15.576 7.660   -5.510  1.00 45.53  ? 161 TRP A CD1 1 
ATOM   78   C  CD2 . TRP A 1 13  ? -14.043 9.073   -6.356  1.00 42.77  ? 161 TRP A CD2 1 
ATOM   79   N  NE1 . TRP A 1 13  ? -15.624 7.572   -6.883  1.00 49.76  ? 161 TRP A NE1 1 
ATOM   80   C  CE2 . TRP A 1 13  ? -14.706 8.426   -7.419  1.00 44.73  ? 161 TRP A CE2 1 
ATOM   81   C  CE3 . TRP A 1 13  ? -13.033 10.002  -6.635  1.00 48.24  ? 161 TRP A CE3 1 
ATOM   82   C  CZ2 . TRP A 1 13  ? -14.369 8.680   -8.762  1.00 47.89  ? 161 TRP A CZ2 1 
ATOM   83   C  CZ3 . TRP A 1 13  ? -12.710 10.253  -7.977  1.00 41.27  ? 161 TRP A CZ3 1 
ATOM   84   C  CH2 . TRP A 1 13  ? -13.379 9.588   -9.013  1.00 46.96  ? 161 TRP A CH2 1 
ATOM   85   N  N   . SER A 1 14  ? -12.338 9.351   -1.314  1.00 40.25  ? 162 SER A N   1 
ATOM   86   C  CA  . SER A 1 14  ? -11.647 10.216  -0.384  1.00 39.92  ? 162 SER A CA  1 
ATOM   87   C  C   . SER A 1 14  ? -10.186 9.848   -0.268  1.00 38.85  ? 162 SER A C   1 
ATOM   88   O  O   . SER A 1 14  ? -9.341  10.725  -0.187  1.00 38.78  ? 162 SER A O   1 
ATOM   89   C  CB  . SER A 1 14  ? -12.297 10.121  0.987   1.00 41.25  ? 162 SER A CB  1 
ATOM   90   O  OG  . SER A 1 14  ? -11.475 10.751  1.942   1.00 44.98  ? 162 SER A OG  1 
ATOM   91   N  N   . TYR A 1 15  ? -9.898  8.547   -0.234  1.00 39.53  ? 163 TYR A N   1 
ATOM   92   C  CA  . TYR A 1 15  ? -8.518  8.049   -0.225  1.00 39.99  ? 163 TYR A CA  1 
ATOM   93   C  C   . TYR A 1 15  ? -7.736  8.517   -1.454  1.00 37.71  ? 163 TYR A C   1 
ATOM   94   O  O   . TYR A 1 15  ? -6.583  8.947   -1.354  1.00 42.58  ? 163 TYR A O   1 
ATOM   95   C  CB  . TYR A 1 15  ? -8.521  6.517   -0.162  1.00 38.66  ? 163 TYR A CB  1 
ATOM   96   C  CG  . TYR A 1 15  ? -7.177  5.878   0.094   1.00 37.63  ? 163 TYR A CG  1 
ATOM   97   C  CD1 . TYR A 1 15  ? -6.416  6.228   1.203   1.00 38.73  ? 163 TYR A CD1 1 
ATOM   98   C  CD2 . TYR A 1 15  ? -6.687  4.900   -0.755  1.00 41.39  ? 163 TYR A CD2 1 
ATOM   99   C  CE1 . TYR A 1 15  ? -5.185  5.630   1.453   1.00 36.72  ? 163 TYR A CE1 1 
ATOM   100  C  CE2 . TYR A 1 15  ? -5.444  4.282   -0.521  1.00 36.33  ? 163 TYR A CE2 1 
ATOM   101  C  CZ  . TYR A 1 15  ? -4.709  4.654   0.581   1.00 40.35  ? 163 TYR A CZ  1 
ATOM   102  O  OH  . TYR A 1 15  ? -3.497  4.068   0.825   1.00 43.58  ? 163 TYR A OH  1 
ATOM   103  N  N   . TYR A 1 16  ? -8.352  8.403   -2.626  1.00 38.00  ? 164 TYR A N   1 
ATOM   104  C  CA  . TYR A 1 16  ? -7.726  8.865   -3.850  1.00 42.77  ? 164 TYR A CA  1 
ATOM   105  C  C   . TYR A 1 16  ? -7.537  10.393  -3.890  1.00 46.37  ? 164 TYR A C   1 
ATOM   106  O  O   . TYR A 1 16  ? -6.418  10.895  -4.088  1.00 42.65  ? 164 TYR A O   1 
ATOM   107  C  CB  . TYR A 1 16  ? -8.528  8.415   -5.077  1.00 43.79  ? 164 TYR A CB  1 
ATOM   108  C  CG  . TYR A 1 16  ? -7.938  8.963   -6.365  1.00 50.04  ? 164 TYR A CG  1 
ATOM   109  C  CD1 . TYR A 1 16  ? -8.517  10.043  -7.018  1.00 44.95  ? 164 TYR A CD1 1 
ATOM   110  C  CD2 . TYR A 1 16  ? -6.775  8.420   -6.907  1.00 48.58  ? 164 TYR A CD2 1 
ATOM   111  C  CE1 . TYR A 1 16  ? -7.963  10.560  -8.196  1.00 52.87  ? 164 TYR A CE1 1 
ATOM   112  C  CE2 . TYR A 1 16  ? -6.212  8.934   -8.087  1.00 52.84  ? 164 TYR A CE2 1 
ATOM   113  C  CZ  . TYR A 1 16  ? -6.816  9.999   -8.728  1.00 52.23  ? 164 TYR A CZ  1 
ATOM   114  O  OH  . TYR A 1 16  ? -6.266  10.519  -9.885  1.00 64.21  ? 164 TYR A OH  1 
ATOM   115  N  N   . ILE A 1 17  ? -8.632  11.127  -3.701  1.00 45.40  ? 165 ILE A N   1 
ATOM   116  C  CA  . ILE A 1 17  ? -8.621  12.588  -3.842  1.00 46.79  ? 165 ILE A CA  1 
ATOM   117  C  C   . ILE A 1 17  ? -7.749  13.260  -2.778  1.00 49.73  ? 165 ILE A C   1 
ATOM   118  O  O   . ILE A 1 17  ? -6.969  14.162  -3.091  1.00 49.08  ? 165 ILE A O   1 
ATOM   119  C  CB  . ILE A 1 17  ? -10.070 13.157  -3.770  1.00 44.42  ? 165 ILE A CB  1 
ATOM   120  C  CG1 . ILE A 1 17  ? -10.829 12.853  -5.073  1.00 45.63  ? 165 ILE A CG1 1 
ATOM   121  C  CG2 . ILE A 1 17  ? -10.075 14.638  -3.418  1.00 47.24  ? 165 ILE A CG2 1 
ATOM   122  C  CD1 . ILE A 1 17  ? -10.374 13.634  -6.308  1.00 48.78  ? 165 ILE A CD1 1 
ATOM   123  N  N   . GLY A 1 18  ? -7.850  12.792  -1.534  1.00 46.90  ? 166 GLY A N   1 
ATOM   124  C  CA  . GLY A 1 18  ? -7.210  13.465  -0.417  1.00 42.56  ? 166 GLY A CA  1 
ATOM   125  C  C   . GLY A 1 18  ? -5.826  12.958  -0.068  1.00 48.86  ? 166 GLY A C   1 
ATOM   126  O  O   . GLY A 1 18  ? -5.142  13.556  0.761   1.00 50.06  ? 166 GLY A O   1 
ATOM   127  N  N   . TYR A 1 19  ? -5.399  11.857  -0.682  1.00 49.14  ? 167 TYR A N   1 
ATOM   128  C  CA  . TYR A 1 19  ? -4.083  11.296  -0.353  1.00 45.73  ? 167 TYR A CA  1 
ATOM   129  C  C   . TYR A 1 19  ? -3.288  10.836  -1.581  1.00 49.45  ? 167 TYR A C   1 
ATOM   130  O  O   . TYR A 1 19  ? -2.249  11.419  -1.885  1.00 51.07  ? 167 TYR A O   1 
ATOM   131  C  CB  . TYR A 1 19  ? -4.191  10.178  0.696   1.00 46.72  ? 167 TYR A CB  1 
ATOM   132  C  CG  . TYR A 1 19  ? -2.858  9.522   1.035   1.00 49.36  ? 167 TYR A CG  1 
ATOM   133  C  CD1 . TYR A 1 19  ? -1.897  10.191  1.793   1.00 52.84  ? 167 TYR A CD1 1 
ATOM   134  C  CD2 . TYR A 1 19  ? -2.569  8.226   0.620   1.00 49.67  ? 167 TYR A CD2 1 
ATOM   135  C  CE1 . TYR A 1 19  ? -0.665  9.594   2.095   1.00 56.26  ? 167 TYR A CE1 1 
ATOM   136  C  CE2 . TYR A 1 19  ? -1.341  7.620   0.924   1.00 50.73  ? 167 TYR A CE2 1 
ATOM   137  C  CZ  . TYR A 1 19  ? -0.399  8.308   1.660   1.00 54.71  ? 167 TYR A CZ  1 
ATOM   138  O  OH  . TYR A 1 19  ? 0.804   7.713   1.970   1.00 52.84  ? 167 TYR A OH  1 
ATOM   139  N  N   . LEU A 1 20  ? -3.773  9.809   -2.282  1.00 43.81  ? 168 LEU A N   1 
ATOM   140  C  CA  . LEU A 1 20  ? -3.030  9.233   -3.406  1.00 48.99  ? 168 LEU A CA  1 
ATOM   141  C  C   . LEU A 1 20  ? -2.725  10.217  -4.539  1.00 49.79  ? 168 LEU A C   1 
ATOM   142  O  O   . LEU A 1 20  ? -1.632  10.203  -5.104  1.00 47.35  ? 168 LEU A O   1 
ATOM   143  C  CB  . LEU A 1 20  ? -3.734  7.989   -3.971  1.00 40.90  ? 168 LEU A CB  1 
ATOM   144  C  CG  . LEU A 1 20  ? -3.750  6.779   -3.027  1.00 45.81  ? 168 LEU A CG  1 
ATOM   145  C  CD1 . LEU A 1 20  ? -4.669  5.708   -3.587  1.00 42.56  ? 168 LEU A CD1 1 
ATOM   146  C  CD2 . LEU A 1 20  ? -2.347  6.216   -2.850  1.00 44.34  ? 168 LEU A CD2 1 
ATOM   147  N  N   . ARG A 1 21  ? -3.699  11.056  -4.875  1.00 51.78  ? 169 ARG A N   1 
ATOM   148  C  CA  . ARG A 1 21  ? -3.532  12.089  -5.896  1.00 55.09  ? 169 ARG A CA  1 
ATOM   149  C  C   . ARG A 1 21  ? -2.419  13.074  -5.539  1.00 54.20  ? 169 ARG A C   1 
ATOM   150  O  O   . ARG A 1 21  ? -1.784  13.653  -6.407  1.00 60.65  ? 169 ARG A O   1 
ATOM   151  C  CB  . ARG A 1 21  ? -4.840  12.878  -6.023  1.00 56.50  ? 169 ARG A CB  1 
ATOM   152  C  CG  . ARG A 1 21  ? -5.341  12.994  -7.432  1.00 60.11  ? 169 ARG A CG  1 
ATOM   153  C  CD  . ARG A 1 21  ? -6.489  13.966  -7.528  1.00 54.76  ? 169 ARG A CD  1 
ATOM   154  N  NE  . ARG A 1 21  ? -6.564  14.866  -6.380  1.00 61.89  ? 169 ARG A NE  1 
ATOM   155  C  CZ  . ARG A 1 21  ? -7.207  16.032  -6.394  1.00 63.78  ? 169 ARG A CZ  1 
ATOM   156  N  NH1 . ARG A 1 21  ? -7.808  16.432  -7.508  1.00 52.33  ? 169 ARG A NH1 1 
ATOM   157  N  NH2 . ARG A 1 21  ? -7.245  16.793  -5.302  1.00 65.35  ? 169 ARG A NH2 1 
ATOM   158  N  N   . LEU A 1 22  ? -2.208  13.279  -4.248  1.00 57.69  ? 170 LEU A N   1 
ATOM   159  C  CA  . LEU A 1 22  ? -1.232  14.253  -3.784  1.00 62.16  ? 170 LEU A CA  1 
ATOM   160  C  C   . LEU A 1 22  ? 0.167   13.641  -3.678  1.00 64.83  ? 170 LEU A C   1 
ATOM   161  O  O   . LEU A 1 22  ? 1.170   14.279  -4.016  1.00 66.93  ? 170 LEU A O   1 
ATOM   162  C  CB  . LEU A 1 22  ? -1.676  14.809  -2.429  1.00 59.26  ? 170 LEU A CB  1 
ATOM   163  C  CG  . LEU A 1 22  ? -2.537  16.084  -2.396  1.00 67.76  ? 170 LEU A CG  1 
ATOM   164  C  CD1 . LEU A 1 22  ? -3.400  16.240  -3.650  1.00 67.36  ? 170 LEU A CD1 1 
ATOM   165  C  CD2 . LEU A 1 22  ? -3.411  16.141  -1.136  1.00 58.24  ? 170 LEU A CD2 1 
ATOM   166  N  N   . ILE A 1 23  ? 0.219   12.388  -3.235  1.00 58.15  ? 171 ILE A N   1 
ATOM   167  C  CA  . ILE A 1 23  ? 1.477   11.739  -2.887  1.00 54.97  ? 171 ILE A CA  1 
ATOM   168  C  C   . ILE A 1 23  ? 2.170   11.100  -4.103  1.00 55.91  ? 171 ILE A C   1 
ATOM   169  O  O   . ILE A 1 23  ? 3.401   11.160  -4.247  1.00 60.91  ? 171 ILE A O   1 
ATOM   170  C  CB  . ILE A 1 23  ? 1.249   10.748  -1.687  1.00 61.50  ? 171 ILE A CB  1 
ATOM   171  C  CG1 . ILE A 1 23  ? 2.460   10.706  -0.757  1.00 69.18  ? 171 ILE A CG1 1 
ATOM   172  C  CG2 . ILE A 1 23  ? 0.832   9.352   -2.155  1.00 53.31  ? 171 ILE A CG2 1 
ATOM   173  C  CD1 . ILE A 1 23  ? 3.478   9.661   -1.149  1.00 76.18  ? 171 ILE A CD1 1 
ATOM   174  N  N   . LEU A 1 24  ? 1.372   10.536  -5.003  1.00 51.32  ? 172 LEU A N   1 
ATOM   175  C  CA  . LEU A 1 24  ? 1.890   9.775   -6.135  1.00 51.14  ? 172 LEU A CA  1 
ATOM   176  C  C   . LEU A 1 24  ? 2.723   10.523  -7.203  1.00 60.55  ? 172 LEU A C   1 
ATOM   177  O  O   . LEU A 1 24  ? 3.686   9.956   -7.730  1.00 57.19  ? 172 LEU A O   1 
ATOM   178  C  CB  . LEU A 1 24  ? 0.756   8.990   -6.807  1.00 50.43  ? 172 LEU A CB  1 
ATOM   179  C  CG  . LEU A 1 24  ? 0.196   7.802   -6.014  1.00 51.81  ? 172 LEU A CG  1 
ATOM   180  C  CD1 . LEU A 1 24  ? -0.729  6.956   -6.879  1.00 48.65  ? 172 LEU A CD1 1 
ATOM   181  C  CD2 . LEU A 1 24  ? 1.328   6.960   -5.447  1.00 58.37  ? 172 LEU A CD2 1 
ATOM   182  N  N   . PRO A 1 25  ? 2.339   11.765  -7.563  1.00 54.42  ? 173 PRO A N   1 
ATOM   183  C  CA  . PRO A 1 25  ? 3.133   12.463  -8.595  1.00 61.84  ? 173 PRO A CA  1 
ATOM   184  C  C   . PRO A 1 25  ? 4.628   12.591  -8.273  1.00 58.20  ? 173 PRO A C   1 
ATOM   185  O  O   . PRO A 1 25  ? 5.462   12.397  -9.150  1.00 64.63  ? 173 PRO A O   1 
ATOM   186  C  CB  . PRO A 1 25  ? 2.493   13.856  -8.649  1.00 61.34  ? 173 PRO A CB  1 
ATOM   187  C  CG  . PRO A 1 25  ? 1.069   13.612  -8.259  1.00 65.01  ? 173 PRO A CG  1 
ATOM   188  C  CD  . PRO A 1 25  ? 1.073   12.467  -7.276  1.00 55.01  ? 173 PRO A CD  1 
ATOM   189  N  N   . GLU A 1 26  ? 4.951   12.889  -7.024  1.00 60.89  ? 174 GLU A N   1 
ATOM   190  C  CA  . GLU A 1 26  ? 6.324   13.130  -6.595  1.00 63.97  ? 174 GLU A CA  1 
ATOM   191  C  C   . GLU A 1 26  ? 7.083   11.838  -6.237  1.00 71.90  ? 174 GLU A C   1 
ATOM   192  O  O   . GLU A 1 26  ? 8.305   11.844  -6.047  1.00 76.04  ? 174 GLU A O   1 
ATOM   193  C  CB  . GLU A 1 26  ? 6.288   14.085  -5.396  1.00 77.30  ? 174 GLU A CB  1 
ATOM   194  C  CG  . GLU A 1 26  ? 4.872   14.249  -4.817  1.00 76.69  ? 174 GLU A CG  1 
ATOM   195  C  CD  . GLU A 1 26  ? 4.700   15.519  -4.000  1.00 98.14  ? 174 GLU A CD  1 
ATOM   196  O  OE1 . GLU A 1 26  ? 4.263   16.551  -4.570  1.00 100.35 ? 174 GLU A OE1 1 
ATOM   197  O  OE2 . GLU A 1 26  ? 4.991   15.485  -2.782  1.00 99.64  ? 174 GLU A OE2 1 
ATOM   198  N  N   . LEU A 1 27  ? 6.352   10.730  -6.171  1.00 68.57  ? 175 LEU A N   1 
ATOM   199  C  CA  . LEU A 1 27  ? 6.880   9.479   -5.637  1.00 66.06  ? 175 LEU A CA  1 
ATOM   200  C  C   . LEU A 1 27  ? 8.093   8.949   -6.386  1.00 70.40  ? 175 LEU A C   1 
ATOM   201  O  O   . LEU A 1 27  ? 9.110   8.635   -5.769  1.00 73.03  ? 175 LEU A O   1 
ATOM   202  C  CB  . LEU A 1 27  ? 5.801   8.393   -5.633  1.00 62.59  ? 175 LEU A CB  1 
ATOM   203  C  CG  . LEU A 1 27  ? 6.272   7.127   -4.907  1.00 67.03  ? 175 LEU A CG  1 
ATOM   204  C  CD1 . LEU A 1 27  ? 6.427   7.412   -3.414  1.00 72.23  ? 175 LEU A CD1 1 
ATOM   205  C  CD2 . LEU A 1 27  ? 5.352   5.937   -5.155  1.00 64.19  ? 175 LEU A CD2 1 
ATOM   206  N  N   . GLN A 1 28  ? 7.974   8.838   -7.707  1.00 73.18  ? 176 GLN A N   1 
ATOM   207  C  CA  . GLN A 1 28  ? 9.034   8.267   -8.543  1.00 77.67  ? 176 GLN A CA  1 
ATOM   208  C  C   . GLN A 1 28  ? 10.363  9.003   -8.393  1.00 79.74  ? 176 GLN A C   1 
ATOM   209  O  O   . GLN A 1 28  ? 11.428  8.378   -8.330  1.00 80.54  ? 176 GLN A O   1 
ATOM   210  C  CB  . GLN A 1 28  ? 8.606   8.286   -10.008 1.00 79.13  ? 176 GLN A CB  1 
ATOM   211  C  CG  . GLN A 1 28  ? 9.332   7.317   -10.899 1.00 84.81  ? 176 GLN A CG  1 
ATOM   212  C  CD  . GLN A 1 28  ? 8.441   6.851   -12.025 1.00 91.19  ? 176 GLN A CD  1 
ATOM   213  O  OE1 . GLN A 1 28  ? 7.271   7.245   -12.104 1.00 93.69  ? 176 GLN A OE1 1 
ATOM   214  N  NE2 . GLN A 1 28  ? 8.980   6.009   -12.901 1.00 85.16  ? 176 GLN A NE2 1 
ATOM   215  N  N   . ALA A 1 29  ? 10.292  10.330  -8.342  1.00 77.67  ? 177 ALA A N   1 
ATOM   216  C  CA  . ALA A 1 29  ? 11.484  11.162  -8.220  1.00 77.65  ? 177 ALA A CA  1 
ATOM   217  C  C   . ALA A 1 29  ? 12.150  10.978  -6.860  1.00 76.58  ? 177 ALA A C   1 
ATOM   218  O  O   . ALA A 1 29  ? 13.369  10.831  -6.778  1.00 79.39  ? 177 ALA A O   1 
ATOM   219  C  CB  . ALA A 1 29  ? 11.136  12.624  -8.449  1.00 78.77  ? 177 ALA A CB  1 
ATOM   220  N  N   . ARG A 1 30  ? 11.344  10.992  -5.801  1.00 73.54  ? 178 ARG A N   1 
ATOM   221  C  CA  . ARG A 1 30  ? 11.836  10.715  -4.449  1.00 77.13  ? 178 ARG A CA  1 
ATOM   222  C  C   . ARG A 1 30  ? 12.462  9.323   -4.307  1.00 73.08  ? 178 ARG A C   1 
ATOM   223  O  O   . ARG A 1 30  ? 13.362  9.136   -3.486  1.00 71.67  ? 178 ARG A O   1 
ATOM   224  C  CB  . ARG A 1 30  ? 10.715  10.878  -3.418  1.00 76.19  ? 178 ARG A CB  1 
ATOM   225  C  CG  . ARG A 1 30  ? 10.444  12.307  -2.989  1.00 75.79  ? 178 ARG A CG  1 
ATOM   226  C  CD  . ARG A 1 30  ? 9.116   12.407  -2.238  1.00 81.68  ? 178 ARG A CD  1 
ATOM   227  N  NE  . ARG A 1 30  ? 9.158   11.784  -0.913  1.00 82.81  ? 178 ARG A NE  1 
ATOM   228  C  CZ  . ARG A 1 30  ? 8.133   11.150  -0.346  1.00 78.67  ? 178 ARG A CZ  1 
ATOM   229  N  NH1 . ARG A 1 30  ? 6.979   11.039  -0.991  1.00 79.15  ? 178 ARG A NH1 1 
ATOM   230  N  NH2 . ARG A 1 30  ? 8.266   10.621  0.862   1.00 76.05  ? 178 ARG A NH2 1 
ATOM   231  N  N   . ILE A 1 31  ? 11.976  8.356   -5.091  1.00 68.97  ? 179 ILE A N   1 
ATOM   232  C  CA  . ILE A 1 31  ? 12.485  6.978   -5.046  1.00 73.68  ? 179 ILE A CA  1 
ATOM   233  C  C   . ILE A 1 31  ? 13.758  6.860   -5.884  1.00 77.30  ? 179 ILE A C   1 
ATOM   234  O  O   . ILE A 1 31  ? 14.704  6.167   -5.501  1.00 78.65  ? 179 ILE A O   1 
ATOM   235  C  CB  . ILE A 1 31  ? 11.439  5.925   -5.543  1.00 69.85  ? 179 ILE A CB  1 
ATOM   236  C  CG1 . ILE A 1 31  ? 10.274  5.775   -4.561  1.00 70.69  ? 179 ILE A CG1 1 
ATOM   237  C  CG2 . ILE A 1 31  ? 12.072  4.559   -5.720  1.00 65.02  ? 179 ILE A CG2 1 
ATOM   238  C  CD1 . ILE A 1 31  ? 9.300   4.654   -4.955  1.00 61.55  ? 179 ILE A CD1 1 
ATOM   239  N  N   . ARG A 1 32  ? 13.773  7.532   -7.033  1.00 78.16  ? 180 ARG A N   1 
ATOM   240  C  CA  . ARG A 1 32  ? 14.983  7.641   -7.837  1.00 78.56  ? 180 ARG A CA  1 
ATOM   241  C  C   . ARG A 1 32  ? 16.101  8.310   -7.044  1.00 79.89  ? 180 ARG A C   1 
ATOM   242  O  O   . ARG A 1 32  ? 17.203  7.770   -6.922  1.00 78.64  ? 180 ARG A O   1 
ATOM   243  C  CB  . ARG A 1 32  ? 14.719  8.453   -9.103  1.00 80.07  ? 180 ARG A CB  1 
ATOM   244  C  CG  . ARG A 1 32  ? 14.100  7.677   -10.249 1.00 81.63  ? 180 ARG A CG  1 
ATOM   245  C  CD  . ARG A 1 32  ? 14.702  8.153   -11.562 1.00 93.04  ? 180 ARG A CD  1 
ATOM   246  N  NE  . ARG A 1 32  ? 13.769  8.101   -12.684 1.00 98.30  ? 180 ARG A NE  1 
ATOM   247  C  CZ  . ARG A 1 32  ? 12.910  9.071   -12.989 1.00 101.82 ? 180 ARG A CZ  1 
ATOM   248  N  NH1 . ARG A 1 32  ? 12.852  10.170  -12.244 1.00 96.75  ? 180 ARG A NH1 1 
ATOM   249  N  NH2 . ARG A 1 32  ? 12.106  8.939   -14.038 1.00 97.46  ? 180 ARG A NH2 1 
ATOM   250  N  N   . THR A 1 33  ? 15.802  9.482   -6.494  1.00 78.27  ? 181 THR A N   1 
ATOM   251  C  CA  . THR A 1 33  ? 16.803  10.268  -5.779  1.00 83.78  ? 181 THR A CA  1 
ATOM   252  C  C   . THR A 1 33  ? 17.293  9.569   -4.512  1.00 82.82  ? 181 THR A C   1 
ATOM   253  O  O   . THR A 1 33  ? 18.300  9.962   -3.924  1.00 89.08  ? 181 THR A O   1 
ATOM   254  C  CB  . THR A 1 33  ? 16.290  11.692  -5.437  1.00 84.98  ? 181 THR A CB  1 
ATOM   255  O  OG1 . THR A 1 33  ? 17.406  12.566  -5.226  1.00 94.73  ? 181 THR A OG1 1 
ATOM   256  C  CG2 . THR A 1 33  ? 15.423  11.673  -4.196  1.00 84.90  ? 181 THR A CG2 1 
ATOM   257  N  N   . TYR A 1 34  ? 16.580  8.530   -4.094  1.00 78.44  ? 182 TYR A N   1 
ATOM   258  C  CA  . TYR A 1 34  ? 17.015  7.714   -2.974  1.00 77.64  ? 182 TYR A CA  1 
ATOM   259  C  C   . TYR A 1 34  ? 17.823  6.525   -3.504  1.00 76.45  ? 182 TYR A C   1 
ATOM   260  O  O   . TYR A 1 34  ? 18.790  6.084   -2.877  1.00 76.32  ? 182 TYR A O   1 
ATOM   261  C  CB  . TYR A 1 34  ? 15.806  7.235   -2.157  1.00 66.98  ? 182 TYR A CB  1 
ATOM   262  C  CG  . TYR A 1 34  ? 16.154  6.263   -1.055  1.00 66.19  ? 182 TYR A CG  1 
ATOM   263  C  CD1 . TYR A 1 34  ? 16.477  6.709   0.217   1.00 67.78  ? 182 TYR A CD1 1 
ATOM   264  C  CD2 . TYR A 1 34  ? 16.157  4.892   -1.287  1.00 68.80  ? 182 TYR A CD2 1 
ATOM   265  C  CE1 . TYR A 1 34  ? 16.797  5.818   1.228   1.00 64.57  ? 182 TYR A CE1 1 
ATOM   266  C  CE2 . TYR A 1 34  ? 16.480  3.997   -0.287  1.00 69.26  ? 182 TYR A CE2 1 
ATOM   267  C  CZ  . TYR A 1 34  ? 16.795  4.464   0.972   1.00 65.31  ? 182 TYR A CZ  1 
ATOM   268  O  OH  . TYR A 1 34  ? 17.112  3.560   1.969   1.00 61.33  ? 182 TYR A OH  1 
ATOM   269  N  N   . ASN A 1 35  ? 17.409  6.010   -4.658  1.00 69.58  ? 183 ASN A N   1 
ATOM   270  C  CA  . ASN A 1 35  ? 18.045  4.852   -5.268  1.00 70.35  ? 183 ASN A CA  1 
ATOM   271  C  C   . ASN A 1 35  ? 19.471  5.141   -5.739  1.00 76.46  ? 183 ASN A C   1 
ATOM   272  O  O   . ASN A 1 35  ? 20.305  4.239   -5.811  1.00 74.46  ? 183 ASN A O   1 
ATOM   273  C  CB  . ASN A 1 35  ? 17.207  4.343   -6.441  1.00 68.44  ? 183 ASN A CB  1 
ATOM   274  C  CG  . ASN A 1 35  ? 16.182  3.312   -6.030  1.00 67.64  ? 183 ASN A CG  1 
ATOM   275  O  OD1 . ASN A 1 35  ? 16.261  2.736   -4.939  1.00 68.93  ? 183 ASN A OD1 1 
ATOM   276  N  ND2 . ASN A 1 35  ? 15.219  3.053   -6.913  1.00 60.49  ? 183 ASN A ND2 1 
ATOM   277  N  N   . GLN A 1 36  ? 19.744  6.399   -6.069  1.00 74.73  ? 184 GLN A N   1 
ATOM   278  C  CA  . GLN A 1 36  ? 21.091  6.791   -6.453  1.00 82.32  ? 184 GLN A CA  1 
ATOM   279  C  C   . GLN A 1 36  ? 22.049  6.453   -5.315  1.00 83.92  ? 184 GLN A C   1 
ATOM   280  O  O   . GLN A 1 36  ? 23.203  6.088   -5.544  1.00 78.76  ? 184 GLN A O   1 
ATOM   281  C  CB  . GLN A 1 36  ? 21.135  8.275   -6.817  1.00 74.96  ? 184 GLN A CB  1 
ATOM   282  C  CG  . GLN A 1 36  ? 20.354  8.579   -8.085  1.00 77.46  ? 184 GLN A CG  1 
ATOM   283  C  CD  . GLN A 1 36  ? 19.887  10.019  -8.157  1.00 90.35  ? 184 GLN A CD  1 
ATOM   284  O  OE1 . GLN A 1 36  ? 20.230  10.838  -7.301  1.00 91.34  ? 184 GLN A OE1 1 
ATOM   285  N  NE2 . GLN A 1 36  ? 19.092  10.336  -9.177  1.00 92.94  ? 184 GLN A NE2 1 
ATOM   286  N  N   . HIS A 1 37  ? 21.536  6.530   -4.091  1.00 75.62  ? 185 HIS A N   1 
ATOM   287  C  CA  . HIS A 1 37  ? 22.306  6.193   -2.907  1.00 72.70  ? 185 HIS A CA  1 
ATOM   288  C  C   . HIS A 1 37  ? 22.189  4.713   -2.527  1.00 74.90  ? 185 HIS A C   1 
ATOM   289  O  O   . HIS A 1 37  ? 23.176  4.078   -2.160  1.00 69.97  ? 185 HIS A O   1 
ATOM   290  C  CB  . HIS A 1 37  ? 21.876  7.090   -1.747  1.00 82.06  ? 185 HIS A CB  1 
ATOM   291  C  CG  . HIS A 1 37  ? 22.081  8.541   -2.015  1.00 83.73  ? 185 HIS A CG  1 
ATOM   292  N  ND1 . HIS A 1 37  ? 23.297  9.175   -1.822  1.00 82.09  ? 185 HIS A ND1 1 
ATOM   293  C  CD2 . HIS A 1 37  ? 21.242  9.500   -2.482  1.00 82.92  ? 185 HIS A CD2 1 
ATOM   294  C  CE1 . HIS A 1 37  ? 23.190  10.442  -2.142  1.00 82.20  ? 185 HIS A CE1 1 
ATOM   295  N  NE2 . HIS A 1 37  ? 21.948  10.673  -2.549  1.00 82.67  ? 185 HIS A NE2 1 
ATOM   296  N  N   . TYR A 1 38  ? 20.980  4.167   -2.617  1.00 81.04  ? 186 TYR A N   1 
ATOM   297  C  CA  . TYR A 1 38  ? 20.728  2.781   -2.215  1.00 76.16  ? 186 TYR A CA  1 
ATOM   298  C  C   . TYR A 1 38  ? 21.447  1.786   -3.106  1.00 81.80  ? 186 TYR A C   1 
ATOM   299  O  O   . TYR A 1 38  ? 21.835  0.698   -2.658  1.00 83.37  ? 186 TYR A O   1 
ATOM   300  C  CB  . TYR A 1 38  ? 19.231  2.480   -2.228  1.00 69.48  ? 186 TYR A CB  1 
ATOM   301  C  CG  . TYR A 1 38  ? 18.906  1.123   -1.668  1.00 74.85  ? 186 TYR A CG  1 
ATOM   302  C  CD1 . TYR A 1 38  ? 19.570  0.637   -0.549  1.00 76.30  ? 186 TYR A CD1 1 
ATOM   303  C  CD2 . TYR A 1 38  ? 17.938  0.323   -2.251  1.00 77.33  ? 186 TYR A CD2 1 
ATOM   304  C  CE1 . TYR A 1 38  ? 19.279  -0.617  -0.026  1.00 77.40  ? 186 TYR A CE1 1 
ATOM   305  C  CE2 . TYR A 1 38  ? 17.634  -0.932  -1.734  1.00 74.92  ? 186 TYR A CE2 1 
ATOM   306  C  CZ  . TYR A 1 38  ? 18.310  -1.395  -0.625  1.00 73.67  ? 186 TYR A CZ  1 
ATOM   307  O  OH  . TYR A 1 38  ? 18.015  -2.638  -0.120  1.00 67.39  ? 186 TYR A OH  1 
ATOM   308  N  N   . ASN A 1 39  ? 21.589  2.156   -4.377  1.00 80.45  ? 187 ASN A N   1 
ATOM   309  C  CA  . ASN A 1 39  ? 22.364  1.373   -5.314  1.00 77.98  ? 187 ASN A CA  1 
ATOM   310  C  C   . ASN A 1 39  ? 23.809  1.452   -4.873  1.00 80.22  ? 187 ASN A C   1 
ATOM   311  O  O   . ASN A 1 39  ? 24.474  0.438   -4.684  1.00 87.06  ? 187 ASN A O   1 
ATOM   312  C  CB  . ASN A 1 39  ? 22.193  1.914   -6.738  1.00 81.14  ? 187 ASN A CB  1 
ATOM   313  C  CG  . ASN A 1 39  ? 23.338  1.521   -7.661  1.00 85.19  ? 187 ASN A CG  1 
ATOM   314  O  OD1 . ASN A 1 39  ? 23.576  0.333   -7.901  1.00 85.18  ? 187 ASN A OD1 1 
ATOM   315  N  ND2 . ASN A 1 39  ? 24.044  2.522   -8.198  1.00 76.68  ? 187 ASN A ND2 1 
ATOM   316  N  N   . ASN A 1 40  ? 24.286  2.673   -4.674  1.00 73.72  ? 188 ASN A N   1 
ATOM   317  C  CA  . ASN A 1 40  ? 25.673  2.886   -4.295  1.00 74.26  ? 188 ASN A CA  1 
ATOM   318  C  C   . ASN A 1 40  ? 26.046  2.215   -2.977  1.00 78.57  ? 188 ASN A C   1 
ATOM   319  O  O   . ASN A 1 40  ? 27.164  1.725   -2.810  1.00 80.18  ? 188 ASN A O   1 
ATOM   320  C  CB  . ASN A 1 40  ? 25.982  4.383   -4.230  1.00 76.59  ? 188 ASN A CB  1 
ATOM   321  C  CG  . ASN A 1 40  ? 26.814  4.849   -5.406  1.00 75.70  ? 188 ASN A CG  1 
ATOM   322  O  OD1 . ASN A 1 40  ? 27.395  4.033   -6.131  1.00 68.81  ? 188 ASN A OD1 1 
ATOM   323  N  ND2 . ASN A 1 40  ? 26.886  6.164   -5.602  1.00 70.09  ? 188 ASN A ND2 1 
ATOM   324  N  N   . LEU A 1 41  ? 25.106  2.185   -2.041  1.00 76.20  ? 189 LEU A N   1 
ATOM   325  C  CA  . LEU A 1 41  ? 25.397  1.654   -0.716  1.00 83.36  ? 189 LEU A CA  1 
ATOM   326  C  C   . LEU A 1 41  ? 25.279  0.144   -0.668  1.00 87.23  ? 189 LEU A C   1 
ATOM   327  O  O   . LEU A 1 41  ? 26.280  -0.561  -0.538  1.00 90.52  ? 189 LEU A O   1 
ATOM   328  C  CB  . LEU A 1 41  ? 24.490  2.285   0.340   1.00 75.31  ? 189 LEU A CB  1 
ATOM   329  C  CG  . LEU A 1 41  ? 25.111  3.430   1.140   1.00 72.42  ? 189 LEU A CG  1 
ATOM   330  C  CD1 . LEU A 1 41  ? 26.460  3.859   0.575   1.00 68.06  ? 189 LEU A CD1 1 
ATOM   331  C  CD2 . LEU A 1 41  ? 24.156  4.613   1.217   1.00 72.19  ? 189 LEU A CD2 1 
ATOM   332  N  N   . LEU A 1 42  ? 24.051  -0.349  -0.788  1.00 85.52  ? 190 LEU A N   1 
ATOM   333  C  CA  . LEU A 1 42  ? 23.808  -1.780  -0.671  1.00 88.45  ? 190 LEU A CA  1 
ATOM   334  C  C   . LEU A 1 42  ? 23.710  -2.544  -2.002  1.00 90.22  ? 190 LEU A C   1 
ATOM   335  O  O   . LEU A 1 42  ? 23.445  -3.749  -2.000  1.00 93.35  ? 190 LEU A O   1 
ATOM   336  C  CB  . LEU A 1 42  ? 22.563  -2.026  0.184   1.00 89.12  ? 190 LEU A CB  1 
ATOM   337  C  CG  . LEU A 1 42  ? 22.846  -2.092  1.687   1.00 86.60  ? 190 LEU A CG  1 
ATOM   338  C  CD1 . LEU A 1 42  ? 21.610  -1.759  2.504   1.00 80.26  ? 190 LEU A CD1 1 
ATOM   339  C  CD2 . LEU A 1 42  ? 23.402  -3.471  2.065   1.00 91.84  ? 190 LEU A CD2 1 
ATOM   340  N  N   . ARG A 1 43  ? 23.946  -1.861  -3.121  1.00 91.09  ? 191 ARG A N   1 
ATOM   341  C  CA  . ARG A 1 43  ? 23.775  -2.467  -4.447  1.00 92.80  ? 191 ARG A CA  1 
ATOM   342  C  C   . ARG A 1 43  ? 22.388  -3.088  -4.567  1.00 91.98  ? 191 ARG A C   1 
ATOM   343  O  O   . ARG A 1 43  ? 22.230  -4.216  -5.037  1.00 94.42  ? 191 ARG A O   1 
ATOM   344  C  CB  . ARG A 1 43  ? 24.874  -3.500  -4.743  1.00 94.08  ? 191 ARG A CB  1 
ATOM   345  C  CG  . ARG A 1 43  ? 26.268  -2.900  -4.905  1.00 92.47  ? 191 ARG A CG  1 
ATOM   346  C  CD  . ARG A 1 43  ? 26.452  -2.265  -6.278  1.00 90.15  ? 191 ARG A CD  1 
ATOM   347  N  NE  . ARG A 1 43  ? 27.630  -1.400  -6.323  1.00 98.70  ? 191 ARG A NE  1 
ATOM   348  C  CZ  . ARG A 1 43  ? 28.856  -1.798  -6.662  1.00 100.13 ? 191 ARG A CZ  1 
ATOM   349  N  NH1 . ARG A 1 43  ? 29.088  -3.063  -6.997  1.00 91.70  ? 191 ARG A NH1 1 
ATOM   350  N  NH2 . ARG A 1 43  ? 29.854  -0.921  -6.664  1.00 97.36  ? 191 ARG A NH2 1 
ATOM   351  N  N   . GLY A 1 44  ? 21.388  -2.347  -4.103  1.00 86.51  ? 192 GLY A N   1 
ATOM   352  C  CA  . GLY A 1 44  ? 20.009  -2.775  -4.206  1.00 81.22  ? 192 GLY A CA  1 
ATOM   353  C  C   . GLY A 1 44  ? 19.222  -1.708  -4.935  1.00 83.40  ? 192 GLY A C   1 
ATOM   354  O  O   . GLY A 1 44  ? 19.779  -0.701  -5.379  1.00 86.18  ? 192 GLY A O   1 
ATOM   355  N  N   . ALA A 1 45  ? 17.922  -1.928  -5.063  1.00 76.84  ? 193 ALA A N   1 
ATOM   356  C  CA  . ALA A 1 45  ? 17.061  -0.969  -5.731  1.00 71.95  ? 193 ALA A CA  1 
ATOM   357  C  C   . ALA A 1 45  ? 15.650  -1.077  -5.190  1.00 65.17  ? 193 ALA A C   1 
ATOM   358  O  O   . ALA A 1 45  ? 15.088  -2.178  -5.085  1.00 56.65  ? 193 ALA A O   1 
ATOM   359  C  CB  . ALA A 1 45  ? 17.073  -1.186  -7.230  1.00 63.02  ? 193 ALA A CB  1 
ATOM   360  N  N   . VAL A 1 46  ? 15.090  0.080   -4.850  1.00 63.22  ? 194 VAL A N   1 
ATOM   361  C  CA  . VAL A 1 46  ? 13.730  0.176   -4.357  1.00 58.96  ? 194 VAL A CA  1 
ATOM   362  C  C   . VAL A 1 46  ? 12.807  0.297   -5.556  1.00 58.89  ? 194 VAL A C   1 
ATOM   363  O  O   . VAL A 1 46  ? 13.009  1.161   -6.405  1.00 61.05  ? 194 VAL A O   1 
ATOM   364  C  CB  . VAL A 1 46  ? 13.561  1.440   -3.488  1.00 57.23  ? 194 VAL A CB  1 
ATOM   365  C  CG1 . VAL A 1 46  ? 12.136  1.518   -2.911  1.00 51.47  ? 194 VAL A CG1 1 
ATOM   366  C  CG2 . VAL A 1 46  ? 14.612  1.470   -2.389  1.00 52.07  ? 194 VAL A CG2 1 
ATOM   367  N  N   . SER A 1 47  ? 11.801  -0.570  -5.629  1.00 54.93  ? 195 SER A N   1 
ATOM   368  C  CA  . SER A 1 47  ? 10.778  -0.481  -6.676  1.00 60.40  ? 195 SER A CA  1 
ATOM   369  C  C   . SER A 1 47  ? 10.171  0.915   -6.737  1.00 55.89  ? 195 SER A C   1 
ATOM   370  O  O   . SER A 1 47  ? 10.173  1.626   -5.742  1.00 58.58  ? 195 SER A O   1 
ATOM   371  C  CB  . SER A 1 47  ? 9.698   -1.527  -6.438  1.00 61.62  ? 195 SER A CB  1 
ATOM   372  O  OG  . SER A 1 47  ? 10.320  -2.799  -6.277  1.00 63.28  ? 195 SER A OG  1 
ATOM   373  N  N   . GLN A 1 48  ? 9.680   1.319   -7.905  1.00 59.45  ? 196 GLN A N   1 
ATOM   374  C  CA  . GLN A 1 48  ? 9.200   2.692   -8.089  1.00 63.43  ? 196 GLN A CA  1 
ATOM   375  C  C   . GLN A 1 48  ? 7.719   2.878   -7.755  1.00 61.70  ? 196 GLN A C   1 
ATOM   376  O  O   . GLN A 1 48  ? 7.231   4.010   -7.713  1.00 65.73  ? 196 GLN A O   1 
ATOM   377  C  CB  . GLN A 1 48  ? 9.455   3.187   -9.526  1.00 74.22  ? 196 GLN A CB  1 
ATOM   378  C  CG  . GLN A 1 48  ? 10.919  3.414   -9.894  1.00 76.16  ? 196 GLN A CG  1 
ATOM   379  C  CD  . GLN A 1 48  ? 11.080  4.317   -11.114 1.00 89.71  ? 196 GLN A CD  1 
ATOM   380  O  OE1 . GLN A 1 48  ? 10.256  4.296   -12.037 1.00 89.32  ? 196 GLN A OE1 1 
ATOM   381  N  NE2 . GLN A 1 48  ? 12.141  5.122   -11.117 1.00 90.67  ? 196 GLN A NE2 1 
ATOM   382  N  N   . ARG A 1 49  ? 7.000   1.777   -7.552  1.00 55.33  ? 197 ARG A N   1 
ATOM   383  C  CA  . ARG A 1 49  ? 5.569   1.847   -7.265  1.00 53.89  ? 197 ARG A CA  1 
ATOM   384  C  C   . ARG A 1 49  ? 5.317   1.821   -5.757  1.00 53.24  ? 197 ARG A C   1 
ATOM   385  O  O   . ARG A 1 49  ? 5.967   1.053   -5.023  1.00 48.42  ? 197 ARG A O   1 
ATOM   386  C  CB  . ARG A 1 49  ? 4.833   0.658   -7.910  1.00 58.16  ? 197 ARG A CB  1 
ATOM   387  C  CG  . ARG A 1 49  ? 4.171   0.931   -9.260  1.00 65.75  ? 197 ARG A CG  1 
ATOM   388  C  CD  . ARG A 1 49  ? 5.215   1.214   -10.319 1.00 69.64  ? 197 ARG A CD  1 
ATOM   389  N  NE  . ARG A 1 49  ? 4.694   1.301   -11.685 1.00 71.59  ? 197 ARG A NE  1 
ATOM   390  C  CZ  . ARG A 1 49  ? 5.048   0.477   -12.668 1.00 76.90  ? 197 ARG A CZ  1 
ATOM   391  N  NH1 . ARG A 1 49  ? 5.907   -0.509  -12.427 1.00 71.54  ? 197 ARG A NH1 1 
ATOM   392  N  NH2 . ARG A 1 49  ? 4.546   0.637   -13.891 1.00 74.57  ? 197 ARG A NH2 1 
ATOM   393  N  N   . LEU A 1 50  ? 4.374   2.649   -5.305  1.00 47.00  ? 198 LEU A N   1 
ATOM   394  C  CA  . LEU A 1 50  ? 3.832   2.565   -3.951  1.00 45.41  ? 198 LEU A CA  1 
ATOM   395  C  C   . LEU A 1 50  ? 3.021   1.285   -3.837  1.00 42.53  ? 198 LEU A C   1 
ATOM   396  O  O   . LEU A 1 50  ? 2.054   1.098   -4.581  1.00 40.86  ? 198 LEU A O   1 
ATOM   397  C  CB  . LEU A 1 50  ? 2.905   3.759   -3.683  1.00 49.62  ? 198 LEU A CB  1 
ATOM   398  C  CG  . LEU A 1 50  ? 2.231   3.860   -2.319  1.00 48.24  ? 198 LEU A CG  1 
ATOM   399  C  CD1 . LEU A 1 50  ? 3.263   3.866   -1.203  1.00 48.14  ? 198 LEU A CD1 1 
ATOM   400  C  CD2 . LEU A 1 50  ? 1.382   5.105   -2.254  1.00 44.18  ? 198 LEU A CD2 1 
ATOM   401  N  N   . TYR A 1 51  ? 3.405   0.389   -2.932  1.00 42.92  ? 199 TYR A N   1 
ATOM   402  C  CA  . TYR A 1 51  ? 2.575   -0.793  -2.691  1.00 42.96  ? 199 TYR A CA  1 
ATOM   403  C  C   . TYR A 1 51  ? 1.591   -0.578  -1.547  1.00 44.00  ? 199 TYR A C   1 
ATOM   404  O  O   . TYR A 1 51  ? 1.977   -0.188  -0.440  1.00 41.53  ? 199 TYR A O   1 
ATOM   405  C  CB  . TYR A 1 51  ? 3.436   -2.061  -2.501  1.00 40.26  ? 199 TYR A CB  1 
ATOM   406  C  CG  . TYR A 1 51  ? 4.023   -2.529  -3.818  1.00 48.49  ? 199 TYR A CG  1 
ATOM   407  C  CD1 . TYR A 1 51  ? 5.111   -1.878  -4.375  1.00 50.55  ? 199 TYR A CD1 1 
ATOM   408  C  CD2 . TYR A 1 51  ? 3.449   -3.569  -4.537  1.00 52.22  ? 199 TYR A CD2 1 
ATOM   409  C  CE1 . TYR A 1 51  ? 5.645   -2.271  -5.590  1.00 52.65  ? 199 TYR A CE1 1 
ATOM   410  C  CE2 . TYR A 1 51  ? 3.972   -3.973  -5.769  1.00 50.70  ? 199 TYR A CE2 1 
ATOM   411  C  CZ  . TYR A 1 51  ? 5.071   -3.320  -6.292  1.00 51.52  ? 199 TYR A CZ  1 
ATOM   412  O  OH  . TYR A 1 51  ? 5.593   -3.716  -7.518  1.00 59.47  ? 199 TYR A OH  1 
ATOM   413  N  N   . ILE A 1 52  ? 0.315   -0.822  -1.842  1.00 43.64  ? 200 ILE A N   1 
ATOM   414  C  CA  . ILE A 1 52  ? -0.778  -0.598  -0.898  1.00 46.61  ? 200 ILE A CA  1 
ATOM   415  C  C   . ILE A 1 52  ? -1.380  -1.920  -0.386  1.00 43.91  ? 200 ILE A C   1 
ATOM   416  O  O   . ILE A 1 52  ? -1.981  -2.690  -1.139  1.00 43.47  ? 200 ILE A O   1 
ATOM   417  C  CB  . ILE A 1 52  ? -1.895  0.225   -1.543  1.00 44.64  ? 200 ILE A CB  1 
ATOM   418  C  CG1 . ILE A 1 52  ? -1.320  1.523   -2.097  1.00 44.59  ? 200 ILE A CG1 1 
ATOM   419  C  CG2 . ILE A 1 52  ? -3.013  0.540   -0.504  1.00 42.52  ? 200 ILE A CG2 1 
ATOM   420  C  CD1 . ILE A 1 52  ? -0.804  2.452   -1.022  1.00 54.29  ? 200 ILE A CD1 1 
ATOM   421  N  N   . LEU A 1 53  ? -1.199  -2.198  0.889   1.00 38.65  ? 201 LEU A N   1 
ATOM   422  C  CA  . LEU A 1 53  ? -1.816  -3.383  1.470   1.00 44.90  ? 201 LEU A CA  1 
ATOM   423  C  C   . LEU A 1 53  ? -3.307  -3.190  1.715   1.00 42.75  ? 201 LEU A C   1 
ATOM   424  O  O   . LEU A 1 53  ? -3.738  -2.234  2.373   1.00 43.54  ? 201 LEU A O   1 
ATOM   425  C  CB  . LEU A 1 53  ? -1.106  -3.789  2.750   1.00 42.38  ? 201 LEU A CB  1 
ATOM   426  C  CG  . LEU A 1 53  ? 0.349   -4.180  2.534   1.00 46.76  ? 201 LEU A CG  1 
ATOM   427  C  CD1 . LEU A 1 53  ? 1.082   -4.181  3.839   1.00 44.45  ? 201 LEU A CD1 1 
ATOM   428  C  CD2 . LEU A 1 53  ? 0.398   -5.545  1.909   1.00 52.13  ? 201 LEU A CD2 1 
ATOM   429  N  N   . LEU A 1 54  ? -4.101  -4.102  1.164   1.00 45.18  ? 202 LEU A N   1 
ATOM   430  C  CA  . LEU A 1 54  ? -5.547  -4.119  1.392   1.00 43.82  ? 202 LEU A CA  1 
ATOM   431  C  C   . LEU A 1 54  ? -5.967  -5.475  1.945   1.00 47.90  ? 202 LEU A C   1 
ATOM   432  O  O   . LEU A 1 54  ? -6.495  -6.322  1.212   1.00 45.49  ? 202 LEU A O   1 
ATOM   433  C  CB  . LEU A 1 54  ? -6.299  -3.836  0.099   1.00 46.96  ? 202 LEU A CB  1 
ATOM   434  C  CG  . LEU A 1 54  ? -6.026  -2.477  -0.563  1.00 51.14  ? 202 LEU A CG  1 
ATOM   435  C  CD1 . LEU A 1 54  ? -5.608  -2.638  -2.012  1.00 54.17  ? 202 LEU A CD1 1 
ATOM   436  C  CD2 . LEU A 1 54  ? -7.268  -1.621  -0.482  1.00 50.97  ? 202 LEU A CD2 1 
ATOM   437  N  N   . PRO A 1 55  ? -5.719  -5.695  3.239   1.00 40.79  ? 203 PRO A N   1 
ATOM   438  C  CA  . PRO A 1 55  ? -6.179  -6.954  3.835   1.00 43.28  ? 203 PRO A CA  1 
ATOM   439  C  C   . PRO A 1 55  ? -7.690  -6.911  3.944   1.00 47.88  ? 203 PRO A C   1 
ATOM   440  O  O   . PRO A 1 55  ? -8.249  -6.012  4.604   1.00 50.32  ? 203 PRO A O   1 
ATOM   441  C  CB  . PRO A 1 55  ? -5.513  -6.960  5.218   1.00 40.72  ? 203 PRO A CB  1 
ATOM   442  C  CG  . PRO A 1 55  ? -5.297  -5.541  5.538   1.00 40.42  ? 203 PRO A CG  1 
ATOM   443  C  CD  . PRO A 1 55  ? -4.995  -4.858  4.209   1.00 44.35  ? 203 PRO A CD  1 
ATOM   444  N  N   . LEU A 1 56  ? -8.352  -7.856  3.285   1.00 42.61  ? 204 LEU A N   1 
ATOM   445  C  CA  . LEU A 1 56  ? -9.808  -7.846  3.235   1.00 49.77  ? 204 LEU A CA  1 
ATOM   446  C  C   . LEU A 1 56  ? -10.426 -7.986  4.627   1.00 47.87  ? 204 LEU A C   1 
ATOM   447  O  O   . LEU A 1 56  ? -11.584 -7.596  4.847   1.00 43.16  ? 204 LEU A O   1 
ATOM   448  C  CB  . LEU A 1 56  ? -10.325 -8.903  2.251   1.00 53.07  ? 204 LEU A CB  1 
ATOM   449  C  CG  . LEU A 1 56  ? -9.968  -8.557  0.790   1.00 51.27  ? 204 LEU A CG  1 
ATOM   450  C  CD1 . LEU A 1 56  ? -10.402 -9.647  -0.192  1.00 47.03  ? 204 LEU A CD1 1 
ATOM   451  C  CD2 . LEU A 1 56  ? -10.598 -7.220  0.409   1.00 46.45  ? 204 LEU A CD2 1 
ATOM   452  N  N   . ASP A 1 57  ? -9.639  -8.487  5.576   1.00 41.72  ? 205 ASP A N   1 
ATOM   453  C  CA  . ASP A 1 57  ? -10.125 -8.602  6.952   1.00 49.82  ? 205 ASP A CA  1 
ATOM   454  C  C   . ASP A 1 57  ? -10.044 -7.271  7.720   1.00 49.49  ? 205 ASP A C   1 
ATOM   455  O  O   . ASP A 1 57  ? -10.426 -7.194  8.891   1.00 48.92  ? 205 ASP A O   1 
ATOM   456  C  CB  . ASP A 1 57  ? -9.422  -9.754  7.692   1.00 46.50  ? 205 ASP A CB  1 
ATOM   457  C  CG  . ASP A 1 57  ? -7.948  -9.462  8.015   1.00 54.41  ? 205 ASP A CG  1 
ATOM   458  O  OD1 . ASP A 1 57  ? -7.408  -8.417  7.587   1.00 52.33  ? 205 ASP A OD1 1 
ATOM   459  O  OD2 . ASP A 1 57  ? -7.318  -10.306 8.703   1.00 53.70  ? 205 ASP A OD2 1 
ATOM   460  N  N   . CYS A 1 58  ? -9.551  -6.231  7.047   1.00 46.11  ? 206 CYS A N   1 
ATOM   461  C  CA  . CYS A 1 58  ? -9.488  -4.873  7.597   1.00 45.14  ? 206 CYS A CA  1 
ATOM   462  C  C   . CYS A 1 58  ? -8.642  -4.821  8.856   1.00 47.03  ? 206 CYS A C   1 
ATOM   463  O  O   . CYS A 1 58  ? -8.833  -3.955  9.714   1.00 48.27  ? 206 CYS A O   1 
ATOM   464  C  CB  . CYS A 1 58  ? -10.889 -4.318  7.866   1.00 39.44  ? 206 CYS A CB  1 
ATOM   465  S  SG  . CYS A 1 58  ? -11.925 -4.209  6.386   1.00 45.67  ? 206 CYS A SG  1 
ATOM   466  N  N   . GLY A 1 59  ? -7.706  -5.754  8.954   1.00 48.88  ? 207 GLY A N   1 
ATOM   467  C  CA  . GLY A 1 59  ? -6.761  -5.784  10.055  1.00 50.42  ? 207 GLY A CA  1 
ATOM   468  C  C   . GLY A 1 59  ? -5.528  -4.954  9.765   1.00 54.54  ? 207 GLY A C   1 
ATOM   469  O  O   . GLY A 1 59  ? -4.623  -5.385  9.042   1.00 59.99  ? 207 GLY A O   1 
ATOM   470  N  N   . VAL A 1 60  ? -5.489  -3.747  10.315  1.00 52.35  ? 208 VAL A N   1 
ATOM   471  C  CA  . VAL A 1 60  ? -4.337  -2.870  10.122  1.00 50.86  ? 208 VAL A CA  1 
ATOM   472  C  C   . VAL A 1 60  ? -3.543  -2.704  11.421  1.00 57.53  ? 208 VAL A C   1 
ATOM   473  O  O   . VAL A 1 60  ? -4.004  -2.055  12.367  1.00 58.14  ? 208 VAL A O   1 
ATOM   474  C  CB  . VAL A 1 60  ? -4.759  -1.502  9.555   1.00 53.78  ? 208 VAL A CB  1 
ATOM   475  C  CG1 . VAL A 1 60  ? -3.529  -0.614  9.314   1.00 51.97  ? 208 VAL A CG1 1 
ATOM   476  C  CG2 . VAL A 1 60  ? -5.575  -1.688  8.261   1.00 43.15  ? 208 VAL A CG2 1 
ATOM   477  N  N   . PRO A 1 61  ? -2.352  -3.319  11.479  1.00 58.39  ? 209 PRO A N   1 
ATOM   478  C  CA  . PRO A 1 61  ? -1.481  -3.152  12.645  1.00 62.78  ? 209 PRO A CA  1 
ATOM   479  C  C   . PRO A 1 61  ? -0.756  -1.833  12.496  1.00 77.35  ? 209 PRO A C   1 
ATOM   480  O  O   . PRO A 1 61  ? -0.676  -1.312  11.373  1.00 73.08  ? 209 PRO A O   1 
ATOM   481  C  CB  . PRO A 1 61  ? -0.491  -4.302  12.499  1.00 64.44  ? 209 PRO A CB  1 
ATOM   482  C  CG  . PRO A 1 61  ? -0.372  -4.475  10.998  1.00 66.70  ? 209 PRO A CG  1 
ATOM   483  C  CD  . PRO A 1 61  ? -1.766  -4.223  10.472  1.00 57.97  ? 209 PRO A CD  1 
ATOM   484  N  N   . ASP A 1 62  ? -0.230  -1.302  13.594  1.00 77.14  ? 210 ASP A N   1 
ATOM   485  C  CA  . ASP A 1 62  ? 0.469   -0.024  13.539  1.00 78.09  ? 210 ASP A CA  1 
ATOM   486  C  C   . ASP A 1 62  ? 1.939   -0.244  13.219  1.00 83.92  ? 210 ASP A C   1 
ATOM   487  O  O   . ASP A 1 62  ? 2.692   0.711   13.013  1.00 84.75  ? 210 ASP A O   1 
ATOM   488  C  CB  . ASP A 1 62  ? 0.277   0.722   14.848  1.00 74.03  ? 210 ASP A CB  1 
ATOM   489  C  CG  . ASP A 1 62  ? -1.168  0.694   15.304  1.00 77.32  ? 210 ASP A CG  1 
ATOM   490  O  OD1 . ASP A 1 62  ? -1.988  1.418   14.695  1.00 75.58  ? 210 ASP A OD1 1 
ATOM   491  O  OD2 . ASP A 1 62  ? -1.483  -0.069  16.248  1.00 69.80  ? 210 ASP A OD2 1 
ATOM   492  N  N   . ASN A 1 63  ? 2.321   -1.521  13.160  1.00 78.23  ? 211 ASN A N   1 
ATOM   493  C  CA  . ASN A 1 63  ? 3.641   -1.950  12.712  1.00 75.79  ? 211 ASN A CA  1 
ATOM   494  C  C   . ASN A 1 63  ? 3.535   -3.135  11.748  1.00 79.21  ? 211 ASN A C   1 
ATOM   495  O  O   . ASN A 1 63  ? 2.968   -4.174  12.096  1.00 79.72  ? 211 ASN A O   1 
ATOM   496  C  CB  . ASN A 1 63  ? 4.510   -2.338  13.914  1.00 81.72  ? 211 ASN A CB  1 
ATOM   497  C  CG  . ASN A 1 63  ? 5.964   -2.572  13.532  1.00 85.23  ? 211 ASN A CG  1 
ATOM   498  O  OD1 . ASN A 1 63  ? 6.518   -1.856  12.687  1.00 87.59  ? 211 ASN A OD1 1 
ATOM   499  N  ND2 . ASN A 1 63  ? 6.589   -3.576  14.150  1.00 81.86  ? 211 ASN A ND2 1 
ATOM   500  N  N   . LEU A 1 64  ? 4.095   -2.983  10.550  1.00 68.04  ? 212 LEU A N   1 
ATOM   501  C  CA  . LEU A 1 64  ? 4.101   -4.052  9.554   1.00 72.03  ? 212 LEU A CA  1 
ATOM   502  C  C   . LEU A 1 64  ? 4.788   -5.348  9.990   1.00 76.26  ? 212 LEU A C   1 
ATOM   503  O  O   . LEU A 1 64  ? 4.323   -6.433  9.651   1.00 77.89  ? 212 LEU A O   1 
ATOM   504  C  CB  . LEU A 1 64  ? 4.721   -3.559  8.232   1.00 70.97  ? 212 LEU A CB  1 
ATOM   505  C  CG  . LEU A 1 64  ? 3.698   -3.178  7.157   1.00 59.12  ? 212 LEU A CG  1 
ATOM   506  C  CD1 . LEU A 1 64  ? 4.141   -2.021  6.276   1.00 60.60  ? 212 LEU A CD1 1 
ATOM   507  C  CD2 . LEU A 1 64  ? 3.427   -4.374  6.327   1.00 47.47  ? 212 LEU A CD2 1 
ATOM   508  N  N   . SER A 1 65  ? 5.890   -5.238  10.728  1.00 78.57  ? 213 SER A N   1 
ATOM   509  C  CA  . SER A 1 65  ? 6.683   -6.420  11.091  1.00 77.70  ? 213 SER A CA  1 
ATOM   510  C  C   . SER A 1 65  ? 5.948   -7.393  12.024  1.00 82.55  ? 213 SER A C   1 
ATOM   511  O  O   . SER A 1 65  ? 6.285   -8.582  12.072  1.00 78.04  ? 213 SER A O   1 
ATOM   512  C  CB  . SER A 1 65  ? 8.038   -6.008  11.685  1.00 80.09  ? 213 SER A CB  1 
ATOM   513  O  OG  . SER A 1 65  ? 8.724   -5.115  10.811  1.00 73.32  ? 213 SER A OG  1 
ATOM   514  N  N   . MET A 1 66  ? 4.951   -6.881  12.753  1.00 82.94  ? 214 MET A N   1 
ATOM   515  C  CA  . MET A 1 66  ? 4.094   -7.707  13.610  1.00 84.39  ? 214 MET A CA  1 
ATOM   516  C  C   . MET A 1 66  ? 3.183   -8.603  12.775  1.00 84.64  ? 214 MET A C   1 
ATOM   517  O  O   . MET A 1 66  ? 2.749   -9.666  13.229  1.00 88.72  ? 214 MET A O   1 
ATOM   518  C  CB  . MET A 1 66  ? 3.246   -6.831  14.545  1.00 85.42  ? 214 MET A CB  1 
ATOM   519  C  CG  . MET A 1 66  ? 4.060   -6.049  15.560  1.00 86.81  ? 214 MET A CG  1 
ATOM   520  S  SD  . MET A 1 66  ? 3.564   -6.392  17.263  1.00 113.61 ? 214 MET A SD  1 
ATOM   521  C  CE  . MET A 1 66  ? 3.400   -8.185  17.238  1.00 98.88  ? 214 MET A CE  1 
ATOM   522  N  N   . ALA A 1 67  ? 2.882   -8.151  11.561  1.00 83.91  ? 215 ALA A N   1 
ATOM   523  C  CA  . ALA A 1 67  ? 2.155   -8.966  10.592  1.00 85.11  ? 215 ALA A CA  1 
ATOM   524  C  C   . ALA A 1 67  ? 3.080   -10.006 9.954   1.00 78.51  ? 215 ALA A C   1 
ATOM   525  O  O   . ALA A 1 67  ? 2.652   -11.122 9.653   1.00 74.77  ? 215 ALA A O   1 
ATOM   526  C  CB  . ALA A 1 67  ? 1.504   -8.082  9.515   1.00 81.32  ? 215 ALA A CB  1 
ATOM   527  N  N   . ASP A 1 68  ? 4.347   -9.640  9.754   1.00 74.74  ? 216 ASP A N   1 
ATOM   528  C  CA  . ASP A 1 68  ? 5.325   -10.565 9.175   1.00 65.93  ? 216 ASP A CA  1 
ATOM   529  C  C   . ASP A 1 68  ? 6.769   -10.136 9.504   1.00 62.20  ? 216 ASP A C   1 
ATOM   530  O  O   . ASP A 1 68  ? 7.189   -9.034  9.162   1.00 64.65  ? 216 ASP A O   1 
ATOM   531  C  CB  . ASP A 1 68  ? 5.075   -10.717 7.663   1.00 54.35  ? 216 ASP A CB  1 
ATOM   532  C  CG  . ASP A 1 68  ? 5.881   -11.844 7.034   1.00 57.50  ? 216 ASP A CG  1 
ATOM   533  O  OD1 . ASP A 1 68  ? 6.972   -12.142 7.553   1.00 56.41  ? 216 ASP A OD1 1 
ATOM   534  O  OD2 . ASP A 1 68  ? 5.442   -12.434 6.009   1.00 55.64  ? 216 ASP A OD2 1 
ATOM   535  N  N   . PRO A 1 69  ? 7.523   -11.011 10.202  1.00 63.25  ? 217 PRO A N   1 
ATOM   536  C  CA  . PRO A 1 69  ? 8.932   -10.784 10.568  1.00 63.12  ? 217 PRO A CA  1 
ATOM   537  C  C   . PRO A 1 69  ? 9.835   -10.793 9.345   1.00 59.45  ? 217 PRO A C   1 
ATOM   538  O  O   . PRO A 1 69  ? 11.012  -10.418 9.424   1.00 61.88  ? 217 PRO A O   1 
ATOM   539  C  CB  . PRO A 1 69  ? 9.264   -12.000 11.436  1.00 62.02  ? 217 PRO A CB  1 
ATOM   540  C  CG  . PRO A 1 69  ? 8.320   -13.063 10.952  1.00 61.33  ? 217 PRO A CG  1 
ATOM   541  C  CD  . PRO A 1 69  ? 7.039   -12.316 10.689  1.00 61.51  ? 217 PRO A CD  1 
ATOM   542  N  N   . ASN A 1 70  ? 9.283   -11.249 8.226   1.00 51.32  ? 218 ASN A N   1 
ATOM   543  C  CA  . ASN A 1 70  ? 9.979   -11.195 6.944   1.00 54.88  ? 218 ASN A CA  1 
ATOM   544  C  C   . ASN A 1 70  ? 9.689   -9.901  6.181   1.00 53.99  ? 218 ASN A C   1 
ATOM   545  O  O   . ASN A 1 70  ? 10.204  -9.692  5.094   1.00 47.31  ? 218 ASN A O   1 
ATOM   546  C  CB  . ASN A 1 70  ? 9.628   -12.404 6.089   1.00 48.30  ? 218 ASN A CB  1 
ATOM   547  C  CG  . ASN A 1 70  ? 10.280  -13.674 6.597   1.00 57.06  ? 218 ASN A CG  1 
ATOM   548  O  OD1 . ASN A 1 70  ? 11.442  -13.660 7.009   1.00 57.44  ? 218 ASN A OD1 1 
ATOM   549  N  ND2 . ASN A 1 70  ? 9.527   -14.781 6.584   1.00 46.81  ? 218 ASN A ND2 1 
ATOM   550  N  N   . ILE A 1 71  ? 8.835   -9.052  6.749   1.00 50.63  ? 219 ILE A N   1 
ATOM   551  C  CA  . ILE A 1 71  ? 8.670   -7.688  6.249   1.00 50.01  ? 219 ILE A CA  1 
ATOM   552  C  C   . ILE A 1 71  ? 9.345   -6.727  7.224   1.00 50.93  ? 219 ILE A C   1 
ATOM   553  O  O   . ILE A 1 71  ? 8.813   -6.426  8.291   1.00 58.43  ? 219 ILE A O   1 
ATOM   554  C  CB  . ILE A 1 71  ? 7.196   -7.304  6.035   1.00 47.48  ? 219 ILE A CB  1 
ATOM   555  C  CG1 . ILE A 1 71  ? 6.510   -8.309  5.105   1.00 41.24  ? 219 ILE A CG1 1 
ATOM   556  C  CG2 . ILE A 1 71  ? 7.094   -5.885  5.458   1.00 46.36  ? 219 ILE A CG2 1 
ATOM   557  C  CD1 . ILE A 1 71  ? 5.063   -8.004  4.797   1.00 38.08  ? 219 ILE A CD1 1 
ATOM   558  N  N   . ARG A 1 72  ? 10.536  -6.263  6.855   1.00 54.32  ? 220 ARG A N   1 
ATOM   559  C  CA  . ARG A 1 72  ? 11.392  -5.528  7.779   1.00 52.82  ? 220 ARG A CA  1 
ATOM   560  C  C   . ARG A 1 72  ? 11.622  -4.074  7.374   1.00 53.95  ? 220 ARG A C   1 
ATOM   561  O  O   . ARG A 1 72  ? 12.009  -3.796  6.236   1.00 54.91  ? 220 ARG A O   1 
ATOM   562  C  CB  . ARG A 1 72  ? 12.737  -6.229  7.879   1.00 51.69  ? 220 ARG A CB  1 
ATOM   563  C  CG  . ARG A 1 72  ? 13.593  -5.779  9.041   1.00 59.88  ? 220 ARG A CG  1 
ATOM   564  C  CD  . ARG A 1 72  ? 14.794  -6.702  9.197   1.00 67.97  ? 220 ARG A CD  1 
ATOM   565  N  NE  . ARG A 1 72  ? 15.799  -6.500  8.151   1.00 69.95  ? 220 ARG A NE  1 
ATOM   566  C  CZ  . ARG A 1 72  ? 16.753  -7.377  7.844   1.00 74.78  ? 220 ARG A CZ  1 
ATOM   567  N  NH1 . ARG A 1 72  ? 16.831  -8.532  8.493   1.00 72.72  ? 220 ARG A NH1 1 
ATOM   568  N  NH2 . ARG A 1 72  ? 17.628  -7.100  6.884   1.00 76.68  ? 220 ARG A NH2 1 
ATOM   569  N  N   . PHE A 1 73  ? 11.389  -3.156  8.308   1.00 49.47  ? 221 PHE A N   1 
ATOM   570  C  CA  . PHE A 1 73  ? 11.627  -1.742  8.072   1.00 45.95  ? 221 PHE A CA  1 
ATOM   571  C  C   . PHE A 1 73  ? 13.081  -1.512  7.705   1.00 53.77  ? 221 PHE A C   1 
ATOM   572  O  O   . PHE A 1 73  ? 13.994  -2.005  8.375   1.00 48.82  ? 221 PHE A O   1 
ATOM   573  C  CB  . PHE A 1 73  ? 11.270  -0.895  9.299   1.00 53.69  ? 221 PHE A CB  1 
ATOM   574  C  CG  . PHE A 1 73  ? 11.555  0.570   9.114   1.00 56.68  ? 221 PHE A CG  1 
ATOM   575  C  CD1 . PHE A 1 73  ? 10.740  1.347   8.301   1.00 55.08  ? 221 PHE A CD1 1 
ATOM   576  C  CD2 . PHE A 1 73  ? 12.651  1.168   9.727   1.00 53.14  ? 221 PHE A CD2 1 
ATOM   577  C  CE1 . PHE A 1 73  ? 11.004  2.687   8.114   1.00 60.27  ? 221 PHE A CE1 1 
ATOM   578  C  CE2 . PHE A 1 73  ? 12.916  2.513   9.541   1.00 55.58  ? 221 PHE A CE2 1 
ATOM   579  C  CZ  . PHE A 1 73  ? 12.093  3.273   8.733   1.00 58.10  ? 221 PHE A CZ  1 
ATOM   580  N  N   . LEU A 1 74  ? 13.293  -0.784  6.615   1.00 50.15  ? 222 LEU A N   1 
ATOM   581  C  CA  . LEU A 1 74  ? 14.641  -0.500  6.163   1.00 53.10  ? 222 LEU A CA  1 
ATOM   582  C  C   . LEU A 1 74  ? 14.972  0.956   6.441   1.00 58.19  ? 222 LEU A C   1 
ATOM   583  O  O   . LEU A 1 74  ? 15.950  1.257   7.117   1.00 60.79  ? 222 LEU A O   1 
ATOM   584  C  CB  . LEU A 1 74  ? 14.780  -0.797  4.666   1.00 52.62  ? 222 LEU A CB  1 
ATOM   585  C  CG  . LEU A 1 74  ? 16.153  -0.515  4.052   1.00 59.26  ? 222 LEU A CG  1 
ATOM   586  C  CD1 . LEU A 1 74  ? 17.218  -1.288  4.817   1.00 60.51  ? 222 LEU A CD1 1 
ATOM   587  C  CD2 . LEU A 1 74  ? 16.183  -0.857  2.554   1.00 54.53  ? 222 LEU A CD2 1 
ATOM   588  N  N   . ASP A 1 75  ? 14.142  1.863   5.935   1.00 57.81  ? 223 ASP A N   1 
ATOM   589  C  CA  . ASP A 1 75  ? 14.475  3.276   6.007   1.00 57.00  ? 223 ASP A CA  1 
ATOM   590  C  C   . ASP A 1 75  ? 13.266  4.150   5.690   1.00 60.88  ? 223 ASP A C   1 
ATOM   591  O  O   . ASP A 1 75  ? 12.230  3.662   5.220   1.00 56.93  ? 223 ASP A O   1 
ATOM   592  C  CB  . ASP A 1 75  ? 15.638  3.566   5.043   1.00 61.05  ? 223 ASP A CB  1 
ATOM   593  C  CG  . ASP A 1 75  ? 16.365  4.856   5.370   1.00 73.08  ? 223 ASP A CG  1 
ATOM   594  O  OD1 . ASP A 1 75  ? 16.101  5.438   6.448   1.00 76.54  ? 223 ASP A OD1 1 
ATOM   595  O  OD2 . ASP A 1 75  ? 17.199  5.293   4.546   1.00 75.10  ? 223 ASP A OD2 1 
ATOM   596  N  N   . LYS A 1 76  ? 13.387  5.441   5.989   1.00 69.47  ? 224 LYS A N   1 
ATOM   597  C  CA  . LYS A 1 76  ? 12.362  6.405   5.628   1.00 64.11  ? 224 LYS A CA  1 
ATOM   598  C  C   . LYS A 1 76  ? 12.688  6.931   4.249   1.00 60.03  ? 224 LYS A C   1 
ATOM   599  O  O   . LYS A 1 76  ? 13.847  7.208   3.955   1.00 67.72  ? 224 LYS A O   1 
ATOM   600  C  CB  . LYS A 1 76  ? 12.361  7.575   6.616   1.00 70.87  ? 224 LYS A CB  1 
ATOM   601  C  CG  . LYS A 1 76  ? 11.580  7.352   7.901   1.00 71.12  ? 224 LYS A CG  1 
ATOM   602  C  CD  . LYS A 1 76  ? 10.158  7.877   7.781   1.00 72.37  ? 224 LYS A CD  1 
ATOM   603  C  CE  . LYS A 1 76  ? 9.227   6.779   7.345   1.00 70.46  ? 224 LYS A CE  1 
ATOM   604  N  NZ  . LYS A 1 76  ? 9.391   5.607   8.258   1.00 66.31  ? 224 LYS A NZ  1 
ATOM   605  N  N   . LEU A 1 77  ? 11.675  7.071   3.402   1.00 62.10  ? 225 LEU A N   1 
ATOM   606  C  CA  . LEU A 1 77  ? 11.841  7.757   2.124   1.00 62.05  ? 225 LEU A CA  1 
ATOM   607  C  C   . LEU A 1 77  ? 11.780  9.268   2.362   1.00 68.10  ? 225 LEU A C   1 
ATOM   608  O  O   . LEU A 1 77  ? 10.758  9.786   2.825   1.00 70.87  ? 225 LEU A O   1 
ATOM   609  C  CB  . LEU A 1 77  ? 10.735  7.346   1.157   1.00 60.08  ? 225 LEU A CB  1 
ATOM   610  C  CG  . LEU A 1 77  ? 10.900  7.799   -0.291  1.00 67.58  ? 225 LEU A CG  1 
ATOM   611  C  CD1 . LEU A 1 77  ? 12.124  7.150   -0.926  1.00 64.20  ? 225 LEU A CD1 1 
ATOM   612  C  CD2 . LEU A 1 77  ? 9.645   7.495   -1.096  1.00 67.37  ? 225 LEU A CD2 1 
ATOM   613  N  N   . PRO A 1 78  ? 12.876  9.986   2.057   1.00 70.72  ? 226 PRO A N   1 
ATOM   614  C  CA  . PRO A 1 78  ? 12.923  11.443  2.261   1.00 72.62  ? 226 PRO A CA  1 
ATOM   615  C  C   . PRO A 1 78  ? 11.935  12.209  1.377   1.00 75.29  ? 226 PRO A C   1 
ATOM   616  O  O   . PRO A 1 78  ? 11.354  11.631  0.457   1.00 75.34  ? 226 PRO A O   1 
ATOM   617  C  CB  . PRO A 1 78  ? 14.369  11.803  1.892   1.00 74.46  ? 226 PRO A CB  1 
ATOM   618  C  CG  . PRO A 1 78  ? 14.801  10.712  0.962   1.00 73.05  ? 226 PRO A CG  1 
ATOM   619  C  CD  . PRO A 1 78  ? 14.143  9.470   1.511   1.00 72.57  ? 226 PRO A CD  1 
ATOM   620  N  N   . GLN A 1 79  ? 11.768  13.502  1.650   1.00 82.97  ? 227 GLN A N   1 
ATOM   621  C  CA  . GLN A 1 79  ? 10.729  14.318  1.017   1.00 86.94  ? 227 GLN A CA  1 
ATOM   622  C  C   . GLN A 1 79  ? 11.103  14.915  -0.338  1.00 91.32  ? 227 GLN A C   1 
ATOM   623  O  O   . GLN A 1 79  ? 12.188  14.661  -0.868  1.00 91.88  ? 227 GLN A O   1 
ATOM   624  C  CB  . GLN A 1 79  ? 10.312  15.443  1.968   1.00 86.09  ? 227 GLN A CB  1 
ATOM   625  C  CG  . GLN A 1 79  ? 9.427   14.964  3.095   1.00 88.98  ? 227 GLN A CG  1 
ATOM   626  C  CD  . GLN A 1 79  ? 8.130   14.387  2.583   1.00 91.35  ? 227 GLN A CD  1 
ATOM   627  O  OE1 . GLN A 1 79  ? 7.821   13.217  2.815   1.00 92.94  ? 227 GLN A OE1 1 
ATOM   628  N  NE2 . GLN A 1 79  ? 7.363   15.204  1.870   1.00 94.68  ? 227 GLN A NE2 1 
ATOM   629  N  N   . GLN A 1 80  ? 10.180  15.703  -0.894  1.00 99.94  ? 228 GLN A N   1 
ATOM   630  C  CA  . GLN A 1 80  ? 10.452  16.491  -2.096  1.00 105.71 ? 228 GLN A CA  1 
ATOM   631  C  C   . GLN A 1 80  ? 11.290  17.706  -1.726  1.00 109.70 ? 228 GLN A C   1 
ATOM   632  O  O   . GLN A 1 80  ? 11.368  18.104  -0.560  1.00 109.37 ? 228 GLN A O   1 
ATOM   633  C  CB  . GLN A 1 80  ? 9.167   16.935  -2.806  1.00 107.92 ? 228 GLN A CB  1 
ATOM   634  C  CG  . GLN A 1 80  ? 9.353   17.226  -4.301  1.00 109.07 ? 228 GLN A CG  1 
ATOM   635  C  CD  . GLN A 1 80  ? 8.598   18.463  -4.768  1.00 113.99 ? 228 GLN A CD  1 
ATOM   636  O  OE1 . GLN A 1 80  ? 7.371   18.534  -4.669  1.00 111.88 ? 228 GLN A OE1 1 
ATOM   637  N  NE2 . GLN A 1 80  ? 9.334   19.449  -5.277  1.00 116.04 ? 228 GLN A NE2 1 
ATOM   638  N  N   . THR A 1 81  ? 11.888  18.308  -2.745  1.00 112.76 ? 229 THR A N   1 
ATOM   639  C  CA  . THR A 1 81  ? 12.996  19.228  -2.557  1.00 115.57 ? 229 THR A CA  1 
ATOM   640  C  C   . THR A 1 81  ? 12.621  20.712  -2.696  1.00 120.97 ? 229 THR A C   1 
ATOM   641  O  O   . THR A 1 81  ? 13.289  21.579  -2.112  1.00 120.87 ? 229 THR A O   1 
ATOM   642  C  CB  . THR A 1 81  ? 14.133  18.862  -3.514  1.00 112.99 ? 229 THR A CB  1 
ATOM   643  O  OG1 . THR A 1 81  ? 13.711  19.090  -4.862  1.00 109.85 ? 229 THR A OG1 1 
ATOM   644  C  CG2 . THR A 1 81  ? 14.488  17.388  -3.348  1.00 109.68 ? 229 THR A CG2 1 
ATOM   645  N  N   . GLY A 1 82  ? 11.570  20.994  -3.472  1.00 122.65 ? 230 GLY A N   1 
ATOM   646  C  CA  . GLY A 1 82  ? 10.969  22.322  -3.526  1.00 124.71 ? 230 GLY A CA  1 
ATOM   647  C  C   . GLY A 1 82  ? 10.718  22.823  -2.109  1.00 127.23 ? 230 GLY A C   1 
ATOM   648  O  O   . GLY A 1 82  ? 10.320  22.039  -1.240  1.00 125.41 ? 230 GLY A O   1 
ATOM   649  N  N   . ASP A 1 83  ? 10.931  24.119  -1.876  1.00 127.49 ? 231 ASP A N   1 
ATOM   650  C  CA  . ASP A 1 83  ? 11.242  24.606  -0.531  1.00 128.62 ? 231 ASP A CA  1 
ATOM   651  C  C   . ASP A 1 83  ? 10.269  25.567  0.184   1.00 129.07 ? 231 ASP A C   1 
ATOM   652  O  O   . ASP A 1 83  ? 10.666  26.214  1.151   1.00 129.20 ? 231 ASP A O   1 
ATOM   653  C  CB  . ASP A 1 83  ? 12.657  25.217  -0.525  1.00 128.78 ? 231 ASP A CB  1 
ATOM   654  C  CG  . ASP A 1 83  ? 13.453  24.826  0.704   1.00 127.09 ? 231 ASP A CG  1 
ATOM   655  O  OD1 . ASP A 1 83  ? 14.691  24.981  0.677   1.00 122.08 ? 231 ASP A OD1 1 
ATOM   656  O  OD2 . ASP A 1 83  ? 12.840  24.350  1.689   1.00 128.37 ? 231 ASP A OD2 1 
ATOM   657  N  N   . ARG A 1 84  ? 9.021   25.678  -0.264  1.00 127.82 ? 232 ARG A N   1 
ATOM   658  C  CA  . ARG A 1 84  ? 8.041   26.486  0.476   1.00 126.98 ? 232 ARG A CA  1 
ATOM   659  C  C   . ARG A 1 84  ? 6.617   26.057  0.149   1.00 127.72 ? 232 ARG A C   1 
ATOM   660  O  O   . ARG A 1 84  ? 6.327   25.710  -1.001  1.00 127.58 ? 232 ARG A O   1 
ATOM   661  C  CB  . ARG A 1 84  ? 8.230   27.987  0.233   1.00 124.70 ? 232 ARG A CB  1 
ATOM   662  C  CG  . ARG A 1 84  ? 8.402   28.786  1.518   1.00 123.23 ? 232 ARG A CG  1 
ATOM   663  C  CD  . ARG A 1 84  ? 8.460   30.289  1.252   1.00 122.19 ? 232 ARG A CD  1 
ATOM   664  N  NE  . ARG A 1 84  ? 9.412   30.646  0.199   1.00 119.52 ? 232 ARG A NE  1 
ATOM   665  C  CZ  . ARG A 1 84  ? 9.768   31.891  -0.104  1.00 120.35 ? 232 ARG A CZ  1 
ATOM   666  N  NH1 . ARG A 1 84  ? 9.264   32.917  0.570   1.00 118.57 ? 232 ARG A NH1 1 
ATOM   667  N  NH2 . ARG A 1 84  ? 10.638  32.112  -1.083  1.00 122.12 ? 232 ARG A NH2 1 
ATOM   668  N  N   . ALA A 1 85  ? 5.741   26.115  1.154   1.00 129.34 ? 233 ALA A N   1 
ATOM   669  C  CA  . ALA A 1 85  ? 4.488   25.381  1.125   1.00 127.93 ? 233 ALA A CA  1 
ATOM   670  C  C   . ALA A 1 85  ? 4.887   23.948  0.807   1.00 126.87 ? 233 ALA A C   1 
ATOM   671  O  O   . ALA A 1 85  ? 5.677   23.337  1.529   1.00 125.02 ? 233 ALA A O   1 
ATOM   672  C  CB  . ALA A 1 85  ? 3.533   25.953  0.058   1.00 127.02 ? 233 ALA A CB  1 
ATOM   673  N  N   . GLY A 1 86  ? 4.368   23.424  -0.296  1.00 125.95 ? 234 GLY A N   1 
ATOM   674  C  CA  . GLY A 1 86  ? 4.910   22.217  -0.893  1.00 125.09 ? 234 GLY A CA  1 
ATOM   675  C  C   . GLY A 1 86  ? 4.936   22.386  -2.398  1.00 125.13 ? 234 GLY A C   1 
ATOM   676  O  O   . GLY A 1 86  ? 5.246   23.458  -2.894  1.00 123.33 ? 234 GLY A O   1 
ATOM   677  N  N   . ILE A 1 87  ? 4.688   21.304  -3.121  1.00 124.15 ? 235 ILE A N   1 
ATOM   678  C  CA  . ILE A 1 87  ? 3.863   21.369  -4.317  1.00 122.24 ? 235 ILE A CA  1 
ATOM   679  C  C   . ILE A 1 87  ? 2.650   20.706  -3.711  1.00 121.71 ? 235 ILE A C   1 
ATOM   680  O  O   . ILE A 1 87  ? 1.544   21.256  -3.730  1.00 117.90 ? 235 ILE A O   1 
ATOM   681  C  CB  . ILE A 1 87  ? 4.447   20.597  -5.527  1.00 118.75 ? 235 ILE A CB  1 
ATOM   682  C  CG1 . ILE A 1 87  ? 5.756   21.272  -5.998  1.00 118.22 ? 235 ILE A CG1 1 
ATOM   683  C  CG2 . ILE A 1 87  ? 3.448   20.593  -6.681  1.00 113.27 ? 235 ILE A CG2 1 
ATOM   684  C  CD1 . ILE A 1 87  ? 6.155   20.950  -7.421  1.00 112.65 ? 235 ILE A CD1 1 
ATOM   685  N  N   . LYS A 1 88  ? 2.896   19.534  -3.127  1.00 116.68 ? 236 LYS A N   1 
ATOM   686  C  CA  . LYS A 1 88  ? 2.036   18.969  -2.086  1.00 116.74 ? 236 LYS A CA  1 
ATOM   687  C  C   . LYS A 1 88  ? 2.907   18.154  -1.112  1.00 116.16 ? 236 LYS A C   1 
ATOM   688  O  O   . LYS A 1 88  ? 2.427   17.253  -0.406  1.00 109.69 ? 236 LYS A O   1 
ATOM   689  C  CB  . LYS A 1 88  ? 0.894   18.125  -2.665  1.00 102.07 ? 236 LYS A CB  1 
ATOM   690  C  CG  . LYS A 1 88  ? 1.153   17.599  -4.083  1.00 96.84  ? 236 LYS A CG  1 
ATOM   691  C  CD  . LYS A 1 88  ? -0.087  17.768  -4.961  1.00 87.32  ? 236 LYS A CD  1 
ATOM   692  C  CE  . LYS A 1 88  ? 0.021   16.925  -6.221  1.00 81.78  ? 236 LYS A CE  1 
ATOM   693  N  NZ  . LYS A 1 88  ? 1.419   16.891  -6.749  1.00 82.41  ? 236 LYS A NZ  1 
ATOM   694  N  N   . ASP A 1 89  ? 4.204   18.465  -1.099  1.00 119.39 ? 237 ASP A N   1 
ATOM   695  C  CA  . ASP A 1 89  ? 5.126   17.905  -0.108  1.00 115.64 ? 237 ASP A CA  1 
ATOM   696  C  C   . ASP A 1 89  ? 4.843   18.484  1.278   1.00 117.40 ? 237 ASP A C   1 
ATOM   697  O  O   . ASP A 1 89  ? 5.180   19.631  1.582   1.00 120.04 ? 237 ASP A O   1 
ATOM   698  C  CB  . ASP A 1 89  ? 6.600   18.124  -0.505  1.00 114.46 ? 237 ASP A CB  1 
ATOM   699  C  CG  . ASP A 1 89  ? 6.882   19.541  -0.978  1.00 119.39 ? 237 ASP A CG  1 
ATOM   700  O  OD1 . ASP A 1 89  ? 6.675   19.809  -2.180  1.00 119.56 ? 237 ASP A OD1 1 
ATOM   701  O  OD2 . ASP A 1 89  ? 7.315   20.381  -0.156  1.00 120.09 ? 237 ASP A OD2 1 
ATOM   702  N  N   . ARG A 1 90  ? 4.173   17.682  2.094   1.00 115.30 ? 238 ARG A N   1 
ATOM   703  C  CA  . ARG A 1 90  ? 4.036   17.940  3.515   1.00 114.92 ? 238 ARG A CA  1 
ATOM   704  C  C   . ARG A 1 90  ? 4.673   16.752  4.170   1.00 109.92 ? 238 ARG A C   1 
ATOM   705  O  O   . ARG A 1 90  ? 5.196   15.869  3.491   1.00 107.45 ? 238 ARG A O   1 
ATOM   706  C  CB  . ARG A 1 90  ? 2.568   17.986  3.920   1.00 113.43 ? 238 ARG A CB  1 
ATOM   707  C  CG  . ARG A 1 90  ? 1.952   19.346  3.875   1.00 115.04 ? 238 ARG A CG  1 
ATOM   708  C  CD  . ARG A 1 90  ? 0.522   19.236  3.422   1.00 116.34 ? 238 ARG A CD  1 
ATOM   709  N  NE  . ARG A 1 90  ? 0.381   19.734  2.062   1.00 121.54 ? 238 ARG A NE  1 
ATOM   710  C  CZ  . ARG A 1 90  ? 0.233   21.019  1.764   1.00 123.32 ? 238 ARG A CZ  1 
ATOM   711  N  NH1 . ARG A 1 90  ? 0.204   21.921  2.737   1.00 119.68 ? 238 ARG A NH1 1 
ATOM   712  N  NH2 . ARG A 1 90  ? 0.113   21.401  0.501   1.00 117.21 ? 238 ARG A NH2 1 
ATOM   713  N  N   . VAL A 1 91  ? 4.626   16.710  5.489   1.00 111.72 ? 239 VAL A N   1 
ATOM   714  C  CA  . VAL A 1 91  ? 5.044   15.504  6.167   1.00 110.01 ? 239 VAL A CA  1 
ATOM   715  C  C   . VAL A 1 91  ? 3.993   14.421  5.947   1.00 109.25 ? 239 VAL A C   1 
ATOM   716  O  O   . VAL A 1 91  ? 2.999   14.353  6.668   1.00 109.60 ? 239 VAL A O   1 
ATOM   717  C  CB  . VAL A 1 91  ? 5.245   15.726  7.679   1.00 115.27 ? 239 VAL A CB  1 
ATOM   718  C  CG1 . VAL A 1 91  ? 6.404   14.864  8.192   1.00 107.77 ? 239 VAL A CG1 1 
ATOM   719  C  CG2 . VAL A 1 91  ? 5.517   17.202  7.951   1.00 116.17 ? 239 VAL A CG2 1 
ATOM   720  N  N   . TYR A 1 92  ? 4.180   13.607  4.913   1.00 104.56 ? 240 TYR A N   1 
ATOM   721  C  CA  . TYR A 1 92  ? 3.625   12.260  4.929   1.00 97.62  ? 240 TYR A CA  1 
ATOM   722  C  C   . TYR A 1 92  ? 4.819   11.344  5.094   1.00 93.36  ? 240 TYR A C   1 
ATOM   723  O  O   . TYR A 1 92  ? 5.827   11.478  4.398   1.00 91.41  ? 240 TYR A O   1 
ATOM   724  C  CB  . TYR A 1 92  ? 2.805   11.901  3.676   1.00 94.24  ? 240 TYR A CB  1 
ATOM   725  C  CG  . TYR A 1 92  ? 3.097   12.710  2.435   1.00 96.20  ? 240 TYR A CG  1 
ATOM   726  C  CD1 . TYR A 1 92  ? 4.377   12.769  1.902   1.00 93.37  ? 240 TYR A CD1 1 
ATOM   727  C  CD2 . TYR A 1 92  ? 2.078   13.392  1.777   1.00 95.26  ? 240 TYR A CD2 1 
ATOM   728  C  CE1 . TYR A 1 92  ? 4.643   13.505  0.758   1.00 99.36  ? 240 TYR A CE1 1 
ATOM   729  C  CE2 . TYR A 1 92  ? 2.334   14.132  0.632   1.00 96.41  ? 240 TYR A CE2 1 
ATOM   730  C  CZ  . TYR A 1 92  ? 3.620   14.182  0.129   1.00 102.09 ? 240 TYR A CZ  1 
ATOM   731  O  OH  . TYR A 1 92  ? 3.881   14.910  -1.007  1.00 101.61 ? 240 TYR A OH  1 
ATOM   732  N  N   . SER A 1 93  ? 4.729   10.430  6.045   1.00 91.68  ? 241 SER A N   1 
ATOM   733  C  CA  . SER A 1 93  ? 5.822   9.498   6.246   1.00 87.10  ? 241 SER A CA  1 
ATOM   734  C  C   . SER A 1 93  ? 5.617   8.325   5.291   1.00 79.25  ? 241 SER A C   1 
ATOM   735  O  O   . SER A 1 93  ? 4.542   7.712   5.272   1.00 75.85  ? 241 SER A O   1 
ATOM   736  C  CB  . SER A 1 93  ? 5.868   9.020   7.701   1.00 86.65  ? 241 SER A CB  1 
ATOM   737  O  OG  . SER A 1 93  ? 5.780   10.117  8.601   1.00 92.80  ? 241 SER A OG  1 
ATOM   738  N  N   . ASN A 1 94  ? 6.625   8.035   4.470   1.00 72.65  ? 242 ASN A N   1 
ATOM   739  C  CA  . ASN A 1 94  ? 6.595   6.821   3.655   1.00 64.01  ? 242 ASN A CA  1 
ATOM   740  C  C   . ASN A 1 94  ? 7.757   5.924   4.039   1.00 60.84  ? 242 ASN A C   1 
ATOM   741  O  O   . ASN A 1 94  ? 8.908   6.365   4.068   1.00 59.90  ? 242 ASN A O   1 
ATOM   742  C  CB  . ASN A 1 94  ? 6.620   7.133   2.157   1.00 64.55  ? 242 ASN A CB  1 
ATOM   743  C  CG  . ASN A 1 94  ? 5.439   7.978   1.721   1.00 73.07  ? 242 ASN A CG  1 
ATOM   744  O  OD1 . ASN A 1 94  ? 5.572   9.187   1.530   1.00 78.31  ? 242 ASN A OD1 1 
ATOM   745  N  ND2 . ASN A 1 94  ? 4.270   7.349   1.573   1.00 66.05  ? 242 ASN A ND2 1 
ATOM   746  N  N   . SER A 1 95  ? 7.459   4.666   4.347   1.00 57.29  ? 243 SER A N   1 
ATOM   747  C  CA  . SER A 1 95  ? 8.509   3.753   4.788   1.00 57.41  ? 243 SER A CA  1 
ATOM   748  C  C   . SER A 1 95  ? 8.977   2.788   3.704   1.00 49.49  ? 243 SER A C   1 
ATOM   749  O  O   . SER A 1 95  ? 8.185   2.289   2.906   1.00 50.09  ? 243 SER A O   1 
ATOM   750  C  CB  . SER A 1 95  ? 8.074   2.971   6.024   1.00 60.43  ? 243 SER A CB  1 
ATOM   751  O  OG  . SER A 1 95  ? 7.874   3.822   7.142   1.00 63.34  ? 243 SER A OG  1 
ATOM   752  N  N   . ILE A 1 96  ? 10.277  2.533   3.670   1.00 51.67  ? 244 ILE A N   1 
ATOM   753  C  CA  . ILE A 1 96  ? 10.822  1.532   2.766   1.00 47.68  ? 244 ILE A CA  1 
ATOM   754  C  C   . ILE A 1 96  ? 11.040  0.254   3.583   1.00 45.23  ? 244 ILE A C   1 
ATOM   755  O  O   . ILE A 1 96  ? 11.622  0.295   4.666   1.00 48.56  ? 244 ILE A O   1 
ATOM   756  C  CB  . ILE A 1 96  ? 12.167  1.994   2.162   1.00 47.01  ? 244 ILE A CB  1 
ATOM   757  C  CG1 . ILE A 1 96  ? 11.983  3.291   1.366   1.00 51.64  ? 244 ILE A CG1 1 
ATOM   758  C  CG2 . ILE A 1 96  ? 12.781  0.888   1.277   1.00 46.00  ? 244 ILE A CG2 1 
ATOM   759  C  CD1 . ILE A 1 96  ? 13.261  4.092   1.207   1.00 54.05  ? 244 ILE A CD1 1 
ATOM   760  N  N   . TYR A 1 97  ? 10.562  -0.872  3.069   1.00 44.80  ? 245 TYR A N   1 
ATOM   761  C  CA  . TYR A 1 97  ? 10.727  -2.167  3.728   1.00 46.50  ? 245 TYR A CA  1 
ATOM   762  C  C   . TYR A 1 97  ? 11.534  -3.127  2.845   1.00 50.34  ? 245 TYR A C   1 
ATOM   763  O  O   . TYR A 1 97  ? 11.383  -3.124  1.630   1.00 44.52  ? 245 TYR A O   1 
ATOM   764  C  CB  . TYR A 1 97  ? 9.359   -2.787  4.023   1.00 37.84  ? 245 TYR A CB  1 
ATOM   765  C  CG  . TYR A 1 97  ? 8.552   -1.985  5.016   1.00 47.67  ? 245 TYR A CG  1 
ATOM   766  C  CD1 . TYR A 1 97  ? 7.850   -0.862  4.615   1.00 45.94  ? 245 TYR A CD1 1 
ATOM   767  C  CD2 . TYR A 1 97  ? 8.520   -2.330  6.361   1.00 52.96  ? 245 TYR A CD2 1 
ATOM   768  C  CE1 . TYR A 1 97  ? 7.110   -0.119  5.519   1.00 53.54  ? 245 TYR A CE1 1 
ATOM   769  C  CE2 . TYR A 1 97  ? 7.784   -1.573  7.289   1.00 52.54  ? 245 TYR A CE2 1 
ATOM   770  C  CZ  . TYR A 1 97  ? 7.091   -0.467  6.849   1.00 49.51  ? 245 TYR A CZ  1 
ATOM   771  O  OH  . TYR A 1 97  ? 6.362   0.290   7.725   1.00 65.66  ? 245 TYR A OH  1 
ATOM   772  N  N   . GLU A 1 98  ? 12.385  -3.942  3.460   1.00 50.15  ? 246 GLU A N   1 
ATOM   773  C  CA  . GLU A 1 98  ? 12.998  -5.069  2.766   1.00 54.82  ? 246 GLU A CA  1 
ATOM   774  C  C   . GLU A 1 98  ? 12.176  -6.324  3.022   1.00 54.15  ? 246 GLU A C   1 
ATOM   775  O  O   . GLU A 1 98  ? 11.733  -6.580  4.152   1.00 53.92  ? 246 GLU A O   1 
ATOM   776  C  CB  . GLU A 1 98  ? 14.433  -5.283  3.224   1.00 50.84  ? 246 GLU A CB  1 
ATOM   777  C  CG  . GLU A 1 98  ? 14.677  -4.765  4.608   1.00 64.67  ? 246 GLU A CG  1 
ATOM   778  C  CD  . GLU A 1 98  ? 16.040  -5.155  5.149   1.00 75.85  ? 246 GLU A CD  1 
ATOM   779  O  OE1 . GLU A 1 98  ? 16.845  -5.752  4.389   1.00 65.19  ? 246 GLU A OE1 1 
ATOM   780  O  OE2 . GLU A 1 98  ? 16.293  -4.867  6.344   1.00 73.80  ? 246 GLU A OE2 1 
ATOM   781  N  N   . LEU A 1 99  ? 11.949  -7.093  1.960   1.00 48.57  ? 247 LEU A N   1 
ATOM   782  C  CA  . LEU A 1 99  ? 11.219  -8.346  2.068   1.00 48.83  ? 247 LEU A CA  1 
ATOM   783  C  C   . LEU A 1 99  ? 12.259  -9.456  2.159   1.00 52.33  ? 247 LEU A C   1 
ATOM   784  O  O   . LEU A 1 99  ? 13.197  -9.493  1.353   1.00 53.02  ? 247 LEU A O   1 
ATOM   785  C  CB  . LEU A 1 99  ? 10.299  -8.553  0.858   1.00 46.19  ? 247 LEU A CB  1 
ATOM   786  C  CG  . LEU A 1 99  ? 9.061   -7.662  0.706   1.00 52.03  ? 247 LEU A CG  1 
ATOM   787  C  CD1 . LEU A 1 99  ? 8.313   -7.513  2.017   1.00 56.06  ? 247 LEU A CD1 1 
ATOM   788  C  CD2 . LEU A 1 99  ? 9.409   -6.309  0.134   1.00 51.09  ? 247 LEU A CD2 1 
ATOM   789  N  N   . LEU A 1 100 ? 12.104  -10.338 3.145   1.00 47.07  ? 248 LEU A N   1 
ATOM   790  C  CA  . LEU A 1 100 ? 13.091  -11.383 3.407   1.00 49.86  ? 248 LEU A CA  1 
ATOM   791  C  C   . LEU A 1 100 ? 12.649  -12.778 2.968   1.00 54.51  ? 248 LEU A C   1 
ATOM   792  O  O   . LEU A 1 100 ? 11.456  -13.112 2.971   1.00 48.92  ? 248 LEU A O   1 
ATOM   793  C  CB  . LEU A 1 100 ? 13.453  -11.452 4.899   1.00 52.06  ? 248 LEU A CB  1 
ATOM   794  C  CG  . LEU A 1 100 ? 13.972  -10.201 5.606   1.00 55.28  ? 248 LEU A CG  1 
ATOM   795  C  CD1 . LEU A 1 100 ? 14.166  -10.516 7.076   1.00 55.01  ? 248 LEU A CD1 1 
ATOM   796  C  CD2 . LEU A 1 100 ? 15.267  -9.709  4.974   1.00 60.06  ? 248 LEU A CD2 1 
ATOM   797  N  N   . GLU A 1 101 ? 13.647  -13.574 2.588   1.00 54.22  ? 249 GLU A N   1 
ATOM   798  C  CA  . GLU A 1 101 ? 13.502  -15.000 2.352   1.00 58.22  ? 249 GLU A CA  1 
ATOM   799  C  C   . GLU A 1 101 ? 14.682  -15.657 3.050   1.00 58.07  ? 249 GLU A C   1 
ATOM   800  O  O   . GLU A 1 101 ? 15.828  -15.366 2.708   1.00 56.76  ? 249 GLU A O   1 
ATOM   801  C  CB  . GLU A 1 101 ? 13.516  -15.289 0.842   1.00 57.93  ? 249 GLU A CB  1 
ATOM   802  C  CG  . GLU A 1 101 ? 12.222  -14.894 0.155   1.00 53.98  ? 249 GLU A CG  1 
ATOM   803  C  CD  . GLU A 1 101 ? 12.180  -15.202 -1.331  1.00 55.68  ? 249 GLU A CD  1 
ATOM   804  O  OE1 . GLU A 1 101 ? 13.237  -15.170 -2.008  1.00 55.48  ? 249 GLU A OE1 1 
ATOM   805  O  OE2 . GLU A 1 101 ? 11.064  -15.476 -1.830  1.00 54.48  ? 249 GLU A OE2 1 
ATOM   806  N  N   . ASN A 1 102 ? 14.408  -16.492 4.058   1.00 59.74  ? 250 ASN A N   1 
ATOM   807  C  CA  . ASN A 1 102 ? 15.475  -17.138 4.820   1.00 60.25  ? 250 ASN A CA  1 
ATOM   808  C  C   . ASN A 1 102 ? 16.458  -16.140 5.424   1.00 62.74  ? 250 ASN A C   1 
ATOM   809  O  O   . ASN A 1 102 ? 17.675  -16.368 5.408   1.00 61.61  ? 250 ASN A O   1 
ATOM   810  C  CB  . ASN A 1 102 ? 16.279  -18.086 3.917   1.00 70.31  ? 250 ASN A CB  1 
ATOM   811  C  CG  . ASN A 1 102 ? 15.506  -19.318 3.517   1.00 75.97  ? 250 ASN A CG  1 
ATOM   812  O  OD1 . ASN A 1 102 ? 15.834  -20.430 3.943   1.00 81.42  ? 250 ASN A OD1 1 
ATOM   813  N  ND2 . ASN A 1 102 ? 14.481  -19.137 2.685   1.00 74.42  ? 250 ASN A ND2 1 
ATOM   814  N  N   . GLY A 1 103 ? 15.947  -15.022 5.928   1.00 58.47  ? 251 GLY A N   1 
ATOM   815  C  CA  . GLY A 1 103 ? 16.812  -13.997 6.486   1.00 62.38  ? 251 GLY A CA  1 
ATOM   816  C  C   . GLY A 1 103 ? 17.602  -13.172 5.470   1.00 67.27  ? 251 GLY A C   1 
ATOM   817  O  O   . GLY A 1 103 ? 18.314  -12.239 5.861   1.00 67.48  ? 251 GLY A O   1 
ATOM   818  N  N   . GLN A 1 104 ? 17.487  -13.502 4.178   1.00 60.34  ? 252 GLN A N   1 
ATOM   819  C  CA  . GLN A 1 104 ? 18.142  -12.732 3.110   1.00 63.40  ? 252 GLN A CA  1 
ATOM   820  C  C   . GLN A 1 104 ? 17.174  -11.754 2.441   1.00 60.31  ? 252 GLN A C   1 
ATOM   821  O  O   . GLN A 1 104 ? 15.988  -12.045 2.302   1.00 58.07  ? 252 GLN A O   1 
ATOM   822  C  CB  . GLN A 1 104 ? 18.712  -13.668 2.030   1.00 64.46  ? 252 GLN A CB  1 
ATOM   823  C  CG  . GLN A 1 104 ? 19.728  -14.689 2.530   1.00 75.24  ? 252 GLN A CG  1 
ATOM   824  C  CD  . GLN A 1 104 ? 21.128  -14.118 2.668   1.00 82.48  ? 252 GLN A CD  1 
ATOM   825  O  OE1 . GLN A 1 104 ? 21.655  -14.001 3.781   1.00 83.78  ? 252 GLN A OE1 1 
ATOM   826  N  NE2 . GLN A 1 104 ? 21.749  -13.775 1.534   1.00 78.87  ? 252 GLN A NE2 1 
ATOM   827  N  N   . ARG A 1 105 ? 17.687  -10.606 2.008   1.00 58.16  ? 253 ARG A N   1 
ATOM   828  C  CA  . ARG A 1 105 ? 16.881  -9.632  1.269   1.00 57.48  ? 253 ARG A CA  1 
ATOM   829  C  C   . ARG A 1 105 ? 16.495  -10.149 -0.116  1.00 56.26  ? 253 ARG A C   1 
ATOM   830  O  O   . ARG A 1 105 ? 17.361  -10.435 -0.942  1.00 57.06  ? 253 ARG A O   1 
ATOM   831  C  CB  . ARG A 1 105 ? 17.638  -8.309  1.120   1.00 60.39  ? 253 ARG A CB  1 
ATOM   832  C  CG  . ARG A 1 105 ? 16.828  -7.202  0.421   1.00 61.35  ? 253 ARG A CG  1 
ATOM   833  C  CD  . ARG A 1 105 ? 17.487  -5.850  0.598   1.00 67.16  ? 253 ARG A CD  1 
ATOM   834  N  NE  . ARG A 1 105 ? 17.795  -5.567  2.003   1.00 68.78  ? 253 ARG A NE  1 
ATOM   835  C  CZ  . ARG A 1 105 ? 18.599  -4.588  2.415   1.00 74.06  ? 253 ARG A CZ  1 
ATOM   836  N  NH1 . ARG A 1 105 ? 19.186  -3.791  1.528   1.00 76.21  ? 253 ARG A NH1 1 
ATOM   837  N  NH2 . ARG A 1 105 ? 18.819  -4.413  3.714   1.00 74.67  ? 253 ARG A NH2 1 
ATOM   838  N  N   . ALA A 1 106 ? 15.198  -10.274 -0.374  1.00 50.34  ? 254 ALA A N   1 
ATOM   839  C  CA  . ALA A 1 106 ? 14.744  -10.690 -1.699  1.00 48.86  ? 254 ALA A CA  1 
ATOM   840  C  C   . ALA A 1 106 ? 14.052  -9.557  -2.452  1.00 49.55  ? 254 ALA A C   1 
ATOM   841  O  O   . ALA A 1 106 ? 13.650  -9.718  -3.604  1.00 48.49  ? 254 ALA A O   1 
ATOM   842  C  CB  . ALA A 1 106 ? 13.828  -11.896 -1.602  1.00 46.28  ? 254 ALA A CB  1 
ATOM   843  N  N   . GLY A 1 107 ? 13.896  -8.407  -1.805  1.00 54.48  ? 255 GLY A N   1 
ATOM   844  C  CA  . GLY A 1 107 ? 13.161  -7.315  -2.420  1.00 45.32  ? 255 GLY A CA  1 
ATOM   845  C  C   . GLY A 1 107 ? 13.061  -6.106  -1.518  1.00 50.09  ? 255 GLY A C   1 
ATOM   846  O  O   . GLY A 1 107 ? 13.338  -6.196  -0.324  1.00 51.38  ? 255 GLY A O   1 
ATOM   847  N  N   . THR A 1 108 ? 12.657  -4.976  -2.089  1.00 47.50  ? 256 THR A N   1 
ATOM   848  C  CA  . THR A 1 108 ? 12.642  -3.713  -1.368  1.00 48.08  ? 256 THR A CA  1 
ATOM   849  C  C   . THR A 1 108 ? 11.612  -2.776  -1.978  1.00 51.80  ? 256 THR A C   1 
ATOM   850  O  O   . THR A 1 108 ? 11.626  -2.534  -3.183  1.00 50.24  ? 256 THR A O   1 
ATOM   851  C  CB  . THR A 1 108 ? 14.009  -3.033  -1.423  1.00 53.50  ? 256 THR A CB  1 
ATOM   852  O  OG1 . THR A 1 108 ? 15.017  -3.938  -0.953  1.00 53.78  ? 256 THR A OG1 1 
ATOM   853  C  CG2 . THR A 1 108 ? 14.010  -1.818  -0.549  1.00 53.71  ? 256 THR A CG2 1 
ATOM   854  N  N   . CYS A 1 109 ? 10.720  -2.245  -1.145  1.00 45.65  ? 257 CYS A N   1 
ATOM   855  C  CA  . CYS A 1 109 ? 9.681   -1.355  -1.634  1.00 43.20  ? 257 CYS A CA  1 
ATOM   856  C  C   . CYS A 1 109 ? 9.069   -0.436  -0.577  1.00 44.38  ? 257 CYS A C   1 
ATOM   857  O  O   . CYS A 1 109 ? 9.082   -0.727  0.631   1.00 42.24  ? 257 CYS A O   1 
ATOM   858  C  CB  . CYS A 1 109 ? 8.580   -2.169  -2.316  1.00 48.62  ? 257 CYS A CB  1 
ATOM   859  S  SG  . CYS A 1 109 ? 7.622   -3.204  -1.181  1.00 50.12  ? 257 CYS A SG  1 
ATOM   860  N  N   . VAL A 1 110 ? 8.536   0.684   -1.051  1.00 46.00  ? 258 VAL A N   1 
ATOM   861  C  CA  . VAL A 1 110 ? 7.656   1.515   -0.241  1.00 43.67  ? 258 VAL A CA  1 
ATOM   862  C  C   . VAL A 1 110 ? 6.300   0.830   -0.150  1.00 41.82  ? 258 VAL A C   1 
ATOM   863  O  O   . VAL A 1 110 ? 5.647   0.554   -1.161  1.00 42.38  ? 258 VAL A O   1 
ATOM   864  C  CB  . VAL A 1 110 ? 7.476   2.918   -0.853  1.00 43.87  ? 258 VAL A CB  1 
ATOM   865  C  CG1 . VAL A 1 110 ? 6.818   3.876   0.169   1.00 47.70  ? 258 VAL A CG1 1 
ATOM   866  C  CG2 . VAL A 1 110 ? 8.817   3.443   -1.309  1.00 49.54  ? 258 VAL A CG2 1 
ATOM   867  N  N   . LEU A 1 111 ? 5.871   0.600   1.080   1.00 36.66  ? 259 LEU A N   1 
ATOM   868  C  CA  . LEU A 1 111 ? 4.751   -0.281  1.364   1.00 46.53  ? 259 LEU A CA  1 
ATOM   869  C  C   . LEU A 1 111 ? 3.937   0.341   2.481   1.00 43.47  ? 259 LEU A C   1 
ATOM   870  O  O   . LEU A 1 111 ? 4.516   0.913   3.404   1.00 45.34  ? 259 LEU A O   1 
ATOM   871  C  CB  . LEU A 1 111 ? 5.335   -1.609  1.859   1.00 47.99  ? 259 LEU A CB  1 
ATOM   872  C  CG  . LEU A 1 111 ? 4.544   -2.893  2.036   1.00 51.09  ? 259 LEU A CG  1 
ATOM   873  C  CD1 . LEU A 1 111 ? 3.923   -3.319  0.713   1.00 38.24  ? 259 LEU A CD1 1 
ATOM   874  C  CD2 . LEU A 1 111 ? 5.509   -3.971  2.570   1.00 42.87  ? 259 LEU A CD2 1 
ATOM   875  N  N   . GLU A 1 112 ? 2.608   0.250   2.408   1.00 47.45  ? 260 GLU A N   1 
ATOM   876  C  CA  . GLU A 1 112 ? 1.753   0.721   3.503   1.00 43.86  ? 260 GLU A CA  1 
ATOM   877  C  C   . GLU A 1 112 ? 0.332   0.218   3.352   1.00 46.13  ? 260 GLU A C   1 
ATOM   878  O  O   . GLU A 1 112 ? -0.084  -0.168  2.257   1.00 44.24  ? 260 GLU A O   1 
ATOM   879  C  CB  . GLU A 1 112 ? 1.740   2.258   3.563   1.00 48.27  ? 260 GLU A CB  1 
ATOM   880  C  CG  . GLU A 1 112 ? 1.271   2.938   2.273   1.00 49.41  ? 260 GLU A CG  1 
ATOM   881  C  CD  . GLU A 1 112 ? 1.449   4.461   2.305   1.00 51.72  ? 260 GLU A CD  1 
ATOM   882  O  OE1 . GLU A 1 112 ? 2.608   4.921   2.421   1.00 49.47  ? 260 GLU A OE1 1 
ATOM   883  O  OE2 . GLU A 1 112 ? 0.437   5.205   2.224   1.00 58.12  ? 260 GLU A OE2 1 
ATOM   884  N  N   . TYR A 1 113 ? -0.408  0.247   4.459   1.00 43.69  ? 261 TYR A N   1 
ATOM   885  C  CA  . TYR A 1 113 ? -1.812  -0.159  4.499   1.00 41.21  ? 261 TYR A CA  1 
ATOM   886  C  C   . TYR A 1 113 ? -2.701  0.971   4.033   1.00 42.63  ? 261 TYR A C   1 
ATOM   887  O  O   . TYR A 1 113 ? -2.453  2.136   4.358   1.00 41.82  ? 261 TYR A O   1 
ATOM   888  C  CB  . TYR A 1 113 ? -2.222  -0.534  5.934   1.00 41.73  ? 261 TYR A CB  1 
ATOM   889  C  CG  . TYR A 1 113 ? -1.705  -1.886  6.371   1.00 42.76  ? 261 TYR A CG  1 
ATOM   890  C  CD1 . TYR A 1 113 ? -2.301  -3.058  5.911   1.00 42.23  ? 261 TYR A CD1 1 
ATOM   891  C  CD2 . TYR A 1 113 ? -0.610  -1.998  7.216   1.00 43.56  ? 261 TYR A CD2 1 
ATOM   892  C  CE1 . TYR A 1 113 ? -1.823  -4.321  6.301   1.00 45.52  ? 261 TYR A CE1 1 
ATOM   893  C  CE2 . TYR A 1 113 ? -0.128  -3.250  7.613   1.00 49.80  ? 261 TYR A CE2 1 
ATOM   894  C  CZ  . TYR A 1 113 ? -0.738  -4.409  7.150   1.00 47.13  ? 261 TYR A CZ  1 
ATOM   895  O  OH  . TYR A 1 113 ? -0.265  -5.658  7.527   1.00 58.71  ? 261 TYR A OH  1 
ATOM   896  N  N   . ALA A 1 114 ? -3.739  0.626   3.276   1.00 40.11  ? 262 ALA A N   1 
ATOM   897  C  CA  . ALA A 1 114 ? -4.763  1.586   2.944   1.00 45.23  ? 262 ALA A CA  1 
ATOM   898  C  C   . ALA A 1 114 ? -5.566  1.866   4.215   1.00 47.48  ? 262 ALA A C   1 
ATOM   899  O  O   . ALA A 1 114 ? -6.450  1.097   4.583   1.00 41.75  ? 262 ALA A O   1 
ATOM   900  C  CB  . ALA A 1 114 ? -5.663  1.045   1.846   1.00 41.20  ? 262 ALA A CB  1 
ATOM   901  N  N   . THR A 1 115 ? -5.249  2.977   4.868   1.00 48.38  ? 263 THR A N   1 
ATOM   902  C  CA  . THR A 1 115 ? -5.883  3.386   6.127   1.00 51.76  ? 263 THR A CA  1 
ATOM   903  C  C   . THR A 1 115 ? -7.430  3.383   6.179   1.00 44.56  ? 263 THR A C   1 
ATOM   904  O  O   . THR A 1 115 ? -7.994  3.087   7.231   1.00 49.87  ? 263 THR A O   1 
ATOM   905  C  CB  . THR A 1 115 ? -5.344  4.766   6.554   1.00 49.27  ? 263 THR A CB  1 
ATOM   906  O  OG1 . THR A 1 115 ? -5.242  5.585   5.393   1.00 52.70  ? 263 THR A OG1 1 
ATOM   907  C  CG2 . THR A 1 115 ? -3.948  4.635   7.100   1.00 48.84  ? 263 THR A CG2 1 
ATOM   908  N  N   . PRO A 1 116 ? -8.130  3.704   5.059   1.00 43.84  ? 264 PRO A N   1 
ATOM   909  C  CA  . PRO A 1 116 ? -9.593  3.622   5.173   1.00 39.63  ? 264 PRO A CA  1 
ATOM   910  C  C   . PRO A 1 116 ? -10.181 2.267   5.591   1.00 48.13  ? 264 PRO A C   1 
ATOM   911  O  O   . PRO A 1 116 ? -11.361 2.210   5.972   1.00 42.05  ? 264 PRO A O   1 
ATOM   912  C  CB  . PRO A 1 116 ? -10.075 4.003   3.772   1.00 41.83  ? 264 PRO A CB  1 
ATOM   913  C  CG  . PRO A 1 116 ? -8.991  4.881   3.225   1.00 41.40  ? 264 PRO A CG  1 
ATOM   914  C  CD  . PRO A 1 116 ? -7.724  4.256   3.749   1.00 39.54  ? 264 PRO A CD  1 
ATOM   915  N  N   . LEU A 1 117 ? -9.394  1.193   5.542   1.00 42.46  ? 265 LEU A N   1 
ATOM   916  C  CA  . LEU A 1 117 ? -9.886  -0.096  6.038   1.00 43.22  ? 265 LEU A CA  1 
ATOM   917  C  C   . LEU A 1 117 ? -10.038 -0.094  7.576   1.00 47.54  ? 265 LEU A C   1 
ATOM   918  O  O   . LEU A 1 117 ? -10.865 -0.828  8.133   1.00 45.22  ? 265 LEU A O   1 
ATOM   919  C  CB  . LEU A 1 117 ? -8.977  -1.242  5.585   1.00 42.71  ? 265 LEU A CB  1 
ATOM   920  C  CG  . LEU A 1 117 ? -8.838  -1.532  4.081   1.00 44.16  ? 265 LEU A CG  1 
ATOM   921  C  CD1 . LEU A 1 117 ? -7.941  -2.732  3.862   1.00 42.42  ? 265 LEU A CD1 1 
ATOM   922  C  CD2 . LEU A 1 117 ? -10.167 -1.773  3.384   1.00 38.63  ? 265 LEU A CD2 1 
ATOM   923  N  N   . GLN A 1 118 ? -9.225  0.717   8.255   1.00 47.75  ? 266 GLN A N   1 
ATOM   924  C  CA  . GLN A 1 118 ? -9.353  0.931   9.695   1.00 45.96  ? 266 GLN A CA  1 
ATOM   925  C  C   . GLN A 1 118 ? -10.732 1.466   10.045  1.00 49.85  ? 266 GLN A C   1 
ATOM   926  O  O   . GLN A 1 118 ? -11.315 1.082   11.069  1.00 44.83  ? 266 GLN A O   1 
ATOM   927  C  CB  . GLN A 1 118 ? -8.306  1.932   10.196  1.00 51.90  ? 266 GLN A CB  1 
ATOM   928  C  CG  . GLN A 1 118 ? -6.924  1.356   10.402  1.00 55.44  ? 266 GLN A CG  1 
ATOM   929  C  CD  . GLN A 1 118 ? -5.903  2.407   10.828  1.00 62.28  ? 266 GLN A CD  1 
ATOM   930  O  OE1 . GLN A 1 118 ? -5.763  3.462   10.185  1.00 65.27  ? 266 GLN A OE1 1 
ATOM   931  N  NE2 . GLN A 1 118 ? -5.186  2.126   11.926  1.00 63.48  ? 266 GLN A NE2 1 
ATOM   932  N  N   . THR A 1 119 ? -11.229 2.382   9.211   1.00 45.02  ? 267 THR A N   1 
ATOM   933  C  CA  . THR A 1 119 ? -12.573 2.937   9.358   1.00 40.51  ? 267 THR A CA  1 
ATOM   934  C  C   . THR A 1 119 ? -13.644 1.851   9.278   1.00 44.95  ? 267 THR A C   1 
ATOM   935  O  O   . THR A 1 119 ? -14.597 1.851   10.065  1.00 43.71  ? 267 THR A O   1 
ATOM   936  C  CB  . THR A 1 119 ? -12.878 4.002   8.261   1.00 46.21  ? 267 THR A CB  1 
ATOM   937  O  OG1 . THR A 1 119 ? -11.982 5.111   8.391   1.00 42.55  ? 267 THR A OG1 1 
ATOM   938  C  CG2 . THR A 1 119 ? -14.304 4.492   8.376   1.00 41.47  ? 267 THR A CG2 1 
ATOM   939  N  N   . LEU A 1 120 ? -13.497 0.947   8.308   1.00 40.57  ? 268 LEU A N   1 
ATOM   940  C  CA  . LEU A 1 120 ? -14.397 -0.196  8.162   1.00 44.62  ? 268 LEU A CA  1 
ATOM   941  C  C   . LEU A 1 120 ? -14.323 -1.142  9.357   1.00 47.45  ? 268 LEU A C   1 
ATOM   942  O  O   . LEU A 1 120 ? -15.349 -1.659  9.827   1.00 42.85  ? 268 LEU A O   1 
ATOM   943  C  CB  . LEU A 1 120 ? -14.089 -0.966  6.882   1.00 44.06  ? 268 LEU A CB  1 
ATOM   944  C  CG  . LEU A 1 120 ? -14.424 -0.216  5.591   1.00 43.38  ? 268 LEU A CG  1 
ATOM   945  C  CD1 . LEU A 1 120 ? -14.029 -1.059  4.365   1.00 44.05  ? 268 LEU A CD1 1 
ATOM   946  C  CD2 . LEU A 1 120 ? -15.891 0.076   5.571   1.00 39.81  ? 268 LEU A CD2 1 
ATOM   947  N  N   . PHE A 1 121 ? -13.111 -1.376  9.848   1.00 43.88  ? 269 PHE A N   1 
ATOM   948  C  CA  . PHE A 1 121 ? -12.979 -2.136  11.081  1.00 43.50  ? 269 PHE A CA  1 
ATOM   949  C  C   . PHE A 1 121 ? -13.648 -1.427  12.262  1.00 44.99  ? 269 PHE A C   1 
ATOM   950  O  O   . PHE A 1 121 ? -14.447 -2.032  12.980  1.00 46.92  ? 269 PHE A O   1 
ATOM   951  C  CB  . PHE A 1 121 ? -11.527 -2.440  11.427  1.00 45.91  ? 269 PHE A CB  1 
ATOM   952  C  CG  . PHE A 1 121 ? -11.389 -3.414  12.569  1.00 45.27  ? 269 PHE A CG  1 
ATOM   953  C  CD1 . PHE A 1 121 ? -11.475 -4.779  12.347  1.00 49.81  ? 269 PHE A CD1 1 
ATOM   954  C  CD2 . PHE A 1 121 ? -11.201 -2.963  13.865  1.00 47.40  ? 269 PHE A CD2 1 
ATOM   955  C  CE1 . PHE A 1 121 ? -11.374 -5.686  13.403  1.00 50.73  ? 269 PHE A CE1 1 
ATOM   956  C  CE2 . PHE A 1 121 ? -11.095 -3.863  14.927  1.00 46.96  ? 269 PHE A CE2 1 
ATOM   957  C  CZ  . PHE A 1 121 ? -11.182 -5.224  14.695  1.00 43.29  ? 269 PHE A CZ  1 
ATOM   958  N  N   . ALA A 1 122 ? -13.327 -0.154  12.473  1.00 42.23  ? 270 ALA A N   1 
ATOM   959  C  CA  . ALA A 1 122 ? -13.913 0.573   13.604  1.00 48.44  ? 270 ALA A CA  1 
ATOM   960  C  C   . ALA A 1 122 ? -15.439 0.593   13.527  1.00 47.58  ? 270 ALA A C   1 
ATOM   961  O  O   . ALA A 1 122 ? -16.114 0.484   14.554  1.00 47.25  ? 270 ALA A O   1 
ATOM   962  C  CB  . ALA A 1 122 ? -13.337 1.980   13.725  1.00 36.37  ? 270 ALA A CB  1 
ATOM   963  N  N   . MET A 1 123 ? -15.974 0.663   12.309  1.00 46.19  ? 271 MET A N   1 
ATOM   964  C  CA  . MET A 1 123 ? -17.421 0.658   12.100  1.00 45.52  ? 271 MET A CA  1 
ATOM   965  C  C   . MET A 1 123 ? -18.052 -0.663  12.486  1.00 47.95  ? 271 MET A C   1 
ATOM   966  O  O   . MET A 1 123 ? -19.195 -0.686  12.943  1.00 50.87  ? 271 MET A O   1 
ATOM   967  C  CB  . MET A 1 123 ? -17.780 0.952   10.643  1.00 46.21  ? 271 MET A CB  1 
ATOM   968  C  CG  . MET A 1 123 ? -17.864 2.408   10.259  1.00 43.77  ? 271 MET A CG  1 
ATOM   969  S  SD  . MET A 1 123 ? -18.490 2.540   8.550   1.00 49.05  ? 271 MET A SD  1 
ATOM   970  C  CE  . MET A 1 123 ? -20.224 2.025   8.764   1.00 44.41  ? 271 MET A CE  1 
ATOM   971  N  N   . SER A 1 124 ? -17.340 -1.764  12.266  1.00 45.21  ? 272 SER A N   1 
ATOM   972  C  CA  . SER A 1 124 ? -17.888 -3.073  12.621  1.00 52.92  ? 272 SER A CA  1 
ATOM   973  C  C   . SER A 1 124 ? -17.880 -3.279  14.126  1.00 48.63  ? 272 SER A C   1 
ATOM   974  O  O   . SER A 1 124 ? -18.551 -4.170  14.637  1.00 51.86  ? 272 SER A O   1 
ATOM   975  C  CB  . SER A 1 124 ? -17.128 -4.223  11.951  1.00 43.15  ? 272 SER A CB  1 
ATOM   976  O  OG  . SER A 1 124 ? -15.798 -4.288  12.419  1.00 45.37  ? 272 SER A OG  1 
ATOM   977  N  N   . GLN A 1 125 ? -17.100 -2.467  14.831  1.00 49.16  ? 273 GLN A N   1 
ATOM   978  C  CA  . GLN A 1 125 ? -17.031 -2.571  16.282  1.00 49.35  ? 273 GLN A CA  1 
ATOM   979  C  C   . GLN A 1 125 ? -17.965 -1.562  16.952  1.00 49.43  ? 273 GLN A C   1 
ATOM   980  O  O   . GLN A 1 125 ? -18.163 -1.595  18.165  1.00 45.29  ? 273 GLN A O   1 
ATOM   981  C  CB  . GLN A 1 125 ? -15.580 -2.437  16.765  1.00 45.17  ? 273 GLN A CB  1 
ATOM   982  C  CG  . GLN A 1 125 ? -14.718 -3.640  16.369  1.00 45.81  ? 273 GLN A CG  1 
ATOM   983  C  CD  . GLN A 1 125 ? -13.575 -3.886  17.335  1.00 47.19  ? 273 GLN A CD  1 
ATOM   984  O  OE1 . GLN A 1 125 ? -13.182 -2.995  18.090  1.00 49.96  ? 273 GLN A OE1 1 
ATOM   985  N  NE2 . GLN A 1 125 ? -13.042 -5.105  17.327  1.00 48.26  ? 273 GLN A NE2 1 
ATOM   986  N  N   . TYR A 1 126 ? -18.549 -0.685  16.134  1.00 46.57  ? 274 TYR A N   1 
ATOM   987  C  CA  . TYR A 1 126 ? -19.475 0.351   16.584  1.00 44.36  ? 274 TYR A CA  1 
ATOM   988  C  C   . TYR A 1 126 ? -20.927 -0.136  16.427  1.00 48.24  ? 274 TYR A C   1 
ATOM   989  O  O   . TYR A 1 126 ? -21.456 -0.190  15.311  1.00 47.37  ? 274 TYR A O   1 
ATOM   990  C  CB  . TYR A 1 126 ? -19.250 1.609   15.755  1.00 48.11  ? 274 TYR A CB  1 
ATOM   991  C  CG  . TYR A 1 126 ? -20.084 2.784   16.176  1.00 48.32  ? 274 TYR A CG  1 
ATOM   992  C  CD1 . TYR A 1 126 ? -19.946 3.334   17.433  1.00 46.15  ? 274 TYR A CD1 1 
ATOM   993  C  CD2 . TYR A 1 126 ? -20.985 3.369   15.303  1.00 52.21  ? 274 TYR A CD2 1 
ATOM   994  C  CE1 . TYR A 1 126 ? -20.706 4.422   17.824  1.00 52.72  ? 274 TYR A CE1 1 
ATOM   995  C  CE2 . TYR A 1 126 ? -21.740 4.469   15.682  1.00 43.68  ? 274 TYR A CE2 1 
ATOM   996  C  CZ  . TYR A 1 126 ? -21.599 4.981   16.952  1.00 48.93  ? 274 TYR A CZ  1 
ATOM   997  O  OH  . TYR A 1 126 ? -22.350 6.066   17.356  1.00 54.67  ? 274 TYR A OH  1 
ATOM   998  N  N   . SER A 1 127 ? -21.568 -0.498  17.538  1.00 46.04  ? 275 SER A N   1 
ATOM   999  C  CA  . SER A 1 127 ? -22.828 -1.241  17.474  1.00 49.37  ? 275 SER A CA  1 
ATOM   1000 C  C   . SER A 1 127 ? -23.954 -0.461  16.814  1.00 49.59  ? 275 SER A C   1 
ATOM   1001 O  O   . SER A 1 127 ? -24.750 -1.036  16.071  1.00 54.81  ? 275 SER A O   1 
ATOM   1002 C  CB  . SER A 1 127 ? -23.260 -1.737  18.861  1.00 54.54  ? 275 SER A CB  1 
ATOM   1003 O  OG  . SER A 1 127 ? -23.366 -0.674  19.794  1.00 55.52  ? 275 SER A OG  1 
ATOM   1004 N  N   . GLN A 1 128 ? -24.013 0.845   17.065  1.00 44.00  ? 276 GLN A N   1 
ATOM   1005 C  CA  . GLN A 1 128 ? -25.040 1.698   16.465  1.00 48.88  ? 276 GLN A CA  1 
ATOM   1006 C  C   . GLN A 1 128 ? -24.950 1.796   14.934  1.00 58.22  ? 276 GLN A C   1 
ATOM   1007 O  O   . GLN A 1 128 ? -25.827 2.392   14.300  1.00 61.11  ? 276 GLN A O   1 
ATOM   1008 C  CB  . GLN A 1 128 ? -24.997 3.116   17.063  1.00 50.98  ? 276 GLN A CB  1 
ATOM   1009 C  CG  . GLN A 1 128 ? -25.127 3.213   18.583  1.00 49.52  ? 276 GLN A CG  1 
ATOM   1010 C  CD  . GLN A 1 128 ? -23.827 2.881   19.306  1.00 59.73  ? 276 GLN A CD  1 
ATOM   1011 O  OE1 . GLN A 1 128 ? -23.008 2.096   18.814  1.00 62.02  ? 276 GLN A OE1 1 
ATOM   1012 N  NE2 . GLN A 1 128 ? -23.624 3.484   20.475  1.00 61.89  ? 276 GLN A NE2 1 
ATOM   1013 N  N   . ALA A 1 129 ? -23.896 1.245   14.338  1.00 51.34  ? 277 ALA A N   1 
ATOM   1014 C  CA  . ALA A 1 129 ? -23.772 1.262   12.885  1.00 54.45  ? 277 ALA A CA  1 
ATOM   1015 C  C   . ALA A 1 129 ? -24.516 0.091   12.213  1.00 59.00  ? 277 ALA A C   1 
ATOM   1016 O  O   . ALA A 1 129 ? -24.767 0.129   11.006  1.00 66.86  ? 277 ALA A O   1 
ATOM   1017 C  CB  . ALA A 1 129 ? -22.302 1.283   12.471  1.00 52.13  ? 277 ALA A CB  1 
ATOM   1018 N  N   . GLY A 1 130 ? -24.875 -0.939  12.985  1.00 59.99  ? 278 GLY A N   1 
ATOM   1019 C  CA  . GLY A 1 130 ? -25.548 -2.111  12.435  1.00 58.12  ? 278 GLY A CA  1 
ATOM   1020 C  C   . GLY A 1 130 ? -24.776 -2.726  11.275  1.00 63.98  ? 278 GLY A C   1 
ATOM   1021 O  O   . GLY A 1 130 ? -25.340 -3.104  10.242  1.00 60.04  ? 278 GLY A O   1 
ATOM   1022 N  N   . PHE A 1 131 ? -23.466 -2.832  11.471  1.00 61.49  ? 279 PHE A N   1 
ATOM   1023 C  CA  . PHE A 1 131 ? -22.527 -3.164  10.410  1.00 53.79  ? 279 PHE A CA  1 
ATOM   1024 C  C   . PHE A 1 131 ? -21.817 -4.444  10.837  1.00 55.55  ? 279 PHE A C   1 
ATOM   1025 O  O   . PHE A 1 131 ? -20.951 -4.425  11.713  1.00 53.37  ? 279 PHE A O   1 
ATOM   1026 C  CB  . PHE A 1 131 ? -21.538 -1.997  10.257  1.00 52.94  ? 279 PHE A CB  1 
ATOM   1027 C  CG  . PHE A 1 131 ? -20.752 -2.007  8.976   1.00 53.69  ? 279 PHE A CG  1 
ATOM   1028 C  CD1 . PHE A 1 131 ? -21.377 -1.803  7.758   1.00 51.68  ? 279 PHE A CD1 1 
ATOM   1029 C  CD2 . PHE A 1 131 ? -19.375 -2.174  8.994   1.00 51.44  ? 279 PHE A CD2 1 
ATOM   1030 C  CE1 . PHE A 1 131 ? -20.652 -1.799  6.578   1.00 54.04  ? 279 PHE A CE1 1 
ATOM   1031 C  CE2 . PHE A 1 131 ? -18.638 -2.161  7.814   1.00 51.66  ? 279 PHE A CE2 1 
ATOM   1032 C  CZ  . PHE A 1 131 ? -19.276 -1.977  6.601   1.00 49.85  ? 279 PHE A CZ  1 
ATOM   1033 N  N   . SER A 1 132 ? -22.199 -5.564  10.230  1.00 55.59  ? 280 SER A N   1 
ATOM   1034 C  CA  . SER A 1 132 ? -21.654 -6.857  10.610  1.00 57.71  ? 280 SER A CA  1 
ATOM   1035 C  C   . SER A 1 132 ? -20.293 -7.082  9.967   1.00 60.72  ? 280 SER A C   1 
ATOM   1036 O  O   . SER A 1 132 ? -19.861 -6.307  9.105   1.00 55.26  ? 280 SER A O   1 
ATOM   1037 C  CB  . SER A 1 132 ? -22.595 -7.974  10.168  1.00 59.48  ? 280 SER A CB  1 
ATOM   1038 O  OG  . SER A 1 132 ? -22.602 -8.070  8.755   1.00 63.81  ? 280 SER A OG  1 
ATOM   1039 N  N   . ARG A 1 133 ? -19.637 -8.158  10.387  1.00 59.84  ? 281 ARG A N   1 
ATOM   1040 C  CA  . ARG A 1 133 ? -18.369 -8.581  9.805   1.00 58.76  ? 281 ARG A CA  1 
ATOM   1041 C  C   . ARG A 1 133 ? -18.542 -8.976  8.346   1.00 58.45  ? 281 ARG A C   1 
ATOM   1042 O  O   . ARG A 1 133 ? -17.606 -8.883  7.548   1.00 58.06  ? 281 ARG A O   1 
ATOM   1043 C  CB  . ARG A 1 133 ? -17.797 -9.747  10.614  1.00 61.65  ? 281 ARG A CB  1 
ATOM   1044 C  CG  . ARG A 1 133 ? -17.672 -9.442  12.106  1.00 63.45  ? 281 ARG A CG  1 
ATOM   1045 C  CD  . ARG A 1 133 ? -17.129 -10.644 12.875  1.00 71.30  ? 281 ARG A CD  1 
ATOM   1046 N  NE  . ARG A 1 133 ? -16.756 -10.302 14.249  1.00 70.30  ? 281 ARG A NE  1 
ATOM   1047 C  CZ  . ARG A 1 133 ? -16.374 -11.191 15.161  1.00 71.23  ? 281 ARG A CZ  1 
ATOM   1048 N  NH1 . ARG A 1 133 ? -16.328 -12.480 14.854  1.00 72.35  ? 281 ARG A NH1 1 
ATOM   1049 N  NH2 . ARG A 1 133 ? -16.046 -10.792 16.382  1.00 77.83  ? 281 ARG A NH2 1 
ATOM   1050 N  N   . GLU A 1 134 ? -19.746 -9.413  7.997   1.00 57.29  ? 282 GLU A N   1 
ATOM   1051 C  CA  . GLU A 1 134 ? -20.050 -9.786  6.624   1.00 62.56  ? 282 GLU A CA  1 
ATOM   1052 C  C   . GLU A 1 134 ? -20.257 -8.521  5.814   1.00 61.67  ? 282 GLU A C   1 
ATOM   1053 O  O   . GLU A 1 134 ? -19.876 -8.450  4.646   1.00 56.66  ? 282 GLU A O   1 
ATOM   1054 C  CB  . GLU A 1 134 ? -21.288 -10.684 6.553   1.00 69.05  ? 282 GLU A CB  1 
ATOM   1055 C  CG  . GLU A 1 134 ? -21.077 -12.103 7.092   1.00 76.06  ? 282 GLU A CG  1 
ATOM   1056 C  CD  . GLU A 1 134 ? -20.777 -12.148 8.585   1.00 78.66  ? 282 GLU A CD  1 
ATOM   1057 O  OE1 . GLU A 1 134 ? -21.404 -11.380 9.360   1.00 73.44  ? 282 GLU A OE1 1 
ATOM   1058 O  OE2 . GLU A 1 134 ? -19.902 -12.954 8.984   1.00 84.42  ? 282 GLU A OE2 1 
ATOM   1059 N  N   . ASP A 1 135 ? -20.860 -7.514  6.440   1.00 58.72  ? 283 ASP A N   1 
ATOM   1060 C  CA  . ASP A 1 135 ? -20.987 -6.212  5.800   1.00 55.72  ? 283 ASP A CA  1 
ATOM   1061 C  C   . ASP A 1 135 ? -19.594 -5.635  5.558   1.00 55.64  ? 283 ASP A C   1 
ATOM   1062 O  O   . ASP A 1 135 ? -19.286 -5.166  4.465   1.00 50.98  ? 283 ASP A O   1 
ATOM   1063 C  CB  . ASP A 1 135 ? -21.820 -5.256  6.659   1.00 54.36  ? 283 ASP A CB  1 
ATOM   1064 C  CG  . ASP A 1 135 ? -23.282 -5.684  6.765   1.00 64.29  ? 283 ASP A CG  1 
ATOM   1065 O  OD1 . ASP A 1 135 ? -23.726 -6.497  5.927   1.00 67.95  ? 283 ASP A OD1 1 
ATOM   1066 O  OD2 . ASP A 1 135 ? -23.989 -5.201  7.681   1.00 67.09  ? 283 ASP A OD2 1 
ATOM   1067 N  N   . ARG A 1 136 ? -18.755 -5.703  6.587   1.00 52.75  ? 284 ARG A N   1 
ATOM   1068 C  CA  . ARG A 1 136 ? -17.395 -5.186  6.530   1.00 53.15  ? 284 ARG A CA  1 
ATOM   1069 C  C   . ARG A 1 136 ? -16.598 -5.813  5.384   1.00 53.57  ? 284 ARG A C   1 
ATOM   1070 O  O   . ARG A 1 136 ? -15.972 -5.104  4.593   1.00 51.77  ? 284 ARG A O   1 
ATOM   1071 C  CB  . ARG A 1 136 ? -16.677 -5.417  7.869   1.00 48.24  ? 284 ARG A CB  1 
ATOM   1072 C  CG  . ARG A 1 136 ? -15.249 -4.846  7.922   1.00 47.51  ? 284 ARG A CG  1 
ATOM   1073 C  CD  . ARG A 1 136 ? -14.253 -5.850  8.524   1.00 51.83  ? 284 ARG A CD  1 
ATOM   1074 N  NE  . ARG A 1 136 ? -14.437 -5.998  9.949   1.00 57.98  ? 284 ARG A NE  1 
ATOM   1075 C  CZ  . ARG A 1 136 ? -13.991 -7.011  10.677  1.00 54.17  ? 284 ARG A CZ  1 
ATOM   1076 N  NH1 . ARG A 1 136 ? -13.303 -8.007  10.122  1.00 44.97  ? 284 ARG A NH1 1 
ATOM   1077 N  NH2 . ARG A 1 136 ? -14.237 -7.017  11.979  1.00 53.18  ? 284 ARG A NH2 1 
ATOM   1078 N  N   . LEU A 1 137 ? -16.625 -7.140  5.297   1.00 52.48  ? 285 LEU A N   1 
ATOM   1079 C  CA  . LEU A 1 137 ? -15.926 -7.841  4.228   1.00 50.61  ? 285 LEU A CA  1 
ATOM   1080 C  C   . LEU A 1 137 ? -16.424 -7.389  2.865   1.00 50.63  ? 285 LEU A C   1 
ATOM   1081 O  O   . LEU A 1 137 ? -15.627 -7.068  1.986   1.00 51.10  ? 285 LEU A O   1 
ATOM   1082 C  CB  . LEU A 1 137 ? -16.091 -9.354  4.363   1.00 51.25  ? 285 LEU A CB  1 
ATOM   1083 C  CG  . LEU A 1 137 ? -15.593 -10.131 3.136   1.00 61.11  ? 285 LEU A CG  1 
ATOM   1084 C  CD1 . LEU A 1 137 ? -14.069 -10.291 3.146   1.00 56.50  ? 285 LEU A CD1 1 
ATOM   1085 C  CD2 . LEU A 1 137 ? -16.291 -11.492 3.021   1.00 60.43  ? 285 LEU A CD2 1 
ATOM   1086 N  N   . GLU A 1 138 ? -17.744 -7.366  2.697   1.00 49.73  ? 286 GLU A N   1 
ATOM   1087 C  CA  . GLU A 1 138 ? -18.364 -6.899  1.458   1.00 53.82  ? 286 GLU A CA  1 
ATOM   1088 C  C   . GLU A 1 138 ? -17.919 -5.482  1.085   1.00 52.50  ? 286 GLU A C   1 
ATOM   1089 O  O   . GLU A 1 138 ? -17.690 -5.189  -0.085  1.00 51.37  ? 286 GLU A O   1 
ATOM   1090 C  CB  . GLU A 1 138 ? -19.889 -6.952  1.582   1.00 57.39  ? 286 GLU A CB  1 
ATOM   1091 C  CG  . GLU A 1 138 ? -20.662 -6.293  0.446   1.00 60.77  ? 286 GLU A CG  1 
ATOM   1092 C  CD  . GLU A 1 138 ? -22.107 -5.966  0.848   1.00 75.66  ? 286 GLU A CD  1 
ATOM   1093 O  OE1 . GLU A 1 138 ? -22.312 -5.241  1.860   1.00 69.43  ? 286 GLU A OE1 1 
ATOM   1094 O  OE2 . GLU A 1 138 ? -23.037 -6.437  0.152   1.00 80.57  ? 286 GLU A OE2 1 
ATOM   1095 N  N   . GLN A 1 139 ? -17.791 -4.611  2.083   1.00 50.25  ? 287 GLN A N   1 
ATOM   1096 C  CA  . GLN A 1 139 ? -17.388 -3.229  1.828   1.00 51.48  ? 287 GLN A CA  1 
ATOM   1097 C  C   . GLN A 1 139 ? -15.880 -3.136  1.576   1.00 51.74  ? 287 GLN A C   1 
ATOM   1098 O  O   . GLN A 1 139 ? -15.437 -2.277  0.805   1.00 48.67  ? 287 GLN A O   1 
ATOM   1099 C  CB  . GLN A 1 139 ? -17.815 -2.283  2.960   1.00 48.22  ? 287 GLN A CB  1 
ATOM   1100 C  CG  . GLN A 1 139 ? -19.321 -2.004  3.051   1.00 49.19  ? 287 GLN A CG  1 
ATOM   1101 C  CD  . GLN A 1 139 ? -19.920 -1.486  1.750   1.00 52.01  ? 287 GLN A CD  1 
ATOM   1102 O  OE1 . GLN A 1 139 ? -19.376 -0.580  1.112   1.00 51.80  ? 287 GLN A OE1 1 
ATOM   1103 N  NE2 . GLN A 1 139 ? -21.044 -2.069  1.346   1.00 49.64  ? 287 GLN A NE2 1 
ATOM   1104 N  N   . ALA A 1 140 ? -15.092 -4.010  2.209   1.00 44.37  ? 288 ALA A N   1 
ATOM   1105 C  CA  . ALA A 1 140 ? -13.658 -4.075  1.889   1.00 46.56  ? 288 ALA A CA  1 
ATOM   1106 C  C   . ALA A 1 140 ? -13.424 -4.415  0.421   1.00 49.60  ? 288 ALA A C   1 
ATOM   1107 O  O   . ALA A 1 140 ? -12.667 -3.724  -0.277  1.00 49.43  ? 288 ALA A O   1 
ATOM   1108 C  CB  . ALA A 1 140 ? -12.932 -5.063  2.764   1.00 44.62  ? 288 ALA A CB  1 
ATOM   1109 N  N   . LYS A 1 141 ? -14.060 -5.482  -0.051  1.00 45.75  ? 289 LYS A N   1 
ATOM   1110 C  CA  . LYS A 1 141 ? -13.961 -5.854  -1.467  1.00 45.14  ? 289 LYS A CA  1 
ATOM   1111 C  C   . LYS A 1 141 ? -14.409 -4.710  -2.373  1.00 49.03  ? 289 LYS A C   1 
ATOM   1112 O  O   . LYS A 1 141 ? -13.768 -4.415  -3.373  1.00 52.54  ? 289 LYS A O   1 
ATOM   1113 C  CB  . LYS A 1 141 ? -14.818 -7.085  -1.757  1.00 48.22  ? 289 LYS A CB  1 
ATOM   1114 C  CG  . LYS A 1 141 ? -14.460 -8.319  -0.951  1.00 50.80  ? 289 LYS A CG  1 
ATOM   1115 C  CD  . LYS A 1 141 ? -15.251 -9.519  -1.481  1.00 56.73  ? 289 LYS A CD  1 
ATOM   1116 C  CE  . LYS A 1 141 ? -14.970 -10.788 -0.692  1.00 65.87  ? 289 LYS A CE  1 
ATOM   1117 N  NZ  . LYS A 1 141 ? -15.838 -11.919 -1.149  1.00 68.93  ? 289 LYS A NZ  1 
ATOM   1118 N  N   . LEU A 1 142 ? -15.514 -4.065  -2.015  1.00 49.15  ? 290 LEU A N   1 
ATOM   1119 C  CA  . LEU A 1 142 ? -16.047 -2.972  -2.819  1.00 45.23  ? 290 LEU A CA  1 
ATOM   1120 C  C   . LEU A 1 142 ? -15.110 -1.757  -2.792  1.00 45.40  ? 290 LEU A C   1 
ATOM   1121 O  O   . LEU A 1 142 ? -15.046 -0.997  -3.757  1.00 49.89  ? 290 LEU A O   1 
ATOM   1122 C  CB  . LEU A 1 142 ? -17.469 -2.608  -2.370  1.00 49.23  ? 290 LEU A CB  1 
ATOM   1123 C  CG  . LEU A 1 142 ? -18.157 -1.415  -3.048  1.00 48.68  ? 290 LEU A CG  1 
ATOM   1124 C  CD1 . LEU A 1 142 ? -18.268 -1.595  -4.576  1.00 54.31  ? 290 LEU A CD1 1 
ATOM   1125 C  CD2 . LEU A 1 142 ? -19.522 -1.164  -2.439  1.00 54.93  ? 290 LEU A CD2 1 
ATOM   1126 N  N   . PHE A 1 143 ? -14.358 -1.597  -1.704  1.00 45.86  ? 291 PHE A N   1 
ATOM   1127 C  CA  . PHE A 1 143 ? -13.348 -0.543  -1.612  1.00 46.73  ? 291 PHE A CA  1 
ATOM   1128 C  C   . PHE A 1 143 ? -12.245 -0.802  -2.638  1.00 49.48  ? 291 PHE A C   1 
ATOM   1129 O  O   . PHE A 1 143 ? -11.903 0.071   -3.450  1.00 42.03  ? 291 PHE A O   1 
ATOM   1130 C  CB  . PHE A 1 143 ? -12.777 -0.467  -0.178  1.00 45.93  ? 291 PHE A CB  1 
ATOM   1131 C  CG  . PHE A 1 143 ? -11.669 0.557   -0.003  1.00 44.79  ? 291 PHE A CG  1 
ATOM   1132 C  CD1 . PHE A 1 143 ? -11.964 1.871   0.330   1.00 47.66  ? 291 PHE A CD1 1 
ATOM   1133 C  CD2 . PHE A 1 143 ? -10.336 0.207   -0.172  1.00 46.59  ? 291 PHE A CD2 1 
ATOM   1134 C  CE1 . PHE A 1 143 ? -10.947 2.819   0.492   1.00 43.50  ? 291 PHE A CE1 1 
ATOM   1135 C  CE2 . PHE A 1 143 ? -9.319  1.155   -0.017  1.00 46.80  ? 291 PHE A CE2 1 
ATOM   1136 C  CZ  . PHE A 1 143 ? -9.632  2.465   0.317   1.00 43.06  ? 291 PHE A CZ  1 
ATOM   1137 N  N   . CYS A 1 144 ? -11.699 -2.014  -2.606  1.00 46.11  ? 292 CYS A N   1 
ATOM   1138 C  CA  . CYS A 1 144 ? -10.712 -2.434  -3.588  1.00 46.30  ? 292 CYS A CA  1 
ATOM   1139 C  C   . CYS A 1 144 ? -11.180 -2.218  -5.019  1.00 48.30  ? 292 CYS A C   1 
ATOM   1140 O  O   . CYS A 1 144 ? -10.478 -1.594  -5.817  1.00 50.47  ? 292 CYS A O   1 
ATOM   1141 C  CB  . CYS A 1 144 ? -10.332 -3.902  -3.386  1.00 47.90  ? 292 CYS A CB  1 
ATOM   1142 S  SG  . CYS A 1 144 ? -9.643  -4.198  -1.738  1.00 59.77  ? 292 CYS A SG  1 
ATOM   1143 N  N   . ARG A 1 145 ? -12.360 -2.726  -5.355  1.00 47.93  ? 293 ARG A N   1 
ATOM   1144 C  CA  . ARG A 1 145 ? -12.842 -2.607  -6.731  1.00 54.62  ? 293 ARG A CA  1 
ATOM   1145 C  C   . ARG A 1 145 ? -13.058 -1.151  -7.113  1.00 51.31  ? 293 ARG A C   1 
ATOM   1146 O  O   . ARG A 1 145 ? -12.776 -0.750  -8.236  1.00 53.20  ? 293 ARG A O   1 
ATOM   1147 C  CB  . ARG A 1 145 ? -14.150 -3.375  -6.924  1.00 58.05  ? 293 ARG A CB  1 
ATOM   1148 C  CG  . ARG A 1 145 ? -14.074 -4.854  -6.584  1.00 61.84  ? 293 ARG A CG  1 
ATOM   1149 C  CD  . ARG A 1 145 ? -15.279 -5.588  -7.172  1.00 67.60  ? 293 ARG A CD  1 
ATOM   1150 N  NE  . ARG A 1 145 ? -15.504 -6.901  -6.560  1.00 73.77  ? 293 ARG A NE  1 
ATOM   1151 C  CZ  . ARG A 1 145 ? -16.327 -7.124  -5.539  1.00 71.22  ? 293 ARG A CZ  1 
ATOM   1152 N  NH1 . ARG A 1 145 ? -17.020 -6.118  -5.008  1.00 58.36  ? 293 ARG A NH1 1 
ATOM   1153 N  NH2 . ARG A 1 145 ? -16.458 -8.354  -5.057  1.00 74.83  ? 293 ARG A NH2 1 
ATOM   1154 N  N   . THR A 1 146 ? -13.575 -0.362  -6.182  1.00 49.23  ? 294 THR A N   1 
ATOM   1155 C  CA  . THR A 1 146 ? -13.830 1.046   -6.479  1.00 46.22  ? 294 THR A CA  1 
ATOM   1156 C  C   . THR A 1 146 ? -12.511 1.747   -6.705  1.00 47.88  ? 294 THR A C   1 
ATOM   1157 O  O   . THR A 1 146 ? -12.361 2.506   -7.656  1.00 47.96  ? 294 THR A O   1 
ATOM   1158 C  CB  . THR A 1 146 ? -14.578 1.730   -5.342  1.00 41.49  ? 294 THR A CB  1 
ATOM   1159 O  OG1 . THR A 1 146 ? -15.783 1.000   -5.099  1.00 45.80  ? 294 THR A OG1 1 
ATOM   1160 C  CG2 . THR A 1 146 ? -14.930 3.186   -5.708  1.00 45.74  ? 294 THR A CG2 1 
ATOM   1161 N  N   . LEU A 1 147 ? -11.540 1.455   -5.845  1.00 45.83  ? 295 LEU A N   1 
ATOM   1162 C  CA  . LEU A 1 147 ? -10.263 2.129   -5.927  1.00 44.22  ? 295 LEU A CA  1 
ATOM   1163 C  C   . LEU A 1 147 ? -9.585  1.737   -7.234  1.00 49.21  ? 295 LEU A C   1 
ATOM   1164 O  O   . LEU A 1 147 ? -9.043  2.594   -7.927  1.00 50.56  ? 295 LEU A O   1 
ATOM   1165 C  CB  . LEU A 1 147 ? -9.394  1.820   -4.709  1.00 42.29  ? 295 LEU A CB  1 
ATOM   1166 C  CG  . LEU A 1 147 ? -8.076  2.599   -4.644  1.00 47.19  ? 295 LEU A CG  1 
ATOM   1167 C  CD1 . LEU A 1 147 ? -8.334  4.106   -4.851  1.00 43.86  ? 295 LEU A CD1 1 
ATOM   1168 C  CD2 . LEU A 1 147 ? -7.391  2.341   -3.307  1.00 41.80  ? 295 LEU A CD2 1 
ATOM   1169 N  N   . GLU A 1 148 ? -9.653  0.454   -7.589  1.00 49.38  ? 296 GLU A N   1 
ATOM   1170 C  CA  . GLU A 1 148 ? -9.116  -0.016  -8.873  1.00 52.60  ? 296 GLU A CA  1 
ATOM   1171 C  C   . GLU A 1 148 ? -9.705  0.738   -10.059 1.00 53.94  ? 296 GLU A C   1 
ATOM   1172 O  O   . GLU A 1 148 ? -8.968  1.220   -10.901 1.00 54.10  ? 296 GLU A O   1 
ATOM   1173 C  CB  . GLU A 1 148 ? -9.347  -1.514  -9.056  1.00 48.87  ? 296 GLU A CB  1 
ATOM   1174 C  CG  . GLU A 1 148 ? -8.195  -2.359  -8.575  1.00 57.70  ? 296 GLU A CG  1 
ATOM   1175 C  CD  . GLU A 1 148 ? -8.655  -3.730  -8.102  1.00 71.84  ? 296 GLU A CD  1 
ATOM   1176 O  OE1 . GLU A 1 148 ? -9.781  -4.141  -8.482  1.00 68.40  ? 296 GLU A OE1 1 
ATOM   1177 O  OE2 . GLU A 1 148 ? -7.903  -4.390  -7.342  1.00 71.99  ? 296 GLU A OE2 1 
ATOM   1178 N  N   . ASP A 1 149 ? -11.031 0.838   -10.125 1.00 53.15  ? 297 ASP A N   1 
ATOM   1179 C  CA  . ASP A 1 149 ? -11.662 1.537   -11.235 1.00 53.62  ? 297 ASP A CA  1 
ATOM   1180 C  C   . ASP A 1 149 ? -11.171 2.974   -11.350 1.00 57.83  ? 297 ASP A C   1 
ATOM   1181 O  O   . ASP A 1 149 ? -10.948 3.483   -12.453 1.00 61.79  ? 297 ASP A O   1 
ATOM   1182 C  CB  . ASP A 1 149 ? -13.184 1.507   -11.110 1.00 52.62  ? 297 ASP A CB  1 
ATOM   1183 C  CG  . ASP A 1 149 ? -13.734 0.100   -11.133 1.00 61.22  ? 297 ASP A CG  1 
ATOM   1184 O  OD1 . ASP A 1 149 ? -12.926 -0.834  -11.333 1.00 58.78  ? 297 ASP A OD1 1 
ATOM   1185 O  OD2 . ASP A 1 149 ? -14.964 -0.073  -10.946 1.00 66.30  ? 297 ASP A OD2 1 
ATOM   1186 N  N   . ILE A 1 150 ? -10.984 3.614   -10.204 1.00 51.13  ? 298 ILE A N   1 
ATOM   1187 C  CA  . ILE A 1 150 ? -10.508 4.990   -10.149 1.00 53.57  ? 298 ILE A CA  1 
ATOM   1188 C  C   . ILE A 1 150 ? -9.129  5.147   -10.799 1.00 54.23  ? 298 ILE A C   1 
ATOM   1189 O  O   . ILE A 1 150 ? -8.899  6.042   -11.610 1.00 52.81  ? 298 ILE A O   1 
ATOM   1190 C  CB  . ILE A 1 150 ? -10.437 5.480   -8.678  1.00 50.10  ? 298 ILE A CB  1 
ATOM   1191 C  CG1 . ILE A 1 150 ? -11.847 5.610   -8.088  1.00 48.97  ? 298 ILE A CG1 1 
ATOM   1192 C  CG2 . ILE A 1 150 ? -9.673  6.786   -8.588  1.00 46.94  ? 298 ILE A CG2 1 
ATOM   1193 C  CD1 . ILE A 1 150 ? -11.914 6.229   -6.660  1.00 43.32  ? 298 ILE A CD1 1 
ATOM   1194 N  N   . LEU A 1 151 ? -8.208  4.273   -10.427 1.00 57.66  ? 299 LEU A N   1 
ATOM   1195 C  CA  . LEU A 1 151 ? -6.840  4.349   -10.926 1.00 60.78  ? 299 LEU A CA  1 
ATOM   1196 C  C   . LEU A 1 151 ? -6.773  4.007   -12.411 1.00 58.28  ? 299 LEU A C   1 
ATOM   1197 O  O   . LEU A 1 151 ? -5.882  4.465   -13.117 1.00 64.10  ? 299 LEU A O   1 
ATOM   1198 C  CB  . LEU A 1 151 ? -5.949  3.404   -10.128 1.00 56.05  ? 299 LEU A CB  1 
ATOM   1199 C  CG  . LEU A 1 151 ? -5.857  3.725   -8.641  1.00 55.84  ? 299 LEU A CG  1 
ATOM   1200 C  CD1 . LEU A 1 151 ? -5.195  2.573   -7.861  1.00 51.20  ? 299 LEU A CD1 1 
ATOM   1201 C  CD2 . LEU A 1 151 ? -5.115  5.041   -8.431  1.00 54.12  ? 299 LEU A CD2 1 
ATOM   1202 N  N   . ALA A 1 152 ? -7.732  3.211   -12.874 1.00 57.91  ? 300 ALA A N   1 
ATOM   1203 C  CA  . ALA A 1 152 ? -7.811  2.830   -14.276 1.00 64.74  ? 300 ALA A CA  1 
ATOM   1204 C  C   . ALA A 1 152 ? -8.006  4.057   -15.158 1.00 68.55  ? 300 ALA A C   1 
ATOM   1205 O  O   . ALA A 1 152 ? -7.416  4.152   -16.237 1.00 67.04  ? 300 ALA A O   1 
ATOM   1206 C  CB  . ALA A 1 152 ? -8.937  1.817   -14.497 1.00 60.50  ? 300 ALA A CB  1 
ATOM   1207 N  N   . ASP A 1 153 ? -8.821  5.005   -14.697 1.00 60.07  ? 301 ASP A N   1 
ATOM   1208 C  CA  . ASP A 1 153 ? -8.998  6.249   -15.447 1.00 55.81  ? 301 ASP A CA  1 
ATOM   1209 C  C   . ASP A 1 153 ? -8.073  7.368   -14.968 1.00 59.07  ? 301 ASP A C   1 
ATOM   1210 O  O   . ASP A 1 153 ? -8.187  8.502   -15.428 1.00 58.48  ? 301 ASP A O   1 
ATOM   1211 C  CB  . ASP A 1 153 ? -10.461 6.723   -15.422 1.00 63.22  ? 301 ASP A CB  1 
ATOM   1212 C  CG  . ASP A 1 153 ? -11.416 5.718   -16.048 1.00 70.08  ? 301 ASP A CG  1 
ATOM   1213 O  OD1 . ASP A 1 153 ? -11.036 5.059   -17.047 1.00 72.05  ? 301 ASP A OD1 1 
ATOM   1214 O  OD2 . ASP A 1 153 ? -12.552 5.591   -15.535 1.00 71.63  ? 301 ASP A OD2 1 
ATOM   1215 N  N   . ALA A 1 154 ? -7.159  7.065   -14.051 1.00 56.25  ? 302 ALA A N   1 
ATOM   1216 C  CA  . ALA A 1 154 ? -6.303  8.120   -13.498 1.00 66.84  ? 302 ALA A CA  1 
ATOM   1217 C  C   . ALA A 1 154 ? -5.057  8.360   -14.355 1.00 75.85  ? 302 ALA A C   1 
ATOM   1218 O  O   . ALA A 1 154 ? -4.518  7.417   -14.945 1.00 77.19  ? 302 ALA A O   1 
ATOM   1219 C  CB  . ALA A 1 154 ? -5.922  7.822   -12.048 1.00 63.82  ? 302 ALA A CB  1 
ATOM   1220 N  N   . PRO A 1 155 ? -4.600  9.630   -14.425 1.00 75.93  ? 303 PRO A N   1 
ATOM   1221 C  CA  . PRO A 1 155 ? -3.457  10.027  -15.259 1.00 77.16  ? 303 PRO A CA  1 
ATOM   1222 C  C   . PRO A 1 155 ? -2.163  9.489   -14.669 1.00 84.07  ? 303 PRO A C   1 
ATOM   1223 O  O   . PRO A 1 155 ? -1.533  10.165  -13.854 1.00 89.79  ? 303 PRO A O   1 
ATOM   1224 C  CB  . PRO A 1 155 ? -3.476  11.556  -15.177 1.00 78.96  ? 303 PRO A CB  1 
ATOM   1225 C  CG  . PRO A 1 155 ? -4.113  11.851  -13.845 1.00 78.69  ? 303 PRO A CG  1 
ATOM   1226 C  CD  . PRO A 1 155 ? -5.133  10.763  -13.639 1.00 75.78  ? 303 PRO A CD  1 
ATOM   1227 N  N   . GLU A 1 156 ? -1.787  8.283   -15.087 1.00 76.81  ? 304 GLU A N   1 
ATOM   1228 C  CA  . GLU A 1 156 ? -0.665  7.534   -14.527 1.00 80.68  ? 304 GLU A CA  1 
ATOM   1229 C  C   . GLU A 1 156 ? -0.557  7.758   -13.007 1.00 80.05  ? 304 GLU A C   1 
ATOM   1230 O  O   . GLU A 1 156 ? 0.543   7.937   -12.479 1.00 78.47  ? 304 GLU A O   1 
ATOM   1231 C  CB  . GLU A 1 156 ? 0.652   7.849   -15.259 1.00 88.00  ? 304 GLU A CB  1 
ATOM   1232 C  CG  . GLU A 1 156 ? 1.029   9.322   -15.367 1.00 87.07  ? 304 GLU A CG  1 
ATOM   1233 C  CD  . GLU A 1 156 ? 1.766   9.834   -14.139 1.00 89.37  ? 304 GLU A CD  1 
ATOM   1234 O  OE1 . GLU A 1 156 ? 1.195   10.668  -13.399 1.00 88.47  ? 304 GLU A OE1 1 
ATOM   1235 O  OE2 . GLU A 1 156 ? 2.928   9.413   -13.922 1.00 88.40  ? 304 GLU A OE2 1 
ATOM   1236 N  N   . SER A 1 157 ? -1.689  7.737   -12.302 1.00 78.23  ? 305 SER A N   1 
ATOM   1237 C  CA  . SER A 1 157 ? -1.638  7.502   -10.865 1.00 70.68  ? 305 SER A CA  1 
ATOM   1238 C  C   . SER A 1 157 ? -1.618  5.966   -10.819 1.00 69.20  ? 305 SER A C   1 
ATOM   1239 O  O   . SER A 1 157 ? -0.952  5.362   -9.970  1.00 62.03  ? 305 SER A O   1 
ATOM   1240 C  CB  . SER A 1 157 ? -2.871  8.080   -10.154 1.00 67.49  ? 305 SER A CB  1 
ATOM   1241 O  OG  . SER A 1 157 ? -2.714  9.470   -9.862  1.00 68.04  ? 305 SER A OG  1 
ATOM   1242 N  N   . GLN A 1 158 ? -2.341  5.352   -11.756 1.00 69.93  ? 306 GLN A N   1 
ATOM   1243 C  CA  . GLN A 1 158 ? -2.309  3.905   -11.983 1.00 75.51  ? 306 GLN A CA  1 
ATOM   1244 C  C   . GLN A 1 158 ? -0.878  3.378   -12.001 1.00 77.23  ? 306 GLN A C   1 
ATOM   1245 O  O   . GLN A 1 158 ? -0.523  2.461   -11.262 1.00 73.81  ? 306 GLN A O   1 
ATOM   1246 C  CB  . GLN A 1 158 ? -2.950  3.594   -13.340 1.00 79.73  ? 306 GLN A CB  1 
ATOM   1247 C  CG  . GLN A 1 158 ? -3.141  2.107   -13.643 1.00 79.72  ? 306 GLN A CG  1 
ATOM   1248 C  CD  . GLN A 1 158 ? -3.822  1.865   -14.989 1.00 83.46  ? 306 GLN A CD  1 
ATOM   1249 O  OE1 . GLN A 1 158 ? -4.769  1.079   -15.088 1.00 87.16  ? 306 GLN A OE1 1 
ATOM   1250 N  NE2 . GLN A 1 158 ? -3.340  2.541   -16.032 1.00 77.66  ? 306 GLN A NE2 1 
ATOM   1251 N  N   . ASN A 1 159 ? -0.064  3.982   -12.860 1.00 75.42  ? 307 ASN A N   1 
ATOM   1252 C  CA  . ASN A 1 159 ? 1.340   3.621   -13.014 1.00 77.43  ? 307 ASN A CA  1 
ATOM   1253 C  C   . ASN A 1 159 ? 2.203   3.849   -11.758 1.00 71.55  ? 307 ASN A C   1 
ATOM   1254 O  O   . ASN A 1 159 ? 3.304   3.312   -11.659 1.00 67.87  ? 307 ASN A O   1 
ATOM   1255 C  CB  . ASN A 1 159 ? 1.929   4.375   -14.219 1.00 74.57  ? 307 ASN A CB  1 
ATOM   1256 C  CG  . ASN A 1 159 ? 0.997   4.360   -15.426 1.00 84.79  ? 307 ASN A CG  1 
ATOM   1257 O  OD1 . ASN A 1 159 ? -0.103  3.796   -15.372 1.00 90.21  ? 307 ASN A OD1 1 
ATOM   1258 N  ND2 . ASN A 1 159 ? 1.420   4.996   -16.515 1.00 86.91  ? 307 ASN A ND2 1 
ATOM   1259 N  N   . ASN A 1 160 ? 1.712   4.638   -10.802 1.00 66.90  ? 308 ASN A N   1 
ATOM   1260 C  CA  . ASN A 1 160 ? 2.521   4.975   -9.629  1.00 63.24  ? 308 ASN A CA  1 
ATOM   1261 C  C   . ASN A 1 160 ? 2.318   4.049   -8.414  1.00 58.00  ? 308 ASN A C   1 
ATOM   1262 O  O   . ASN A 1 160 ? 3.055   4.153   -7.442  1.00 54.97  ? 308 ASN A O   1 
ATOM   1263 C  CB  . ASN A 1 160 ? 2.331   6.446   -9.212  1.00 60.35  ? 308 ASN A CB  1 
ATOM   1264 C  CG  . ASN A 1 160 ? 3.119   7.435   -10.089 1.00 76.63  ? 308 ASN A CG  1 
ATOM   1265 O  OD1 . ASN A 1 160 ? 4.336   7.605   -9.935  1.00 83.03  ? 308 ASN A OD1 1 
ATOM   1266 N  ND2 . ASN A 1 160 ? 2.410   8.121   -10.983 1.00 68.83  ? 308 ASN A ND2 1 
ATOM   1267 N  N   . CYS A 1 161 ? 1.342   3.145   -8.472  1.00 52.25  ? 309 CYS A N   1 
ATOM   1268 C  CA  . CYS A 1 161 ? 0.986   2.335   -7.295  1.00 56.90  ? 309 CYS A CA  1 
ATOM   1269 C  C   . CYS A 1 161 ? 0.431   0.958   -7.644  1.00 56.37  ? 309 CYS A C   1 
ATOM   1270 O  O   . CYS A 1 161 ? -0.001  0.704   -8.768  1.00 59.60  ? 309 CYS A O   1 
ATOM   1271 C  CB  . CYS A 1 161 ? -0.023  3.065   -6.404  1.00 58.00  ? 309 CYS A CB  1 
ATOM   1272 S  SG  . CYS A 1 161 ? -1.681  3.050   -7.099  1.00 67.93  ? 309 CYS A SG  1 
ATOM   1273 N  N   . ARG A 1 162 ? 0.458   0.060   -6.668  1.00 51.48  ? 310 ARG A N   1 
ATOM   1274 C  CA  . ARG A 1 162 ? -0.021  -1.292  -6.887  1.00 45.37  ? 310 ARG A CA  1 
ATOM   1275 C  C   . ARG A 1 162 ? -0.812  -1.766  -5.678  1.00 47.81  ? 310 ARG A C   1 
ATOM   1276 O  O   . ARG A 1 162 ? -0.355  -1.703  -4.538  1.00 44.26  ? 310 ARG A O   1 
ATOM   1277 C  CB  . ARG A 1 162 ? 1.140   -2.224  -7.186  1.00 53.30  ? 310 ARG A CB  1 
ATOM   1278 C  CG  . ARG A 1 162 ? 0.740   -3.688  -7.338  1.00 64.73  ? 310 ARG A CG  1 
ATOM   1279 C  CD  . ARG A 1 162 ? 0.408   -4.020  -8.789  1.00 71.08  ? 310 ARG A CD  1 
ATOM   1280 N  NE  . ARG A 1 162 ? 0.709   -5.412  -9.128  1.00 64.17  ? 310 ARG A NE  1 
ATOM   1281 C  CZ  . ARG A 1 162 ? 1.773   -5.810  -9.829  1.00 75.52  ? 310 ARG A CZ  1 
ATOM   1282 N  NH1 . ARG A 1 162 ? 2.656   -4.921  -10.276 1.00 69.39  ? 310 ARG A NH1 1 
ATOM   1283 N  NH2 . ARG A 1 162 ? 1.954   -7.106  -10.088 1.00 65.94  ? 310 ARG A NH2 1 
ATOM   1284 N  N   . LEU A 1 163 ? -2.027  -2.206  -5.947  1.00 42.91  ? 311 LEU A N   1 
ATOM   1285 C  CA  . LEU A 1 163 ? -2.911  -2.699  -4.919  1.00 46.68  ? 311 LEU A CA  1 
ATOM   1286 C  C   . LEU A 1 163 ? -2.623  -4.179  -4.642  1.00 50.08  ? 311 LEU A C   1 
ATOM   1287 O  O   . LEU A 1 163 ? -2.430  -4.965  -5.564  1.00 45.07  ? 311 LEU A O   1 
ATOM   1288 C  CB  . LEU A 1 163 ? -4.345  -2.480  -5.379  1.00 48.96  ? 311 LEU A CB  1 
ATOM   1289 C  CG  . LEU A 1 163 ? -4.610  -0.994  -5.702  1.00 51.04  ? 311 LEU A CG  1 
ATOM   1290 C  CD1 . LEU A 1 163 ? -6.047  -0.767  -6.133  1.00 53.17  ? 311 LEU A CD1 1 
ATOM   1291 C  CD2 . LEU A 1 163 ? -4.262  -0.104  -4.487  1.00 47.69  ? 311 LEU A CD2 1 
ATOM   1292 N  N   . ILE A 1 164 ? -2.570  -4.541  -3.366  1.00 48.00  ? 312 ILE A N   1 
ATOM   1293 C  CA  . ILE A 1 164 ? -2.330  -5.922  -2.951  1.00 48.68  ? 312 ILE A CA  1 
ATOM   1294 C  C   . ILE A 1 164 ? -3.416  -6.328  -1.963  1.00 45.64  ? 312 ILE A C   1 
ATOM   1295 O  O   . ILE A 1 164 ? -3.277  -6.165  -0.745  1.00 44.50  ? 312 ILE A O   1 
ATOM   1296 C  CB  . ILE A 1 164 ? -0.913  -6.089  -2.351  1.00 48.41  ? 312 ILE A CB  1 
ATOM   1297 C  CG1 . ILE A 1 164 ? 0.139   -5.898  -3.451  1.00 53.38  ? 312 ILE A CG1 1 
ATOM   1298 C  CG2 . ILE A 1 164 ? -0.722  -7.469  -1.715  1.00 47.45  ? 312 ILE A CG2 1 
ATOM   1299 C  CD1 . ILE A 1 164 ? 1.559   -6.000  -2.955  1.00 52.00  ? 312 ILE A CD1 1 
ATOM   1300 N  N   . ALA A 1 165 ? -4.517  -6.831  -2.518  1.00 47.78  ? 313 ALA A N   1 
ATOM   1301 C  CA  . ALA A 1 165 ? -5.675  -7.274  -1.743  1.00 47.57  ? 313 ALA A CA  1 
ATOM   1302 C  C   . ALA A 1 165 ? -5.506  -8.750  -1.399  1.00 57.80  ? 313 ALA A C   1 
ATOM   1303 O  O   . ALA A 1 165 ? -5.042  -9.539  -2.224  1.00 54.40  ? 313 ALA A O   1 
ATOM   1304 C  CB  . ALA A 1 165 ? -6.954  -7.062  -2.557  1.00 50.77  ? 313 ALA A CB  1 
ATOM   1305 N  N   . TYR A 1 166 ? -5.876  -9.130  -0.182  1.00 54.32  ? 314 TYR A N   1 
ATOM   1306 C  CA  . TYR A 1 166 ? -5.762  -10.528 0.202   1.00 57.57  ? 314 TYR A CA  1 
ATOM   1307 C  C   . TYR A 1 166 ? -6.741  -10.932 1.283   1.00 58.14  ? 314 TYR A C   1 
ATOM   1308 O  O   . TYR A 1 166 ? -6.928  -10.220 2.274   1.00 58.30  ? 314 TYR A O   1 
ATOM   1309 C  CB  . TYR A 1 166 ? -4.333  -10.867 0.624   1.00 56.13  ? 314 TYR A CB  1 
ATOM   1310 C  CG  . TYR A 1 166 ? -3.729  -9.895  1.608   1.00 49.87  ? 314 TYR A CG  1 
ATOM   1311 C  CD1 . TYR A 1 166 ? -3.158  -8.696  1.179   1.00 53.61  ? 314 TYR A CD1 1 
ATOM   1312 C  CD2 . TYR A 1 166 ? -3.707  -10.182 2.956   1.00 50.38  ? 314 TYR A CD2 1 
ATOM   1313 C  CE1 . TYR A 1 166 ? -2.595  -7.815  2.076   1.00 46.93  ? 314 TYR A CE1 1 
ATOM   1314 C  CE2 . TYR A 1 166 ? -3.146  -9.316  3.861   1.00 49.67  ? 314 TYR A CE2 1 
ATOM   1315 C  CZ  . TYR A 1 166 ? -2.596  -8.128  3.418   1.00 47.48  ? 314 TYR A CZ  1 
ATOM   1316 O  OH  . TYR A 1 166 ? -2.035  -7.269  4.328   1.00 47.73  ? 314 TYR A OH  1 
ATOM   1317 N  N   . GLN A 1 167 ? -7.389  -12.072 1.062   1.00 60.70  ? 315 GLN A N   1 
ATOM   1318 C  CA  . GLN A 1 167 ? -8.195  -12.714 2.090   1.00 68.41  ? 315 GLN A CA  1 
ATOM   1319 C  C   . GLN A 1 167 ? -7.267  -13.716 2.727   1.00 66.91  ? 315 GLN A C   1 
ATOM   1320 O  O   . GLN A 1 167 ? -6.488  -14.373 2.042   1.00 67.55  ? 315 GLN A O   1 
ATOM   1321 C  CB  . GLN A 1 167 ? -9.388  -13.435 1.461   1.00 73.35  ? 315 GLN A CB  1 
ATOM   1322 C  CG  . GLN A 1 167 ? -10.750 -12.936 1.907   1.00 69.24  ? 315 GLN A CG  1 
ATOM   1323 C  CD  . GLN A 1 167 ? -11.856 -13.337 0.936   1.00 76.36  ? 315 GLN A CD  1 
ATOM   1324 O  OE1 . GLN A 1 167 ? -11.654 -13.336 -0.283  1.00 82.87  ? 315 GLN A OE1 1 
ATOM   1325 N  NE2 . GLN A 1 167 ? -13.025 -13.695 1.473   1.00 74.97  ? 315 GLN A NE2 1 
ATOM   1326 N  N   . GLU A 1 168 ? -7.328  -13.839 4.038   1.00 72.25  ? 316 GLU A N   1 
ATOM   1327 C  CA  . GLU A 1 168 ? -6.435  -14.764 4.709   1.00 75.95  ? 316 GLU A CA  1 
ATOM   1328 C  C   . GLU A 1 168 ? -7.184  -16.021 5.148   1.00 79.51  ? 316 GLU A C   1 
ATOM   1329 O  O   . GLU A 1 168 ? -8.408  -16.001 5.298   1.00 82.05  ? 316 GLU A O   1 
ATOM   1330 C  CB  . GLU A 1 168 ? -5.725  -14.058 5.867   1.00 75.40  ? 316 GLU A CB  1 
ATOM   1331 C  CG  . GLU A 1 168 ? -4.845  -12.917 5.380   1.00 63.56  ? 316 GLU A CG  1 
ATOM   1332 C  CD  . GLU A 1 168 ? -4.567  -11.891 6.457   1.00 67.35  ? 316 GLU A CD  1 
ATOM   1333 O  OE1 . GLU A 1 168 ? -3.962  -12.283 7.482   1.00 62.00  ? 316 GLU A OE1 1 
ATOM   1334 O  OE2 . GLU A 1 168 ? -4.969  -10.696 6.295   1.00 55.05  ? 316 GLU A OE2 1 
ATOM   1335 N  N   . PRO A 1 169 ? -6.455  -17.135 5.302   1.00 86.03  ? 317 PRO A N   1 
ATOM   1336 C  CA  . PRO A 1 169 ? -7.058  -18.392 5.754   1.00 94.44  ? 317 PRO A CA  1 
ATOM   1337 C  C   . PRO A 1 169 ? -7.818  -18.250 7.069   1.00 98.45  ? 317 PRO A C   1 
ATOM   1338 O  O   . PRO A 1 169 ? -7.220  -17.874 8.080   1.00 99.75  ? 317 PRO A O   1 
ATOM   1339 C  CB  . PRO A 1 169 ? -5.842  -19.295 5.953   1.00 99.74  ? 317 PRO A CB  1 
ATOM   1340 C  CG  . PRO A 1 169 ? -4.865  -18.808 4.939   1.00 94.46  ? 317 PRO A CG  1 
ATOM   1341 C  CD  . PRO A 1 169 ? -5.051  -17.317 4.889   1.00 86.76  ? 317 PRO A CD  1 
ATOM   1342 N  N   . ALA A 1 170 ? -9.123  -18.512 7.030   1.00 101.61 ? 318 ALA A N   1 
ATOM   1343 C  CA  . ALA A 1 170 ? -9.923  -18.663 8.241   1.00 103.11 ? 318 ALA A CA  1 
ATOM   1344 C  C   . ALA A 1 170 ? -9.957  -20.145 8.604   1.00 107.47 ? 318 ALA A C   1 
ATOM   1345 O  O   . ALA A 1 170 ? -10.430 -20.522 9.678   1.00 108.23 ? 318 ALA A O   1 
ATOM   1346 C  CB  . ALA A 1 170 ? -11.337 -18.111 8.036   1.00 95.47  ? 318 ALA A CB  1 
ATOM   1347 N  N   . ASP A 1 171 ? -9.459  -20.978 7.685   1.00 106.56 ? 319 ASP A N   1 
ATOM   1348 C  CA  . ASP A 1 171 ? -9.127  -22.378 7.979   1.00 108.97 ? 319 ASP A CA  1 
ATOM   1349 C  C   . ASP A 1 171 ? -7.800  -22.358 8.745   1.00 111.38 ? 319 ASP A C   1 
ATOM   1350 O  O   . ASP A 1 171 ? -7.335  -23.365 9.282   1.00 109.63 ? 319 ASP A O   1 
ATOM   1351 C  CB  . ASP A 1 171 ? -9.036  -23.221 6.696   1.00 108.03 ? 319 ASP A CB  1 
ATOM   1352 C  CG  . ASP A 1 171 ? -7.924  -22.759 5.757   1.00 111.72 ? 319 ASP A CG  1 
ATOM   1353 O  OD1 . ASP A 1 171 ? -8.113  -21.728 5.071   1.00 108.86 ? 319 ASP A OD1 1 
ATOM   1354 O  OD2 . ASP A 1 171 ? -6.871  -23.437 5.684   1.00 106.39 ? 319 ASP A OD2 1 
ATOM   1355 N  N   . ASP A 1 172 ? -7.218  -21.162 8.769   1.00 109.88 ? 320 ASP A N   1 
ATOM   1356 C  CA  . ASP A 1 172 ? -6.107  -20.755 9.634   1.00 110.47 ? 320 ASP A CA  1 
ATOM   1357 C  C   . ASP A 1 172 ? -4.784  -21.521 9.539   1.00 110.17 ? 320 ASP A C   1 
ATOM   1358 O  O   . ASP A 1 172 ? -4.204  -21.938 10.540  1.00 109.04 ? 320 ASP A O   1 
ATOM   1359 C  CB  . ASP A 1 172 ? -6.563  -20.541 11.091  1.00 109.50 ? 320 ASP A CB  1 
ATOM   1360 C  CG  . ASP A 1 172 ? -7.135  -19.139 11.327  1.00 110.78 ? 320 ASP A CG  1 
ATOM   1361 O  OD1 . ASP A 1 172 ? -6.356  -18.210 11.644  1.00 111.13 ? 320 ASP A OD1 1 
ATOM   1362 O  OD2 . ASP A 1 172 ? -8.367  -18.965 11.190  1.00 108.77 ? 320 ASP A OD2 1 
ATOM   1363 N  N   . SER A 1 173 ? -4.314  -21.686 8.312   1.00 110.74 ? 321 SER A N   1 
ATOM   1364 C  CA  . SER A 1 173 ? -2.885  -21.721 8.052   1.00 109.80 ? 321 SER A CA  1 
ATOM   1365 C  C   . SER A 1 173 ? -2.435  -20.272 8.213   1.00 106.87 ? 321 SER A C   1 
ATOM   1366 O  O   . SER A 1 173 ? -3.264  -19.359 8.272   1.00 104.38 ? 321 SER A O   1 
ATOM   1367 C  CB  . SER A 1 173 ? -2.610  -22.223 6.627   1.00 107.01 ? 321 SER A CB  1 
ATOM   1368 O  OG  . SER A 1 173 ? -1.464  -21.605 6.066   1.00 99.45  ? 321 SER A OG  1 
ATOM   1369 N  N   . SER A 1 174 ? -1.132  -20.048 8.310   1.00 105.72 ? 322 SER A N   1 
ATOM   1370 C  CA  . SER A 1 174 ? -0.641  -18.678 8.303   1.00 104.11 ? 322 SER A CA  1 
ATOM   1371 C  C   . SER A 1 174 ? -0.526  -18.211 6.849   1.00 99.90  ? 322 SER A C   1 
ATOM   1372 O  O   . SER A 1 174 ? -0.364  -19.025 5.930   1.00 100.23 ? 322 SER A O   1 
ATOM   1373 C  CB  . SER A 1 174 ? 0.704   -18.556 9.032   1.00 101.47 ? 322 SER A CB  1 
ATOM   1374 O  OG  . SER A 1 174 ? 0.566   -18.888 10.403  1.00 102.56 ? 322 SER A OG  1 
ATOM   1375 N  N   . PHE A 1 175 ? -0.643  -16.906 6.634   1.00 93.30  ? 323 PHE A N   1 
ATOM   1376 C  CA  . PHE A 1 175 ? -0.398  -16.340 5.321   1.00 81.88  ? 323 PHE A CA  1 
ATOM   1377 C  C   . PHE A 1 175 ? 1.119   -16.223 5.159   1.00 76.10  ? 323 PHE A C   1 
ATOM   1378 O  O   . PHE A 1 175 ? 1.866   -16.491 6.091   1.00 86.13  ? 323 PHE A O   1 
ATOM   1379 C  CB  . PHE A 1 175 ? -1.053  -14.954 5.237   1.00 77.04  ? 323 PHE A CB  1 
ATOM   1380 C  CG  . PHE A 1 175 ? -1.359  -14.503 3.836   1.00 66.68  ? 323 PHE A CG  1 
ATOM   1381 C  CD1 . PHE A 1 175 ? -1.366  -13.153 3.516   1.00 60.75  ? 323 PHE A CD1 1 
ATOM   1382 C  CD2 . PHE A 1 175 ? -1.672  -15.423 2.845   1.00 68.31  ? 323 PHE A CD2 1 
ATOM   1383 C  CE1 . PHE A 1 175 ? -1.656  -12.730 2.230   1.00 59.51  ? 323 PHE A CE1 1 
ATOM   1384 C  CE2 . PHE A 1 175 ? -1.962  -15.003 1.556   1.00 66.93  ? 323 PHE A CE2 1 
ATOM   1385 C  CZ  . PHE A 1 175 ? -1.950  -13.657 1.244   1.00 64.49  ? 323 PHE A CZ  1 
ATOM   1386 N  N   . SER A 1 176 ? 1.584   -15.852 3.976   1.00 74.03  ? 324 SER A N   1 
ATOM   1387 C  CA  . SER A 1 176 ? 2.873   -15.170 3.870   1.00 65.78  ? 324 SER A CA  1 
ATOM   1388 C  C   . SER A 1 176 ? 2.644   -13.887 3.097   1.00 52.94  ? 324 SER A C   1 
ATOM   1389 O  O   . SER A 1 176 ? 2.455   -13.905 1.878   1.00 54.33  ? 324 SER A O   1 
ATOM   1390 C  CB  . SER A 1 176 ? 3.936   -16.005 3.190   1.00 63.68  ? 324 SER A CB  1 
ATOM   1391 O  OG  . SER A 1 176 ? 5.168   -15.311 3.271   1.00 59.34  ? 324 SER A OG  1 
ATOM   1392 N  N   . LEU A 1 177 ? 2.632   -12.782 3.821   1.00 51.64  ? 325 LEU A N   1 
ATOM   1393 C  CA  . LEU A 1 177 ? 2.370   -11.490 3.215   1.00 52.99  ? 325 LEU A CA  1 
ATOM   1394 C  C   . LEU A 1 177 ? 3.608   -11.073 2.431   1.00 50.58  ? 325 LEU A C   1 
ATOM   1395 O  O   . LEU A 1 177 ? 3.508   -10.571 1.300   1.00 47.84  ? 325 LEU A O   1 
ATOM   1396 C  CB  . LEU A 1 177 ? 2.029   -10.475 4.297   1.00 50.15  ? 325 LEU A CB  1 
ATOM   1397 C  CG  . LEU A 1 177 ? 1.644   -9.070  3.841   1.00 47.17  ? 325 LEU A CG  1 
ATOM   1398 C  CD1 . LEU A 1 177 ? 0.590   -9.151  2.757   1.00 46.34  ? 325 LEU A CD1 1 
ATOM   1399 C  CD2 . LEU A 1 177 ? 1.130   -8.274  5.048   1.00 45.75  ? 325 LEU A CD2 1 
ATOM   1400 N  N   . SER A 1 178 ? 4.772   -11.316 3.033   1.00 50.88  ? 326 SER A N   1 
ATOM   1401 C  CA  . SER A 1 178 ? 6.058   -11.094 2.373   1.00 52.65  ? 326 SER A CA  1 
ATOM   1402 C  C   . SER A 1 178 ? 6.136   -11.799 1.015   1.00 51.53  ? 326 SER A C   1 
ATOM   1403 O  O   . SER A 1 178 ? 6.641   -11.223 0.047   1.00 51.28  ? 326 SER A O   1 
ATOM   1404 C  CB  . SER A 1 178 ? 7.215   -11.550 3.270   1.00 47.50  ? 326 SER A CB  1 
ATOM   1405 O  OG  . SER A 1 178 ? 7.260   -12.966 3.354   1.00 48.18  ? 326 SER A OG  1 
ATOM   1406 N  N   . GLN A 1 179 ? 5.621   -13.025 0.924   1.00 49.17  ? 327 GLN A N   1 
ATOM   1407 C  CA  . GLN A 1 179 ? 5.668   -13.762 -0.348  1.00 48.35  ? 327 GLN A CA  1 
ATOM   1408 C  C   . GLN A 1 179 ? 4.690   -13.193 -1.370  1.00 50.55  ? 327 GLN A C   1 
ATOM   1409 O  O   . GLN A 1 179 ? 4.993   -13.131 -2.555  1.00 51.98  ? 327 GLN A O   1 
ATOM   1410 C  CB  . GLN A 1 179 ? 5.403   -15.259 -0.146  1.00 50.42  ? 327 GLN A CB  1 
ATOM   1411 C  CG  . GLN A 1 179 ? 6.595   -16.037 0.434   1.00 50.68  ? 327 GLN A CG  1 
ATOM   1412 C  CD  . GLN A 1 179 ? 7.776   -16.096 -0.517  1.00 48.05  ? 327 GLN A CD  1 
ATOM   1413 O  OE1 . GLN A 1 179 ? 7.641   -16.545 -1.652  1.00 46.78  ? 327 GLN A OE1 1 
ATOM   1414 N  NE2 . GLN A 1 179 ? 8.941   -15.625 -0.061  1.00 44.04  ? 327 GLN A NE2 1 
ATOM   1415 N  N   . GLU A 1 180 ? 3.516   -12.787 -0.901  1.00 49.83  ? 328 GLU A N   1 
ATOM   1416 C  CA  . GLU A 1 180 ? 2.526   -12.129 -1.734  1.00 51.23  ? 328 GLU A CA  1 
ATOM   1417 C  C   . GLU A 1 180 ? 3.132   -10.855 -2.303  1.00 49.51  ? 328 GLU A C   1 
ATOM   1418 O  O   . GLU A 1 180 ? 3.081   -10.609 -3.504  1.00 51.61  ? 328 GLU A O   1 
ATOM   1419 C  CB  . GLU A 1 180 ? 1.301   -11.765 -0.880  1.00 59.70  ? 328 GLU A CB  1 
ATOM   1420 C  CG  . GLU A 1 180 ? 0.087   -11.278 -1.670  1.00 60.66  ? 328 GLU A CG  1 
ATOM   1421 C  CD  . GLU A 1 180 ? -0.479  -12.359 -2.589  1.00 74.53  ? 328 GLU A CD  1 
ATOM   1422 O  OE1 . GLU A 1 180 ? -0.246  -13.559 -2.314  1.00 72.38  ? 328 GLU A OE1 1 
ATOM   1423 O  OE2 . GLU A 1 180 ? -1.155  -12.013 -3.584  1.00 79.15  ? 328 GLU A OE2 1 
ATOM   1424 N  N   . VAL A 1 181 ? 3.707   -10.040 -1.429  1.00 45.89  ? 329 VAL A N   1 
ATOM   1425 C  CA  . VAL A 1 181 ? 4.386   -8.833  -1.877  1.00 50.17  ? 329 VAL A CA  1 
ATOM   1426 C  C   . VAL A 1 181 ? 5.544   -9.166  -2.834  1.00 44.36  ? 329 VAL A C   1 
ATOM   1427 O  O   . VAL A 1 181 ? 5.644   -8.575  -3.904  1.00 44.75  ? 329 VAL A O   1 
ATOM   1428 C  CB  . VAL A 1 181 ? 4.867   -7.970  -0.692  1.00 45.00  ? 329 VAL A CB  1 
ATOM   1429 C  CG1 . VAL A 1 181 ? 5.659   -6.767  -1.197  1.00 44.19  ? 329 VAL A CG1 1 
ATOM   1430 C  CG2 . VAL A 1 181 ? 3.659   -7.508  0.149   1.00 37.38  ? 329 VAL A CG2 1 
ATOM   1431 N  N   . LEU A 1 182 ? 6.407   -10.105 -2.452  1.00 47.98  ? 330 LEU A N   1 
ATOM   1432 C  CA  . LEU A 1 182 ? 7.541   -10.494 -3.295  1.00 49.80  ? 330 LEU A CA  1 
ATOM   1433 C  C   . LEU A 1 182 ? 7.058   -10.933 -4.663  1.00 46.84  ? 330 LEU A C   1 
ATOM   1434 O  O   . LEU A 1 182 ? 7.664   -10.592 -5.679  1.00 47.74  ? 330 LEU A O   1 
ATOM   1435 C  CB  . LEU A 1 182 ? 8.382   -11.598 -2.634  1.00 49.27  ? 330 LEU A CB  1 
ATOM   1436 C  CG  . LEU A 1 182 ? 9.427   -11.104 -1.623  1.00 47.34  ? 330 LEU A CG  1 
ATOM   1437 C  CD1 . LEU A 1 182 ? 10.040  -12.253 -0.815  1.00 43.70  ? 330 LEU A CD1 1 
ATOM   1438 C  CD2 . LEU A 1 182 ? 10.513  -10.320 -2.373  1.00 47.77  ? 330 LEU A CD2 1 
ATOM   1439 N  N   . ARG A 1 183 ? 5.946   -11.659 -4.690  1.00 45.30  ? 331 ARG A N   1 
ATOM   1440 C  CA  . ARG A 1 183 ? 5.344   -12.064 -5.960  1.00 48.69  ? 331 ARG A CA  1 
ATOM   1441 C  C   . ARG A 1 183 ? 5.090   -10.849 -6.867  1.00 51.31  ? 331 ARG A C   1 
ATOM   1442 O  O   . ARG A 1 183 ? 5.488   -10.830 -8.041  1.00 49.78  ? 331 ARG A O   1 
ATOM   1443 C  CB  . ARG A 1 183 ? 4.060   -12.860 -5.691  1.00 52.69  ? 331 ARG A CB  1 
ATOM   1444 C  CG  . ARG A 1 183 ? 3.324   -13.352 -6.935  1.00 60.30  ? 331 ARG A CG  1 
ATOM   1445 C  CD  . ARG A 1 183 ? 2.147   -14.286 -6.594  1.00 70.64  ? 331 ARG A CD  1 
ATOM   1446 N  NE  . ARG A 1 183 ? 1.030   -13.588 -5.951  1.00 70.16  ? 331 ARG A NE  1 
ATOM   1447 C  CZ  . ARG A 1 183 ? 0.035   -12.985 -6.601  1.00 74.18  ? 331 ARG A CZ  1 
ATOM   1448 N  NH1 . ARG A 1 183 ? 0.007   -12.987 -7.929  1.00 81.00  ? 331 ARG A NH1 1 
ATOM   1449 N  NH2 . ARG A 1 183 ? -0.935  -12.375 -5.919  1.00 75.72  ? 331 ARG A NH2 1 
ATOM   1450 N  N   . HIS A 1 184 ? 4.463   -9.813  -6.316  1.00 46.65  ? 332 HIS A N   1 
ATOM   1451 C  CA  . HIS A 1 184 ? 4.168   -8.608  -7.099  1.00 44.39  ? 332 HIS A CA  1 
ATOM   1452 C  C   . HIS A 1 184 ? 5.439   -7.905  -7.576  1.00 42.43  ? 332 HIS A C   1 
ATOM   1453 O  O   . HIS A 1 184 ? 5.516   -7.454  -8.726  1.00 42.27  ? 332 HIS A O   1 
ATOM   1454 C  CB  . HIS A 1 184 ? 3.287   -7.642  -6.295  1.00 46.34  ? 332 HIS A CB  1 
ATOM   1455 C  CG  . HIS A 1 184 ? 1.858   -8.060  -6.221  1.00 48.22  ? 332 HIS A CG  1 
ATOM   1456 N  ND1 . HIS A 1 184 ? 0.918   -7.680  -7.157  1.00 54.30  ? 332 HIS A ND1 1 
ATOM   1457 C  CD2 . HIS A 1 184 ? 1.192   -8.841  -5.328  1.00 52.51  ? 332 HIS A CD2 1 
ATOM   1458 C  CE1 . HIS A 1 184 ? -0.251  -8.192  -6.844  1.00 56.42  ? 332 HIS A CE1 1 
ATOM   1459 N  NE2 . HIS A 1 184 ? -0.115  -8.905  -5.738  1.00 53.89  ? 332 HIS A NE2 1 
ATOM   1460 N  N   . LEU A 1 185 ? 6.438   -7.823  -6.699  1.00 41.80  ? 333 LEU A N   1 
ATOM   1461 C  CA  . LEU A 1 185 ? 7.691   -7.133  -7.034  1.00 47.28  ? 333 LEU A CA  1 
ATOM   1462 C  C   . LEU A 1 185 ? 8.421   -7.798  -8.190  1.00 45.78  ? 333 LEU A C   1 
ATOM   1463 O  O   . LEU A 1 185 ? 9.013   -7.136  -9.036  1.00 48.26  ? 333 LEU A O   1 
ATOM   1464 C  CB  . LEU A 1 185 ? 8.616   -7.061  -5.809  1.00 43.80  ? 333 LEU A CB  1 
ATOM   1465 C  CG  . LEU A 1 185 ? 8.223   -6.093  -4.681  1.00 52.48  ? 333 LEU A CG  1 
ATOM   1466 C  CD1 . LEU A 1 185 ? 9.215   -6.157  -3.516  1.00 44.72  ? 333 LEU A CD1 1 
ATOM   1467 C  CD2 . LEU A 1 185 ? 8.131   -4.669  -5.234  1.00 48.85  ? 333 LEU A CD2 1 
ATOM   1468 N  N   . ARG A 1 186 ? 8.368   -9.123  -8.218  1.00 47.42  ? 334 ARG A N   1 
ATOM   1469 C  CA  . ARG A 1 186 ? 9.060   -9.895  -9.242  1.00 48.52  ? 334 ARG A CA  1 
ATOM   1470 C  C   . ARG A 1 186 ? 8.338   -9.771  -10.580 1.00 47.62  ? 334 ARG A C   1 
ATOM   1471 O  O   . ARG A 1 186 ? 8.969   -9.589  -11.626 1.00 51.57  ? 334 ARG A O   1 
ATOM   1472 C  CB  . ARG A 1 186 ? 9.165   -11.353 -8.788  1.00 42.50  ? 334 ARG A CB  1 
ATOM   1473 C  CG  . ARG A 1 186 ? 10.233  -11.542 -7.727  1.00 43.46  ? 334 ARG A CG  1 
ATOM   1474 C  CD  . ARG A 1 186 ? 10.258  -12.937 -7.117  1.00 45.12  ? 334 ARG A CD  1 
ATOM   1475 N  NE  . ARG A 1 186 ? 11.412  -13.030 -6.218  1.00 44.28  ? 334 ARG A NE  1 
ATOM   1476 C  CZ  . ARG A 1 186 ? 11.441  -13.657 -5.048  1.00 48.94  ? 334 ARG A CZ  1 
ATOM   1477 N  NH1 . ARG A 1 186 ? 10.366  -14.293 -4.584  1.00 43.21  ? 334 ARG A NH1 1 
ATOM   1478 N  NH2 . ARG A 1 186 ? 12.568  -13.643 -4.348  1.00 49.52  ? 334 ARG A NH2 1 
ATOM   1479 N  N   . GLN A 1 187 ? 7.012   -9.864  -10.537 1.00 47.61  ? 335 GLN A N   1 
ATOM   1480 C  CA  . GLN A 1 187 ? 6.190   -9.652  -11.725 1.00 51.71  ? 335 GLN A CA  1 
ATOM   1481 C  C   . GLN A 1 187 ? 6.403   -8.240  -12.266 1.00 55.32  ? 335 GLN A C   1 
ATOM   1482 O  O   . GLN A 1 187 ? 6.510   -8.033  -13.485 1.00 52.25  ? 335 GLN A O   1 
ATOM   1483 C  CB  . GLN A 1 187 ? 4.707   -9.898  -11.420 1.00 52.93  ? 335 GLN A CB  1 
ATOM   1484 C  CG  . GLN A 1 187 ? 3.782   -9.763  -12.631 1.00 58.86  ? 335 GLN A CG  1 
ATOM   1485 C  CD  . GLN A 1 187 ? 4.086   -10.767 -13.747 1.00 66.09  ? 335 GLN A CD  1 
ATOM   1486 O  OE1 . GLN A 1 187 ? 4.647   -11.854 -13.507 1.00 58.70  ? 335 GLN A OE1 1 
ATOM   1487 N  NE2 . GLN A 1 187 ? 3.712   -10.404 -14.982 1.00 66.48  ? 335 GLN A NE2 1 
ATOM   1488 N  N   . GLU A 1 188 ? 6.499   -7.272  -11.360 1.00 46.31  ? 336 GLU A N   1 
ATOM   1489 C  CA  . GLU A 1 188 ? 6.716   -5.888  -11.786 1.00 55.84  ? 336 GLU A CA  1 
ATOM   1490 C  C   . GLU A 1 188 ? 8.047   -5.736  -12.533 1.00 54.51  ? 336 GLU A C   1 
ATOM   1491 O  O   . GLU A 1 188 ? 8.120   -5.063  -13.562 1.00 52.82  ? 336 GLU A O   1 
ATOM   1492 C  CB  . GLU A 1 188 ? 6.654   -4.906  -10.608 1.00 50.81  ? 336 GLU A CB  1 
ATOM   1493 C  CG  . GLU A 1 188 ? 6.788   -3.443  -11.056 1.00 64.38  ? 336 GLU A CG  1 
ATOM   1494 C  CD  . GLU A 1 188 ? 7.677   -2.604  -10.136 1.00 69.43  ? 336 GLU A CD  1 
ATOM   1495 O  OE1 . GLU A 1 188 ? 7.352   -2.479  -8.933  1.00 57.82  ? 336 GLU A OE1 1 
ATOM   1496 O  OE2 . GLU A 1 188 ? 8.703   -2.062  -10.616 1.00 75.88  ? 336 GLU A OE2 1 
ATOM   1497 N  N   . GLU A 1 189 ? 9.094   -6.358  -12.001 1.00 52.27  ? 337 GLU A N   1 
ATOM   1498 C  CA  . GLU A 1 189 ? 10.405  -6.332  -12.635 1.00 53.78  ? 337 GLU A CA  1 
ATOM   1499 C  C   . GLU A 1 189 ? 10.393  -7.059  -13.978 1.00 56.20  ? 337 GLU A C   1 
ATOM   1500 O  O   . GLU A 1 189 ? 11.004  -6.593  -14.942 1.00 53.19  ? 337 GLU A O   1 
ATOM   1501 C  CB  . GLU A 1 189 ? 11.471  -6.943  -11.734 1.00 53.06  ? 337 GLU A CB  1 
ATOM   1502 C  CG  . GLU A 1 189 ? 12.859  -6.869  -12.338 1.00 58.75  ? 337 GLU A CG  1 
ATOM   1503 C  CD  . GLU A 1 189 ? 13.850  -7.731  -11.597 1.00 61.86  ? 337 GLU A CD  1 
ATOM   1504 O  OE1 . GLU A 1 189 ? 13.395  -8.537  -10.761 1.00 57.84  ? 337 GLU A OE1 1 
ATOM   1505 O  OE2 . GLU A 1 189 ? 15.072  -7.596  -11.843 1.00 62.42  ? 337 GLU A OE2 1 
ATOM   1506 N  N   . LYS A 1 190 ? 9.703   -8.196  -14.037 1.00 51.64  ? 338 LYS A N   1 
ATOM   1507 C  CA  . LYS A 1 190 ? 9.536   -8.925  -15.296 1.00 47.37  ? 338 LYS A CA  1 
ATOM   1508 C  C   . LYS A 1 190 ? 8.940   -8.005  -16.363 1.00 57.47  ? 338 LYS A C   1 
ATOM   1509 O  O   . LYS A 1 190 ? 9.483   -7.869  -17.468 1.00 52.70  ? 338 LYS A O   1 
ATOM   1510 C  CB  . LYS A 1 190 ? 8.626   -10.139 -15.097 1.00 51.14  ? 338 LYS A CB  1 
ATOM   1511 C  CG  . LYS A 1 190 ? 8.488   -11.040 -16.330 1.00 54.45  ? 338 LYS A CG  1 
ATOM   1512 C  CD  . LYS A 1 190 ? 7.436   -12.140 -16.123 1.00 54.12  ? 338 LYS A CD  1 
ATOM   1513 C  CE  . LYS A 1 190 ? 7.605   -13.265 -17.148 1.00 60.84  ? 338 LYS A CE  1 
ATOM   1514 N  NZ  . LYS A 1 190 ? 6.417   -14.179 -17.205 1.00 62.42  ? 338 LYS A NZ  1 
ATOM   1515 N  N   . GLU A 1 191 ? 7.836   -7.349  -16.012 1.00 57.73  ? 339 GLU A N   1 
ATOM   1516 C  CA  . GLU A 1 191 ? 7.169   -6.398  -16.905 1.00 56.28  ? 339 GLU A CA  1 
ATOM   1517 C  C   . GLU A 1 191 ? 8.094   -5.275  -17.352 1.00 58.35  ? 339 GLU A C   1 
ATOM   1518 O  O   . GLU A 1 191 ? 8.211   -5.002  -18.540 1.00 59.31  ? 339 GLU A O   1 
ATOM   1519 C  CB  . GLU A 1 191 ? 5.907   -5.827  -16.242 1.00 60.27  ? 339 GLU A CB  1 
ATOM   1520 C  CG  . GLU A 1 191 ? 4.810   -6.874  -16.039 1.00 62.78  ? 339 GLU A CG  1 
ATOM   1521 C  CD  . GLU A 1 191 ? 3.752   -6.457  -15.020 1.00 63.36  ? 339 GLU A CD  1 
ATOM   1522 O  OE1 . GLU A 1 191 ? 3.879   -5.368  -14.416 1.00 66.61  ? 339 GLU A OE1 1 
ATOM   1523 O  OE2 . GLU A 1 191 ? 2.788   -7.229  -14.825 1.00 62.52  ? 339 GLU A OE2 1 
ATOM   1524 N  N   . GLU A 1 192 ? 8.771   -4.641  -16.402 1.00 58.70  ? 340 GLU A N   1 
ATOM   1525 C  CA  . GLU A 1 192 ? 9.640   -3.502  -16.705 1.00 60.29  ? 340 GLU A CA  1 
ATOM   1526 C  C   . GLU A 1 192 ? 10.765  -3.880  -17.673 1.00 63.46  ? 340 GLU A C   1 
ATOM   1527 O  O   . GLU A 1 192 ? 11.325  -3.033  -18.373 1.00 56.09  ? 340 GLU A O   1 
ATOM   1528 C  CB  . GLU A 1 192 ? 10.222  -2.931  -15.405 1.00 65.53  ? 340 GLU A CB  1 
ATOM   1529 C  CG  . GLU A 1 192 ? 9.821   -1.486  -15.086 1.00 74.18  ? 340 GLU A CG  1 
ATOM   1530 C  CD  . GLU A 1 192 ? 8.314   -1.236  -15.153 1.00 78.34  ? 340 GLU A CD  1 
ATOM   1531 O  OE1 . GLU A 1 192 ? 7.542   -2.001  -14.520 1.00 64.76  ? 340 GLU A OE1 1 
ATOM   1532 O  OE2 . GLU A 1 192 ? 7.906   -0.267  -15.846 1.00 77.73  ? 340 GLU A OE2 1 
ATOM   1533 N  N   . VAL A 1 193 ? 11.071  -5.170  -17.727 1.00 64.85  ? 341 VAL A N   1 
ATOM   1534 C  CA  . VAL A 1 193 ? 12.231  -5.657  -18.452 1.00 57.07  ? 341 VAL A CA  1 
ATOM   1535 C  C   . VAL A 1 193 ? 11.800  -6.390  -19.728 1.00 57.09  ? 341 VAL A C   1 
ATOM   1536 O  O   . VAL A 1 193 ? 12.621  -6.740  -20.547 1.00 59.30  ? 341 VAL A O   1 
ATOM   1537 C  CB  . VAL A 1 193 ? 13.076  -6.554  -17.512 1.00 59.35  ? 341 VAL A CB  1 
ATOM   1538 C  CG1 . VAL A 1 193 ? 12.754  -8.027  -17.719 1.00 47.18  ? 341 VAL A CG1 1 
ATOM   1539 C  CG2 . VAL A 1 193 ? 14.552  -6.257  -17.654 1.00 58.09  ? 341 VAL A CG2 1 
ATOM   1540 N  N   . THR A 1 194 ? 10.498  -6.594  -19.913 1.00 61.51  ? 342 THR A N   1 
ATOM   1541 C  CA  . THR A 1 194 ? 9.998   -7.207  -21.144 1.00 64.86  ? 342 THR A CA  1 
ATOM   1542 C  C   . THR A 1 194 ? 9.114   -6.241  -21.951 1.00 70.89  ? 342 THR A C   1 
ATOM   1543 O  O   . THR A 1 194 ? 8.606   -6.600  -23.012 1.00 74.37  ? 342 THR A O   1 
ATOM   1544 C  CB  . THR A 1 194 ? 9.212   -8.514  -20.851 1.00 65.48  ? 342 THR A CB  1 
ATOM   1545 O  OG1 . THR A 1 194 ? 8.139   -8.238  -19.935 1.00 61.50  ? 342 THR A OG1 1 
ATOM   1546 C  CG2 . THR A 1 194 ? 10.129  -9.596  -20.250 1.00 55.78  ? 342 THR A CG2 1 
ATOM   1547 N  N   . VAL A 1 195 ? 8.961   -5.012  -21.458 1.00 71.80  ? 343 VAL A N   1 
ATOM   1548 C  CA  . VAL A 1 195 ? 7.982   -4.072  -22.014 1.00 75.83  ? 343 VAL A CA  1 
ATOM   1549 C  C   . VAL A 1 195 ? 8.452   -3.308  -23.257 1.00 79.09  ? 343 VAL A C   1 
ATOM   1550 O  O   . VAL A 1 195 ? 9.644   -3.266  -23.575 1.00 85.63  ? 343 VAL A O   1 
ATOM   1551 C  CB  . VAL A 1 195 ? 7.520   -3.050  -20.962 1.00 72.99  ? 343 VAL A CB  1 
ATOM   1552 C  CG1 . VAL A 1 195 ? 8.566   -1.939  -20.798 1.00 74.32  ? 343 VAL A CG1 1 
ATOM   1553 C  CG2 . VAL A 1 195 ? 6.174   -2.467  -21.358 1.00 77.05  ? 343 VAL A CG2 1 
HETATM 1554 CA CA  . CA  B 2 .   ? -4.464  -9.766  9.087   1.00 66.51  ? 401 CA  A CA  1 
HETATM 1555 O  O   . HOH C 3 .   ? -15.352 1.135   16.824  1.00 42.21  ? 501 HOH A O   1 
HETATM 1556 O  O   . HOH C 3 .   ? -11.571 6.731   6.028   1.00 45.64  ? 502 HOH A O   1 
HETATM 1557 O  O   . HOH C 3 .   ? 13.102  -4.842  -4.992  1.00 45.07  ? 503 HOH A O   1 
HETATM 1558 O  O   . HOH C 3 .   ? -7.587  -2.566  11.694  1.00 46.33  ? 504 HOH A O   1 
HETATM 1559 O  O   . HOH C 3 .   ? 10.526  -3.932  11.156  1.00 57.89  ? 505 HOH A O   1 
HETATM 1560 O  O   . HOH C 3 .   ? -21.892 -2.320  13.843  1.00 50.59  ? 506 HOH A O   1 
HETATM 1561 O  O   . HOH C 3 .   ? -16.582 0.170   19.476  1.00 53.29  ? 507 HOH A O   1 
HETATM 1562 O  O   . HOH C 3 .   ? 8.221   -14.925 -5.730  1.00 55.96  ? 508 HOH A O   1 
HETATM 1563 O  O   . HOH C 3 .   ? -4.526  -7.315  -5.549  1.00 51.16  ? 509 HOH A O   1 
HETATM 1564 O  O   . HOH C 3 .   ? 6.714   -12.804 -12.285 1.00 45.71  ? 510 HOH A O   1 
HETATM 1565 O  O   . HOH C 3 .   ? -20.398 0.829   20.073  1.00 47.81  ? 511 HOH A O   1 
HETATM 1566 O  O   . HOH C 3 .   ? -10.728 -2.632  18.752  1.00 50.04  ? 512 HOH A O   1 
HETATM 1567 O  O   . HOH C 3 .   ? -5.361  8.840   4.595   1.00 67.42  ? 513 HOH A O   1 
HETATM 1568 O  O   . HOH C 3 .   ? -24.349 6.708   15.517  1.00 54.06  ? 514 HOH A O   1 
HETATM 1569 O  O   . HOH C 3 .   ? 9.233   -14.136 2.569   1.00 48.40  ? 515 HOH A O   1 
HETATM 1570 O  O   . HOH C 3 .   ? -22.018 0.473   3.663   1.00 48.96  ? 516 HOH A O   1 
HETATM 1571 O  O   . HOH C 3 .   ? -8.388  8.756   3.517   1.00 54.71  ? 517 HOH A O   1 
HETATM 1572 O  O   . HOH C 3 .   ? -27.255 6.108   10.930  1.00 58.43  ? 518 HOH A O   1 
HETATM 1573 O  O   . HOH C 3 .   ? 20.842  12.665  -3.704  1.00 71.85  ? 519 HOH A O   1 
HETATM 1574 O  O   . HOH C 3 .   ? 13.565  0.403   -9.413  1.00 63.10  ? 520 HOH A O   1 
HETATM 1575 O  O   . HOH C 3 .   ? 7.609   11.150  -10.195 1.00 71.06  ? 521 HOH A O   1 
HETATM 1576 O  O   . HOH C 3 .   ? 7.444   -2.470  10.700  1.00 68.15  ? 522 HOH A O   1 
HETATM 1577 O  O   . HOH C 3 .   ? 9.997   -17.665 7.352   1.00 67.03  ? 523 HOH A O   1 
HETATM 1578 O  O   . HOH C 3 .   ? 4.411   3.992   9.048   1.00 66.64  ? 524 HOH A O   1 
HETATM 1579 O  O   . HOH C 3 .   ? -24.521 -10.714 5.539   1.00 84.14  ? 525 HOH A O   1 
HETATM 1580 O  O   . HOH C 3 .   ? -22.987 -3.463  3.452   1.00 70.27  ? 526 HOH A O   1 
HETATM 1581 O  O   . HOH C 3 .   ? -11.735 -7.724  -4.243  1.00 66.04  ? 527 HOH A O   1 
HETATM 1582 O  O   . HOH C 3 .   ? 16.588  -5.867  -2.919  1.00 62.16  ? 528 HOH A O   1 
HETATM 1583 O  O   . HOH C 3 .   ? -20.661 -4.482  16.882  1.00 60.89  ? 529 HOH A O   1 
HETATM 1584 O  O   . HOH C 3 .   ? 1.748   -0.949  -11.884 1.00 75.79  ? 530 HOH A O   1 
HETATM 1585 O  O   . HOH C 3 .   ? -28.895 0.286   4.333   1.00 78.22  ? 531 HOH A O   1 
HETATM 1586 O  O   . HOH C 3 .   ? -24.981 0.991   7.954   1.00 66.88  ? 532 HOH A O   1 
HETATM 1587 O  O   . HOH C 3 .   ? -12.676 -3.688  -10.516 1.00 64.30  ? 533 HOH A O   1 
HETATM 1588 O  O   . HOH C 3 .   ? 2.777   -16.182 -3.657  1.00 56.79  ? 534 HOH A O   1 
HETATM 1589 O  O   . HOH C 3 .   ? -5.059  -12.243 10.724  1.00 56.79  ? 535 HOH A O   1 
HETATM 1590 O  O   . HOH C 3 .   ? -13.729 -7.936  6.552   1.00 48.45  ? 536 HOH A O   1 
HETATM 1591 O  O   . HOH C 3 .   ? -1.811  -8.720  10.289  1.00 65.45  ? 537 HOH A O   1 
# 
